data_3ZEH
#
_entry.id   3ZEH
#
_cell.length_a   1.000
_cell.length_b   1.000
_cell.length_c   1.000
_cell.angle_alpha   90.00
_cell.angle_beta   90.00
_cell.angle_gamma   90.00
#
_symmetry.space_group_name_H-M   'P 1'
#
_entity_poly.entity_id   1
_entity_poly.type   'polypeptide(L)'
_entity_poly.pdbx_seq_one_letter_code
;GSHMAMARDFKPGDLIFAKMKGYPHWPARVDEVPDGAVKPPTNKLPIFFFGTHETAFLGPKDIFPYSENKEKYGKPNKRK
GFNEGLWEIDNNPKVKFSSQQAATK
;
_entity_poly.pdbx_strand_id   A
#
# COMPACT_ATOMS: atom_id res chain seq x y z
N MET A 6 -3.22 3.78 -10.93
CA MET A 6 -4.44 3.98 -11.73
C MET A 6 -4.77 5.45 -11.83
N ALA A 7 -5.88 5.75 -12.44
CA ALA A 7 -6.36 7.10 -12.51
C ALA A 7 -7.73 7.17 -11.88
N ARG A 8 -7.72 7.13 -10.58
CA ARG A 8 -8.90 7.26 -9.79
C ARG A 8 -8.49 7.97 -8.51
N ASP A 9 -9.37 8.07 -7.55
CA ASP A 9 -9.05 8.71 -6.29
C ASP A 9 -8.48 7.69 -5.34
N PHE A 10 -7.71 8.14 -4.41
CA PHE A 10 -7.15 7.29 -3.43
C PHE A 10 -7.33 7.92 -2.08
N LYS A 11 -8.05 7.23 -1.25
CA LYS A 11 -8.47 7.71 0.04
C LYS A 11 -7.49 7.24 1.08
N PRO A 12 -7.24 8.00 2.14
CA PRO A 12 -6.46 7.50 3.25
C PRO A 12 -7.23 6.33 3.86
N GLY A 13 -6.66 5.17 3.78
CA GLY A 13 -7.33 3.99 4.22
C GLY A 13 -7.71 3.08 3.06
N ASP A 14 -7.54 3.56 1.82
CA ASP A 14 -7.91 2.78 0.62
C ASP A 14 -6.90 1.66 0.43
N LEU A 15 -7.32 0.62 -0.23
CA LEU A 15 -6.52 -0.58 -0.36
C LEU A 15 -5.88 -0.64 -1.71
N ILE A 16 -4.57 -0.72 -1.75
CA ILE A 16 -3.88 -0.69 -3.01
C ILE A 16 -2.71 -1.67 -3.08
N PHE A 17 -2.10 -1.67 -4.21
CA PHE A 17 -0.87 -2.32 -4.47
C PHE A 17 0.12 -1.26 -4.77
N ALA A 18 1.20 -1.32 -4.11
CA ALA A 18 2.21 -0.33 -4.20
C ALA A 18 3.39 -0.90 -4.92
N LYS A 19 3.78 -0.24 -5.94
CA LYS A 19 4.85 -0.65 -6.75
C LYS A 19 6.08 0.21 -6.50
N MET A 20 7.17 -0.44 -6.14
CA MET A 20 8.46 0.21 -5.92
C MET A 20 9.48 -0.40 -6.86
N LYS A 21 10.54 0.34 -7.12
CA LYS A 21 11.58 -0.15 -8.00
C LYS A 21 12.32 -1.33 -7.35
N GLY A 22 12.24 -2.49 -7.99
CA GLY A 22 12.90 -3.67 -7.46
C GLY A 22 11.94 -4.57 -6.72
N TYR A 23 10.74 -4.10 -6.57
CA TYR A 23 9.72 -4.82 -5.88
C TYR A 23 8.52 -4.98 -6.78
N PRO A 24 7.79 -6.08 -6.65
CA PRO A 24 6.55 -6.27 -7.37
C PRO A 24 5.47 -5.41 -6.75
N HIS A 25 4.32 -5.32 -7.41
CA HIS A 25 3.19 -4.59 -6.84
C HIS A 25 2.83 -5.26 -5.49
N TRP A 26 3.08 -4.56 -4.42
CA TRP A 26 2.99 -5.09 -3.07
C TRP A 26 1.69 -4.61 -2.43
N PRO A 27 0.98 -5.47 -1.71
CA PRO A 27 -0.26 -5.07 -1.03
C PRO A 27 0.03 -4.01 0.04
N ALA A 28 -0.54 -2.85 -0.12
CA ALA A 28 -0.29 -1.78 0.77
C ALA A 28 -1.55 -0.94 0.95
N ARG A 29 -1.55 -0.10 1.92
CA ARG A 29 -2.67 0.74 2.18
C ARG A 29 -2.26 2.16 1.95
N VAL A 30 -3.15 2.98 1.46
CA VAL A 30 -2.88 4.40 1.45
C VAL A 30 -3.02 4.82 2.89
N ASP A 31 -1.97 5.28 3.46
CA ASP A 31 -1.92 5.51 4.88
C ASP A 31 -2.31 6.96 5.18
N GLU A 32 -2.29 7.34 6.43
CA GLU A 32 -2.61 8.69 6.78
C GLU A 32 -1.34 9.46 7.01
N VAL A 33 -1.44 10.77 7.15
CA VAL A 33 -0.26 11.58 7.31
C VAL A 33 0.40 11.29 8.64
N PRO A 34 1.65 10.85 8.60
CA PRO A 34 2.37 10.52 9.77
C PRO A 34 2.82 11.75 10.54
N ASP A 35 2.96 11.60 11.83
CA ASP A 35 3.40 12.66 12.68
C ASP A 35 4.86 12.98 12.38
N GLY A 36 5.13 14.23 12.16
CA GLY A 36 6.46 14.65 11.83
C GLY A 36 6.59 14.97 10.35
N ALA A 37 5.65 14.47 9.55
CA ALA A 37 5.68 14.73 8.14
C ALA A 37 5.15 16.12 7.84
N VAL A 38 6.05 17.05 7.74
CA VAL A 38 5.72 18.45 7.42
C VAL A 38 5.72 18.68 5.91
N LYS A 39 5.88 17.61 5.18
CA LYS A 39 5.92 17.66 3.75
C LYS A 39 4.52 17.70 3.12
N PRO A 40 4.27 18.67 2.23
CA PRO A 40 3.01 18.73 1.48
C PRO A 40 2.95 17.61 0.43
N PRO A 41 1.78 17.40 -0.22
CA PRO A 41 1.62 16.40 -1.25
C PRO A 41 2.69 16.56 -2.33
N THR A 42 3.35 15.49 -2.60
CA THR A 42 4.49 15.46 -3.50
C THR A 42 4.07 14.81 -4.83
N ASN A 43 2.75 14.60 -4.94
CA ASN A 43 2.08 13.81 -6.01
C ASN A 43 2.24 12.35 -5.69
N LYS A 44 2.74 12.13 -4.50
CA LYS A 44 2.89 10.86 -3.90
C LYS A 44 2.06 10.86 -2.65
N LEU A 45 1.60 9.73 -2.33
CA LEU A 45 0.73 9.49 -1.20
C LEU A 45 1.47 8.64 -0.18
N PRO A 46 1.13 8.73 1.10
CA PRO A 46 1.71 7.87 2.12
C PRO A 46 1.21 6.44 1.93
N ILE A 47 2.11 5.52 1.78
CA ILE A 47 1.76 4.15 1.52
C ILE A 47 2.33 3.25 2.60
N PHE A 48 1.46 2.53 3.23
CA PHE A 48 1.81 1.60 4.28
C PHE A 48 1.89 0.21 3.71
N PHE A 49 3.07 -0.36 3.72
CA PHE A 49 3.25 -1.72 3.24
C PHE A 49 2.84 -2.76 4.27
N PHE A 50 2.04 -3.70 3.84
CA PHE A 50 1.61 -4.77 4.70
C PHE A 50 2.66 -5.85 4.76
N GLY A 51 2.65 -6.60 5.85
CA GLY A 51 3.58 -7.69 6.11
C GLY A 51 4.98 -7.25 6.47
N THR A 52 5.36 -6.04 6.13
CA THR A 52 6.63 -5.52 6.58
C THR A 52 6.39 -4.31 7.48
N HIS A 53 5.21 -3.71 7.32
CA HIS A 53 4.75 -2.57 8.11
C HIS A 53 5.55 -1.30 7.85
N GLU A 54 6.16 -1.25 6.68
CA GLU A 54 6.94 -0.12 6.24
C GLU A 54 6.03 0.97 5.72
N THR A 55 6.58 2.10 5.43
CA THR A 55 5.81 3.18 4.88
C THR A 55 6.65 3.89 3.81
N ALA A 56 6.02 4.21 2.74
CA ALA A 56 6.65 4.83 1.59
C ALA A 56 5.77 5.90 1.00
N PHE A 57 6.23 6.53 -0.07
CA PHE A 57 5.46 7.52 -0.77
C PHE A 57 5.44 7.21 -2.25
N LEU A 58 4.29 6.81 -2.72
CA LEU A 58 4.11 6.46 -4.11
C LEU A 58 2.91 7.22 -4.64
N GLY A 59 2.89 7.46 -5.93
CA GLY A 59 1.83 8.27 -6.48
C GLY A 59 0.64 7.47 -6.86
N PRO A 60 -0.48 8.12 -7.24
CA PRO A 60 -1.72 7.43 -7.61
C PRO A 60 -1.53 6.54 -8.84
N LYS A 61 -0.48 6.79 -9.57
CA LYS A 61 -0.17 6.03 -10.74
C LYS A 61 0.76 4.87 -10.40
N ASP A 62 1.44 4.97 -9.27
CA ASP A 62 2.36 3.92 -8.81
C ASP A 62 1.59 2.84 -8.13
N ILE A 63 0.41 3.21 -7.70
CA ILE A 63 -0.44 2.34 -6.95
C ILE A 63 -1.65 1.92 -7.76
N PHE A 64 -2.14 0.76 -7.45
CA PHE A 64 -3.27 0.20 -8.11
C PHE A 64 -4.17 -0.37 -7.04
N PRO A 65 -5.46 -0.18 -7.14
CA PRO A 65 -6.41 -0.62 -6.09
C PRO A 65 -6.49 -2.14 -5.93
N TYR A 66 -6.31 -2.57 -4.69
CA TYR A 66 -6.25 -3.97 -4.33
C TYR A 66 -7.51 -4.72 -4.74
N SER A 67 -8.61 -4.05 -4.71
CA SER A 67 -9.88 -4.61 -5.06
C SER A 67 -9.93 -5.07 -6.53
N GLU A 68 -9.68 -4.16 -7.46
CA GLU A 68 -9.75 -4.45 -8.88
C GLU A 68 -8.63 -5.38 -9.31
N ASN A 69 -7.49 -5.22 -8.70
CA ASN A 69 -6.33 -6.01 -9.11
C ASN A 69 -5.89 -7.06 -8.13
N LYS A 70 -6.82 -7.49 -7.30
CA LYS A 70 -6.61 -8.65 -6.39
C LYS A 70 -6.38 -9.92 -7.23
N GLU A 71 -6.93 -9.92 -8.43
CA GLU A 71 -6.73 -11.02 -9.32
C GLU A 71 -5.36 -10.97 -9.95
N LYS A 72 -4.92 -9.75 -10.23
CA LYS A 72 -3.69 -9.52 -10.94
C LYS A 72 -2.50 -9.71 -10.05
N TYR A 73 -2.46 -8.93 -9.00
CA TYR A 73 -1.27 -8.83 -8.18
C TYR A 73 -1.47 -9.55 -6.87
N GLY A 74 -2.67 -10.05 -6.68
CA GLY A 74 -2.99 -10.82 -5.51
C GLY A 74 -2.49 -12.24 -5.68
N LYS A 75 -1.20 -12.39 -5.86
CA LYS A 75 -0.57 -13.68 -6.05
C LYS A 75 0.65 -13.84 -5.16
N PRO A 76 0.77 -15.00 -4.49
CA PRO A 76 1.90 -15.33 -3.61
C PRO A 76 3.26 -15.05 -4.23
N ASN A 77 4.06 -14.39 -3.48
CA ASN A 77 5.30 -13.95 -3.96
C ASN A 77 6.41 -14.63 -3.26
N LYS A 78 7.61 -14.27 -3.61
CA LYS A 78 8.80 -14.85 -3.07
C LYS A 78 9.48 -13.79 -2.20
N ARG A 79 8.75 -12.73 -1.97
CA ARG A 79 9.18 -11.69 -1.08
C ARG A 79 8.53 -11.93 0.29
N LYS A 80 9.32 -11.92 1.35
CA LYS A 80 8.76 -12.03 2.68
C LYS A 80 8.01 -10.75 3.01
N GLY A 81 6.91 -10.87 3.73
CA GLY A 81 6.09 -9.75 4.05
C GLY A 81 5.00 -9.54 3.03
N PHE A 82 5.23 -9.99 1.82
CA PHE A 82 4.29 -9.83 0.74
C PHE A 82 3.08 -10.70 1.00
N ASN A 83 3.36 -11.95 1.21
CA ASN A 83 2.32 -12.97 1.40
C ASN A 83 1.62 -12.79 2.71
N GLU A 84 2.37 -12.32 3.66
CA GLU A 84 1.88 -12.04 4.99
C GLU A 84 0.99 -10.80 4.92
N GLY A 85 1.42 -9.85 4.08
CA GLY A 85 0.67 -8.65 3.86
C GLY A 85 -0.59 -8.90 3.08
N LEU A 86 -0.56 -9.90 2.18
CA LEU A 86 -1.75 -10.32 1.41
C LEU A 86 -2.87 -10.68 2.37
N TRP A 87 -2.49 -11.24 3.50
CA TRP A 87 -3.43 -11.60 4.51
C TRP A 87 -3.90 -10.35 5.27
N GLU A 88 -2.93 -9.55 5.74
CA GLU A 88 -3.24 -8.35 6.51
C GLU A 88 -4.18 -7.43 5.78
N ILE A 89 -3.90 -7.14 4.54
CA ILE A 89 -4.70 -6.19 3.79
C ILE A 89 -6.13 -6.69 3.54
N ASP A 90 -6.30 -8.00 3.52
CA ASP A 90 -7.58 -8.58 3.17
C ASP A 90 -8.40 -8.85 4.42
N ASN A 91 -7.73 -8.99 5.56
CA ASN A 91 -8.42 -9.28 6.83
C ASN A 91 -8.44 -8.07 7.73
N ASN A 92 -7.28 -7.55 8.05
CA ASN A 92 -7.23 -6.40 8.94
C ASN A 92 -6.39 -5.29 8.31
N PRO A 93 -6.94 -4.56 7.32
CA PRO A 93 -6.19 -3.52 6.57
C PRO A 93 -5.86 -2.28 7.39
N LYS A 94 -6.38 -2.22 8.59
CA LYS A 94 -6.19 -1.09 9.47
C LYS A 94 -5.17 -1.44 10.55
N VAL A 95 -4.37 -2.45 10.28
CA VAL A 95 -3.40 -2.94 11.24
C VAL A 95 -2.15 -2.06 11.32
N LYS A 96 -1.93 -1.54 12.49
CA LYS A 96 -0.75 -0.83 12.83
C LYS A 96 -0.64 -0.76 14.31
N PHE A 97 0.46 -0.29 14.80
CA PHE A 97 0.68 -0.19 16.21
C PHE A 97 0.16 1.16 16.72
N SER A 98 0.39 1.44 17.98
CA SER A 98 -0.03 2.66 18.58
C SER A 98 0.78 3.83 18.01
N MET A 6 -12.13 0.15 -10.78
CA MET A 6 -12.92 1.36 -11.05
C MET A 6 -12.00 2.47 -11.42
N ALA A 7 -12.55 3.54 -11.92
CA ALA A 7 -11.77 4.70 -12.30
C ALA A 7 -11.77 5.64 -11.14
N ARG A 8 -11.10 5.24 -10.13
CA ARG A 8 -10.98 5.98 -8.90
C ARG A 8 -9.53 6.25 -8.62
N ASP A 9 -9.29 7.22 -7.78
CA ASP A 9 -7.96 7.52 -7.34
C ASP A 9 -7.93 7.24 -5.84
N PHE A 10 -6.89 7.60 -5.18
CA PHE A 10 -6.67 7.10 -3.87
C PHE A 10 -6.86 8.07 -2.73
N LYS A 11 -7.36 7.53 -1.65
CA LYS A 11 -7.64 8.21 -0.43
C LYS A 11 -6.83 7.51 0.65
N PRO A 12 -6.40 8.23 1.70
CA PRO A 12 -5.74 7.60 2.84
C PRO A 12 -6.66 6.56 3.48
N GLY A 13 -6.15 5.38 3.71
CA GLY A 13 -6.93 4.34 4.29
C GLY A 13 -7.36 3.29 3.29
N ASP A 14 -7.27 3.61 1.99
CA ASP A 14 -7.74 2.69 0.94
C ASP A 14 -6.70 1.59 0.69
N LEU A 15 -7.13 0.52 0.06
CA LEU A 15 -6.31 -0.66 -0.12
C LEU A 15 -5.73 -0.69 -1.49
N ILE A 16 -4.42 -0.75 -1.57
CA ILE A 16 -3.76 -0.66 -2.84
C ILE A 16 -2.61 -1.63 -3.02
N PHE A 17 -2.03 -1.55 -4.15
CA PHE A 17 -0.81 -2.21 -4.48
C PHE A 17 0.23 -1.18 -4.68
N ALA A 18 1.31 -1.36 -4.05
CA ALA A 18 2.37 -0.44 -4.09
C ALA A 18 3.47 -1.01 -4.90
N LYS A 19 3.77 -0.35 -5.95
CA LYS A 19 4.74 -0.78 -6.86
C LYS A 19 6.01 0.06 -6.71
N MET A 20 7.11 -0.63 -6.44
CA MET A 20 8.42 -0.02 -6.31
C MET A 20 9.34 -0.57 -7.36
N LYS A 21 10.39 0.16 -7.66
CA LYS A 21 11.35 -0.25 -8.67
C LYS A 21 12.10 -1.51 -8.22
N GLY A 22 11.91 -2.60 -8.96
CA GLY A 22 12.58 -3.85 -8.64
C GLY A 22 11.69 -4.76 -7.81
N TYR A 23 10.53 -4.26 -7.48
CA TYR A 23 9.58 -4.97 -6.69
C TYR A 23 8.29 -5.15 -7.46
N PRO A 24 7.55 -6.22 -7.20
CA PRO A 24 6.25 -6.41 -7.79
C PRO A 24 5.24 -5.53 -7.09
N HIS A 25 4.04 -5.46 -7.63
CA HIS A 25 2.98 -4.72 -6.99
C HIS A 25 2.69 -5.39 -5.63
N TRP A 26 3.02 -4.70 -4.57
CA TRP A 26 2.97 -5.24 -3.23
C TRP A 26 1.70 -4.77 -2.54
N PRO A 27 0.99 -5.62 -1.81
CA PRO A 27 -0.21 -5.22 -1.10
C PRO A 27 0.13 -4.22 0.02
N ALA A 28 -0.40 -3.02 -0.08
CA ALA A 28 -0.12 -1.98 0.84
C ALA A 28 -1.35 -1.11 1.01
N ARG A 29 -1.35 -0.28 1.99
CA ARG A 29 -2.45 0.60 2.23
C ARG A 29 -1.97 2.01 2.07
N VAL A 30 -2.82 2.89 1.61
CA VAL A 30 -2.47 4.29 1.60
C VAL A 30 -2.57 4.73 3.05
N ASP A 31 -1.52 5.26 3.57
CA ASP A 31 -1.47 5.57 4.99
C ASP A 31 -2.03 6.97 5.22
N GLU A 32 -2.25 7.34 6.45
CA GLU A 32 -2.82 8.62 6.74
C GLU A 32 -1.85 9.52 7.46
N VAL A 33 -1.76 10.73 6.97
CA VAL A 33 -0.86 11.70 7.54
C VAL A 33 -1.54 12.46 8.69
N PRO A 34 -0.92 12.45 9.88
CA PRO A 34 -1.46 13.13 11.04
C PRO A 34 -1.26 14.63 10.98
N ASP A 35 -2.08 15.35 11.72
CA ASP A 35 -1.89 16.78 11.83
C ASP A 35 -0.64 17.05 12.63
N GLY A 36 0.01 18.12 12.33
CA GLY A 36 1.26 18.42 12.93
C GLY A 36 2.36 17.98 12.00
N ALA A 37 2.03 17.03 11.14
CA ALA A 37 2.95 16.55 10.13
C ALA A 37 2.74 17.30 8.84
N VAL A 38 2.50 18.58 9.01
CA VAL A 38 2.18 19.53 7.95
C VAL A 38 3.39 19.91 7.07
N LYS A 39 4.47 19.23 7.27
CA LYS A 39 5.65 19.42 6.47
C LYS A 39 5.40 18.84 5.08
N PRO A 40 5.91 19.49 4.03
CA PRO A 40 5.67 19.04 2.66
C PRO A 40 6.17 17.61 2.40
N PRO A 41 5.34 16.79 1.75
CA PRO A 41 5.67 15.43 1.42
C PRO A 41 6.41 15.33 0.09
N THR A 42 6.89 14.14 -0.20
CA THR A 42 7.61 13.76 -1.41
C THR A 42 6.79 13.98 -2.74
N ASN A 43 5.61 14.63 -2.65
CA ASN A 43 4.72 14.85 -3.82
C ASN A 43 3.99 13.53 -4.18
N LYS A 44 4.15 12.58 -3.29
CA LYS A 44 3.56 11.30 -3.45
C LYS A 44 2.76 10.93 -2.20
N LEU A 45 2.01 9.86 -2.29
CA LEU A 45 1.13 9.42 -1.21
C LEU A 45 1.91 8.54 -0.25
N PRO A 46 1.60 8.62 1.06
CA PRO A 46 2.22 7.76 2.05
C PRO A 46 1.67 6.34 1.93
N ILE A 47 2.53 5.39 1.76
CA ILE A 47 2.14 4.02 1.55
C ILE A 47 2.68 3.15 2.65
N PHE A 48 1.81 2.42 3.28
CA PHE A 48 2.17 1.50 4.33
C PHE A 48 2.18 0.11 3.75
N PHE A 49 3.33 -0.49 3.71
CA PHE A 49 3.45 -1.86 3.19
C PHE A 49 3.09 -2.89 4.24
N PHE A 50 2.26 -3.81 3.87
CA PHE A 50 1.90 -4.88 4.77
C PHE A 50 2.95 -5.98 4.68
N GLY A 51 3.05 -6.76 5.72
CA GLY A 51 4.00 -7.86 5.82
C GLY A 51 5.42 -7.42 6.08
N THR A 52 5.72 -6.19 5.80
CA THR A 52 7.02 -5.65 6.11
C THR A 52 6.88 -4.49 7.09
N HIS A 53 5.68 -3.86 7.09
CA HIS A 53 5.36 -2.72 7.96
C HIS A 53 6.27 -1.53 7.66
N GLU A 54 6.70 -1.49 6.42
CA GLU A 54 7.50 -0.42 5.89
C GLU A 54 6.59 0.66 5.42
N THR A 55 7.12 1.81 5.31
CA THR A 55 6.35 2.93 4.83
C THR A 55 7.12 3.60 3.72
N ALA A 56 6.43 3.94 2.69
CA ALA A 56 7.02 4.52 1.50
C ALA A 56 6.15 5.62 0.96
N PHE A 57 6.59 6.22 -0.13
CA PHE A 57 5.86 7.26 -0.81
C PHE A 57 5.82 6.95 -2.28
N LEU A 58 4.66 6.63 -2.74
CA LEU A 58 4.43 6.32 -4.12
C LEU A 58 3.33 7.19 -4.63
N GLY A 59 3.35 7.48 -5.91
CA GLY A 59 2.39 8.36 -6.45
C GLY A 59 1.07 7.67 -6.60
N PRO A 60 -0.01 8.41 -6.75
CA PRO A 60 -1.34 7.83 -6.92
C PRO A 60 -1.41 6.99 -8.19
N LYS A 61 -0.51 7.22 -9.09
CA LYS A 61 -0.46 6.46 -10.31
C LYS A 61 0.60 5.36 -10.25
N ASP A 62 1.30 5.28 -9.11
CA ASP A 62 2.29 4.21 -8.86
C ASP A 62 1.61 3.06 -8.22
N ILE A 63 0.48 3.36 -7.64
CA ILE A 63 -0.30 2.42 -6.90
C ILE A 63 -1.58 2.10 -7.65
N PHE A 64 -2.13 0.96 -7.33
CA PHE A 64 -3.33 0.48 -7.99
C PHE A 64 -4.23 -0.14 -6.96
N PRO A 65 -5.55 -0.05 -7.12
CA PRO A 65 -6.51 -0.54 -6.12
C PRO A 65 -6.44 -2.05 -5.92
N TYR A 66 -6.35 -2.45 -4.66
CA TYR A 66 -6.21 -3.86 -4.28
C TYR A 66 -7.41 -4.66 -4.72
N SER A 67 -8.57 -4.08 -4.66
CA SER A 67 -9.80 -4.81 -4.96
C SER A 67 -9.81 -5.26 -6.44
N GLU A 68 -9.62 -4.31 -7.32
CA GLU A 68 -9.65 -4.55 -8.75
C GLU A 68 -8.44 -5.35 -9.22
N ASN A 69 -7.37 -5.24 -8.50
CA ASN A 69 -6.16 -5.88 -8.90
C ASN A 69 -5.86 -7.11 -8.05
N LYS A 70 -6.84 -7.56 -7.27
CA LYS A 70 -6.66 -8.75 -6.39
C LYS A 70 -6.39 -10.01 -7.22
N GLU A 71 -7.05 -10.13 -8.34
CA GLU A 71 -6.83 -11.25 -9.26
C GLU A 71 -5.51 -11.15 -9.95
N LYS A 72 -5.05 -9.97 -10.03
CA LYS A 72 -3.84 -9.69 -10.72
C LYS A 72 -2.63 -9.88 -9.83
N TYR A 73 -2.59 -9.17 -8.73
CA TYR A 73 -1.42 -9.15 -7.87
C TYR A 73 -1.75 -9.54 -6.44
N GLY A 74 -2.99 -9.82 -6.18
CA GLY A 74 -3.43 -10.10 -4.82
C GLY A 74 -3.42 -11.56 -4.51
N LYS A 75 -2.50 -12.26 -5.12
CA LYS A 75 -2.34 -13.67 -4.91
C LYS A 75 -0.88 -13.99 -4.61
N PRO A 76 -0.62 -15.10 -3.88
CA PRO A 76 0.71 -15.48 -3.38
C PRO A 76 1.89 -15.32 -4.32
N ASN A 77 2.97 -14.95 -3.73
CA ASN A 77 4.22 -14.86 -4.41
C ASN A 77 5.22 -15.46 -3.46
N LYS A 78 6.48 -15.28 -3.69
CA LYS A 78 7.42 -15.74 -2.74
C LYS A 78 8.21 -14.65 -2.11
N ARG A 79 7.92 -13.41 -2.47
CA ARG A 79 8.57 -12.27 -1.83
C ARG A 79 8.23 -12.28 -0.33
N LYS A 80 9.25 -12.19 0.50
CA LYS A 80 9.08 -12.17 1.94
C LYS A 80 8.39 -10.87 2.34
N GLY A 81 7.27 -10.98 3.00
CA GLY A 81 6.52 -9.83 3.38
C GLY A 81 5.30 -9.72 2.52
N PHE A 82 5.37 -10.28 1.33
CA PHE A 82 4.28 -10.25 0.40
C PHE A 82 3.25 -11.25 0.84
N ASN A 83 3.71 -12.44 1.21
CA ASN A 83 2.85 -13.51 1.70
C ASN A 83 2.13 -13.08 2.95
N GLU A 84 2.88 -12.57 3.88
CA GLU A 84 2.37 -12.14 5.16
C GLU A 84 1.48 -10.90 4.97
N GLY A 85 1.90 -10.01 4.11
CA GLY A 85 1.19 -8.78 3.89
C GLY A 85 -0.09 -8.97 3.14
N LEU A 86 -0.11 -9.97 2.28
CA LEU A 86 -1.27 -10.32 1.53
C LEU A 86 -2.37 -10.74 2.49
N TRP A 87 -1.96 -11.40 3.56
CA TRP A 87 -2.86 -11.81 4.58
C TRP A 87 -3.37 -10.59 5.35
N GLU A 88 -2.44 -9.73 5.78
CA GLU A 88 -2.78 -8.54 6.53
C GLU A 88 -3.80 -7.68 5.83
N ILE A 89 -3.55 -7.36 4.59
CA ILE A 89 -4.41 -6.45 3.85
C ILE A 89 -5.80 -7.08 3.56
N ASP A 90 -5.87 -8.39 3.55
CA ASP A 90 -7.10 -9.07 3.20
C ASP A 90 -7.91 -9.41 4.45
N ASN A 91 -7.23 -9.46 5.61
CA ASN A 91 -7.91 -9.81 6.88
C ASN A 91 -8.00 -8.61 7.81
N ASN A 92 -6.87 -8.02 8.11
CA ASN A 92 -6.87 -6.86 9.01
C ASN A 92 -6.16 -5.68 8.35
N PRO A 93 -6.78 -5.06 7.32
CA PRO A 93 -6.13 -4.00 6.53
C PRO A 93 -6.01 -2.68 7.29
N LYS A 94 -6.61 -2.63 8.45
CA LYS A 94 -6.62 -1.44 9.26
C LYS A 94 -5.48 -1.49 10.28
N VAL A 95 -4.55 -2.41 10.07
CA VAL A 95 -3.44 -2.54 10.97
C VAL A 95 -2.30 -1.59 10.57
N LYS A 96 -1.66 -1.02 11.56
CA LYS A 96 -0.49 -0.17 11.36
C LYS A 96 0.62 -0.69 12.24
N PHE A 97 0.45 -0.49 13.51
CA PHE A 97 1.42 -0.90 14.47
C PHE A 97 1.06 -2.23 15.08
N SER A 98 1.90 -3.16 14.81
CA SER A 98 1.88 -4.48 15.35
C SER A 98 3.27 -5.01 15.10
N MET A 6 -13.93 7.13 -5.71
CA MET A 6 -13.92 5.96 -6.62
C MET A 6 -12.65 5.19 -6.37
N ALA A 7 -12.29 4.33 -7.30
CA ALA A 7 -11.03 3.57 -7.20
C ALA A 7 -9.94 4.20 -8.07
N ARG A 8 -10.33 5.22 -8.83
CA ARG A 8 -9.40 5.95 -9.72
C ARG A 8 -8.68 7.01 -8.93
N ASP A 9 -9.28 7.30 -7.86
CA ASP A 9 -8.82 8.25 -6.91
C ASP A 9 -8.37 7.55 -5.68
N PHE A 10 -7.22 7.91 -5.21
CA PHE A 10 -6.63 7.23 -4.12
C PHE A 10 -6.63 8.13 -2.93
N LYS A 11 -7.19 7.64 -1.88
CA LYS A 11 -7.35 8.37 -0.68
C LYS A 11 -6.95 7.53 0.52
N PRO A 12 -6.53 8.18 1.63
CA PRO A 12 -6.13 7.48 2.87
C PRO A 12 -7.16 6.44 3.29
N GLY A 13 -6.70 5.23 3.43
CA GLY A 13 -7.56 4.17 3.84
C GLY A 13 -7.77 3.16 2.75
N ASP A 14 -7.47 3.53 1.50
CA ASP A 14 -7.69 2.65 0.35
C ASP A 14 -6.62 1.56 0.32
N LEU A 15 -6.94 0.48 -0.32
CA LEU A 15 -6.11 -0.68 -0.35
C LEU A 15 -5.49 -0.80 -1.71
N ILE A 16 -4.19 -0.78 -1.77
CA ILE A 16 -3.53 -0.77 -3.04
C ILE A 16 -2.33 -1.71 -3.11
N PHE A 17 -1.74 -1.69 -4.24
CA PHE A 17 -0.51 -2.33 -4.48
C PHE A 17 0.48 -1.26 -4.75
N ALA A 18 1.56 -1.35 -4.10
CA ALA A 18 2.56 -0.37 -4.13
C ALA A 18 3.71 -0.89 -4.91
N LYS A 19 3.95 -0.25 -5.98
CA LYS A 19 4.98 -0.61 -6.86
C LYS A 19 6.04 0.47 -6.84
N MET A 20 7.22 0.08 -6.47
CA MET A 20 8.35 0.96 -6.41
C MET A 20 9.26 0.67 -7.58
N LYS A 21 10.09 1.61 -7.95
CA LYS A 21 10.97 1.41 -9.09
C LYS A 21 11.98 0.30 -8.78
N GLY A 22 11.90 -0.78 -9.53
CA GLY A 22 12.80 -1.90 -9.32
C GLY A 22 12.17 -2.97 -8.46
N TYR A 23 10.97 -2.71 -7.99
CA TYR A 23 10.27 -3.63 -7.13
C TYR A 23 8.90 -3.97 -7.71
N PRO A 24 8.41 -5.19 -7.46
CA PRO A 24 7.10 -5.62 -7.90
C PRO A 24 5.98 -4.94 -7.11
N HIS A 25 4.76 -5.11 -7.57
CA HIS A 25 3.60 -4.57 -6.90
C HIS A 25 3.41 -5.28 -5.55
N TRP A 26 3.60 -4.58 -4.46
CA TRP A 26 3.52 -5.15 -3.13
C TRP A 26 2.26 -4.62 -2.43
N PRO A 27 1.48 -5.46 -1.75
CA PRO A 27 0.24 -5.03 -1.07
C PRO A 27 0.49 -3.98 0.03
N ALA A 28 -0.11 -2.81 -0.12
CA ALA A 28 0.09 -1.74 0.79
C ALA A 28 -1.17 -0.88 0.90
N ARG A 29 -1.23 -0.04 1.90
CA ARG A 29 -2.38 0.83 2.07
C ARG A 29 -1.97 2.24 1.77
N VAL A 30 -2.87 3.01 1.18
CA VAL A 30 -2.67 4.43 1.12
C VAL A 30 -2.95 4.85 2.52
N ASP A 31 -1.94 5.20 3.22
CA ASP A 31 -2.08 5.38 4.61
C ASP A 31 -2.50 6.79 4.96
N GLU A 32 -2.61 7.04 6.23
CA GLU A 32 -3.13 8.28 6.71
C GLU A 32 -2.02 9.17 7.22
N VAL A 33 -2.24 10.46 7.16
CA VAL A 33 -1.27 11.43 7.62
C VAL A 33 -1.55 11.73 9.07
N PRO A 34 -0.59 11.50 9.93
CA PRO A 34 -0.76 11.70 11.34
C PRO A 34 -0.68 13.16 11.77
N ASP A 35 -1.48 13.52 12.75
CA ASP A 35 -1.46 14.82 13.38
C ASP A 35 -0.06 15.09 13.87
N GLY A 36 0.45 16.25 13.55
CA GLY A 36 1.79 16.58 13.91
C GLY A 36 2.67 16.63 12.71
N ALA A 37 2.31 15.86 11.68
CA ALA A 37 3.05 15.91 10.44
C ALA A 37 2.64 17.13 9.64
N VAL A 38 3.24 18.25 10.02
CA VAL A 38 3.00 19.53 9.38
C VAL A 38 4.07 19.81 8.34
N LYS A 39 4.93 18.84 8.15
CA LYS A 39 5.97 18.92 7.19
C LYS A 39 5.40 18.49 5.85
N PRO A 40 5.61 19.30 4.79
CA PRO A 40 5.07 19.00 3.48
C PRO A 40 5.66 17.70 2.88
N PRO A 41 4.80 16.87 2.31
CA PRO A 41 5.21 15.62 1.72
C PRO A 41 5.82 15.81 0.34
N THR A 42 6.36 14.75 -0.19
CA THR A 42 7.02 14.70 -1.48
C THR A 42 5.98 14.84 -2.65
N ASN A 43 4.73 15.15 -2.29
CA ASN A 43 3.58 15.29 -3.22
C ASN A 43 3.09 13.93 -3.66
N LYS A 44 3.55 12.93 -2.95
CA LYS A 44 3.14 11.59 -3.21
C LYS A 44 2.33 11.11 -2.02
N LEU A 45 1.65 10.01 -2.18
CA LEU A 45 0.77 9.49 -1.14
C LEU A 45 1.58 8.63 -0.17
N PRO A 46 1.23 8.66 1.13
CA PRO A 46 1.87 7.82 2.13
C PRO A 46 1.44 6.37 1.93
N ILE A 47 2.38 5.49 1.76
CA ILE A 47 2.07 4.11 1.48
C ILE A 47 2.67 3.22 2.56
N PHE A 48 1.86 2.44 3.19
CA PHE A 48 2.31 1.52 4.22
C PHE A 48 2.31 0.11 3.69
N PHE A 49 3.48 -0.47 3.58
CA PHE A 49 3.61 -1.85 3.08
C PHE A 49 3.17 -2.87 4.12
N PHE A 50 2.37 -3.81 3.71
CA PHE A 50 1.93 -4.85 4.60
C PHE A 50 2.88 -6.01 4.54
N GLY A 51 2.87 -6.81 5.58
CA GLY A 51 3.72 -7.98 5.70
C GLY A 51 5.15 -7.64 6.03
N THR A 52 5.55 -6.42 5.79
CA THR A 52 6.87 -5.98 6.16
C THR A 52 6.76 -4.82 7.14
N HIS A 53 5.60 -4.13 7.11
CA HIS A 53 5.30 -2.98 7.97
C HIS A 53 6.19 -1.77 7.66
N GLU A 54 6.66 -1.73 6.42
CA GLU A 54 7.48 -0.64 5.93
C GLU A 54 6.59 0.51 5.46
N THR A 55 7.18 1.59 5.03
CA THR A 55 6.42 2.71 4.54
C THR A 55 7.18 3.35 3.37
N ALA A 56 6.44 3.87 2.43
CA ALA A 56 6.98 4.50 1.25
C ALA A 56 6.07 5.63 0.82
N PHE A 57 6.44 6.29 -0.27
CA PHE A 57 5.67 7.37 -0.84
C PHE A 57 5.55 7.17 -2.33
N LEU A 58 4.37 6.86 -2.77
CA LEU A 58 4.12 6.57 -4.16
C LEU A 58 3.00 7.41 -4.68
N GLY A 59 2.98 7.63 -5.97
CA GLY A 59 1.96 8.45 -6.54
C GLY A 59 0.84 7.60 -7.04
N PRO A 60 -0.26 8.19 -7.51
CA PRO A 60 -1.44 7.44 -7.98
C PRO A 60 -1.17 6.60 -9.22
N LYS A 61 -0.03 6.83 -9.84
CA LYS A 61 0.35 6.08 -11.02
C LYS A 61 1.29 4.94 -10.63
N ASP A 62 1.69 4.94 -9.41
CA ASP A 62 2.65 3.98 -8.92
C ASP A 62 1.92 2.89 -8.16
N ILE A 63 0.66 3.12 -7.91
CA ILE A 63 -0.17 2.26 -7.12
C ILE A 63 -1.40 1.86 -7.91
N PHE A 64 -1.96 0.73 -7.54
CA PHE A 64 -3.17 0.20 -8.18
C PHE A 64 -4.01 -0.44 -7.09
N PRO A 65 -5.34 -0.29 -7.13
CA PRO A 65 -6.22 -0.77 -6.05
C PRO A 65 -6.25 -2.28 -5.88
N TYR A 66 -6.02 -2.74 -4.65
CA TYR A 66 -6.01 -4.15 -4.27
C TYR A 66 -7.38 -4.74 -4.51
N SER A 67 -8.37 -3.89 -4.37
CA SER A 67 -9.75 -4.25 -4.54
C SER A 67 -10.01 -4.89 -5.91
N GLU A 68 -9.32 -4.43 -6.95
CA GLU A 68 -9.40 -5.13 -8.21
C GLU A 68 -8.41 -6.22 -8.19
N ASN A 69 -7.16 -5.78 -7.90
CA ASN A 69 -5.89 -6.49 -8.10
C ASN A 69 -5.72 -7.66 -7.22
N LYS A 70 -6.77 -8.02 -6.56
CA LYS A 70 -6.81 -9.17 -5.77
C LYS A 70 -6.70 -10.37 -6.73
N GLU A 71 -7.28 -10.20 -7.91
CA GLU A 71 -7.17 -11.14 -8.97
C GLU A 71 -5.86 -11.02 -9.76
N LYS A 72 -5.34 -9.81 -9.88
CA LYS A 72 -4.12 -9.56 -10.62
C LYS A 72 -2.89 -9.94 -9.85
N TYR A 73 -2.71 -9.34 -8.73
CA TYR A 73 -1.49 -9.52 -7.95
C TYR A 73 -1.77 -10.09 -6.57
N GLY A 74 -3.01 -10.45 -6.33
CA GLY A 74 -3.43 -10.96 -5.03
C GLY A 74 -3.09 -12.44 -4.81
N LYS A 75 -2.28 -13.01 -5.68
CA LYS A 75 -1.89 -14.39 -5.54
C LYS A 75 -0.52 -14.47 -4.87
N PRO A 76 -0.42 -15.26 -3.78
CA PRO A 76 0.80 -15.36 -3.01
C PRO A 76 1.98 -15.98 -3.76
N ASN A 77 3.05 -15.26 -3.71
CA ASN A 77 4.30 -15.67 -4.30
C ASN A 77 5.20 -16.18 -3.22
N LYS A 78 6.48 -16.17 -3.46
CA LYS A 78 7.39 -16.64 -2.49
C LYS A 78 8.18 -15.51 -1.88
N ARG A 79 7.71 -14.27 -2.06
CA ARG A 79 8.35 -13.19 -1.33
C ARG A 79 7.81 -13.17 0.08
N LYS A 80 8.69 -13.30 1.03
CA LYS A 80 8.29 -13.29 2.41
C LYS A 80 7.93 -11.88 2.83
N GLY A 81 6.75 -11.74 3.36
CA GLY A 81 6.20 -10.46 3.68
C GLY A 81 5.08 -10.16 2.72
N PHE A 82 5.15 -10.75 1.54
CA PHE A 82 4.14 -10.55 0.52
C PHE A 82 2.92 -11.37 0.91
N ASN A 83 3.18 -12.62 1.27
CA ASN A 83 2.14 -13.57 1.71
C ASN A 83 1.40 -12.99 2.88
N GLU A 84 2.18 -12.59 3.85
CA GLU A 84 1.73 -12.01 5.08
C GLU A 84 0.97 -10.73 4.82
N GLY A 85 1.48 -9.94 3.90
CA GLY A 85 0.87 -8.69 3.55
C GLY A 85 -0.46 -8.86 2.89
N LEU A 86 -0.58 -9.88 2.05
CA LEU A 86 -1.85 -10.21 1.40
C LEU A 86 -2.90 -10.54 2.44
N TRP A 87 -2.47 -11.16 3.52
CA TRP A 87 -3.35 -11.48 4.61
C TRP A 87 -3.72 -10.21 5.35
N GLU A 88 -2.71 -9.43 5.72
CA GLU A 88 -2.90 -8.19 6.47
C GLU A 88 -3.83 -7.24 5.78
N ILE A 89 -3.58 -6.95 4.53
CA ILE A 89 -4.36 -5.95 3.81
C ILE A 89 -5.84 -6.37 3.61
N ASP A 90 -6.08 -7.66 3.60
CA ASP A 90 -7.39 -8.20 3.30
C ASP A 90 -8.19 -8.43 4.58
N ASN A 91 -7.48 -8.50 5.70
CA ASN A 91 -8.12 -8.78 6.99
C ASN A 91 -8.00 -7.59 7.92
N ASN A 92 -6.80 -7.14 8.17
CA ASN A 92 -6.62 -6.01 9.05
C ASN A 92 -5.76 -4.92 8.40
N PRO A 93 -6.33 -4.15 7.44
CA PRO A 93 -5.58 -3.11 6.71
C PRO A 93 -5.18 -1.90 7.56
N LYS A 94 -5.66 -1.87 8.79
CA LYS A 94 -5.39 -0.75 9.67
C LYS A 94 -4.22 -1.05 10.59
N VAL A 95 -3.59 -2.19 10.35
CA VAL A 95 -2.51 -2.67 11.19
C VAL A 95 -1.25 -1.78 11.08
N LYS A 96 -0.54 -1.69 12.17
CA LYS A 96 0.72 -0.96 12.29
C LYS A 96 1.59 -1.74 13.23
N PHE A 97 1.01 -2.06 14.33
CA PHE A 97 1.60 -2.87 15.35
C PHE A 97 0.53 -3.87 15.74
N SER A 98 0.87 -4.88 16.51
CA SER A 98 -0.04 -5.95 16.92
C SER A 98 -0.53 -6.78 15.73
N MET A 6 -12.15 0.65 -11.02
CA MET A 6 -12.90 1.89 -10.94
C MET A 6 -12.12 2.96 -11.66
N ALA A 7 -12.66 4.15 -11.71
CA ALA A 7 -11.98 5.28 -12.28
C ALA A 7 -12.02 6.38 -11.25
N ARG A 8 -11.14 6.26 -10.32
CA ARG A 8 -11.05 7.17 -9.21
C ARG A 8 -9.61 7.50 -8.93
N ASP A 9 -9.41 8.38 -7.99
CA ASP A 9 -8.08 8.72 -7.53
C ASP A 9 -8.01 8.25 -6.08
N PHE A 10 -6.94 8.50 -5.39
CA PHE A 10 -6.77 7.89 -4.10
C PHE A 10 -6.75 8.86 -2.96
N LYS A 11 -7.20 8.37 -1.83
CA LYS A 11 -7.23 9.10 -0.59
C LYS A 11 -6.70 8.13 0.48
N PRO A 12 -6.36 8.60 1.68
CA PRO A 12 -5.94 7.72 2.78
C PRO A 12 -7.02 6.69 3.15
N GLY A 13 -6.58 5.54 3.61
CA GLY A 13 -7.47 4.51 4.06
C GLY A 13 -7.72 3.44 3.03
N ASP A 14 -7.36 3.71 1.78
CA ASP A 14 -7.63 2.76 0.70
C ASP A 14 -6.57 1.69 0.59
N LEU A 15 -6.96 0.57 0.04
CA LEU A 15 -6.11 -0.58 -0.15
C LEU A 15 -5.63 -0.59 -1.58
N ILE A 16 -4.35 -0.71 -1.76
CA ILE A 16 -3.79 -0.63 -3.08
C ILE A 16 -2.64 -1.61 -3.27
N PHE A 17 -2.09 -1.56 -4.42
CA PHE A 17 -0.89 -2.23 -4.76
C PHE A 17 0.13 -1.18 -4.98
N ALA A 18 1.23 -1.35 -4.37
CA ALA A 18 2.27 -0.40 -4.42
C ALA A 18 3.37 -0.96 -5.26
N LYS A 19 3.84 -0.15 -6.16
CA LYS A 19 4.85 -0.57 -7.05
C LYS A 19 6.14 0.20 -6.79
N MET A 20 7.17 -0.51 -6.41
CA MET A 20 8.48 0.12 -6.27
C MET A 20 9.45 -0.43 -7.28
N LYS A 21 10.50 0.33 -7.55
CA LYS A 21 11.55 -0.10 -8.46
C LYS A 21 12.25 -1.34 -7.88
N GLY A 22 12.19 -2.44 -8.62
CA GLY A 22 12.79 -3.69 -8.14
C GLY A 22 11.79 -4.55 -7.39
N TYR A 23 10.68 -3.95 -7.06
CA TYR A 23 9.64 -4.61 -6.33
C TYR A 23 8.45 -4.91 -7.23
N PRO A 24 7.71 -5.98 -6.91
CA PRO A 24 6.48 -6.32 -7.57
C PRO A 24 5.34 -5.49 -6.98
N HIS A 25 4.18 -5.56 -7.58
CA HIS A 25 3.03 -4.87 -7.03
C HIS A 25 2.70 -5.52 -5.69
N TRP A 26 2.93 -4.78 -4.64
CA TRP A 26 2.86 -5.27 -3.28
C TRP A 26 1.58 -4.76 -2.66
N PRO A 27 0.85 -5.59 -1.90
CA PRO A 27 -0.35 -5.14 -1.22
C PRO A 27 0.02 -4.16 -0.11
N ALA A 28 -0.45 -2.96 -0.24
CA ALA A 28 -0.13 -1.92 0.67
C ALA A 28 -1.32 -1.03 0.83
N ARG A 29 -1.31 -0.19 1.80
CA ARG A 29 -2.43 0.68 1.97
C ARG A 29 -1.95 2.12 1.94
N VAL A 30 -2.85 3.00 1.61
CA VAL A 30 -2.55 4.41 1.67
C VAL A 30 -2.85 4.83 3.09
N ASP A 31 -1.87 5.30 3.79
CA ASP A 31 -2.06 5.63 5.21
C ASP A 31 -2.44 7.10 5.31
N GLU A 32 -2.73 7.54 6.49
CA GLU A 32 -3.10 8.90 6.74
C GLU A 32 -1.87 9.70 7.08
N VAL A 33 -1.98 11.00 6.98
CA VAL A 33 -0.91 11.87 7.38
C VAL A 33 -0.91 11.97 8.88
N PRO A 34 0.20 11.65 9.51
CA PRO A 34 0.29 11.70 10.94
C PRO A 34 0.42 13.12 11.48
N ASP A 35 -0.12 13.33 12.65
CA ASP A 35 0.02 14.62 13.33
C ASP A 35 1.48 14.89 13.58
N GLY A 36 1.86 16.07 13.28
CA GLY A 36 3.23 16.45 13.38
C GLY A 36 3.78 16.66 11.99
N ALA A 37 3.27 15.90 11.04
CA ALA A 37 3.66 16.05 9.68
C ALA A 37 2.87 17.18 9.05
N VAL A 38 3.36 18.37 9.27
CA VAL A 38 2.76 19.59 8.74
C VAL A 38 3.35 19.94 7.38
N LYS A 39 4.14 19.05 6.89
CA LYS A 39 4.78 19.19 5.61
C LYS A 39 3.83 18.67 4.53
N PRO A 40 3.60 19.45 3.47
CA PRO A 40 2.73 19.05 2.38
C PRO A 40 3.28 17.82 1.63
N PRO A 41 2.38 16.99 1.07
CA PRO A 41 2.78 15.80 0.34
C PRO A 41 3.62 16.12 -0.90
N THR A 42 4.57 15.26 -1.17
CA THR A 42 5.52 15.35 -2.27
C THR A 42 4.85 15.09 -3.67
N ASN A 43 3.51 15.01 -3.65
CA ASN A 43 2.61 14.64 -4.80
C ASN A 43 2.49 13.13 -4.85
N LYS A 44 3.02 12.53 -3.83
CA LYS A 44 2.95 11.13 -3.66
C LYS A 44 2.29 10.88 -2.31
N LEU A 45 1.69 9.74 -2.16
CA LEU A 45 0.92 9.39 -0.97
C LEU A 45 1.76 8.53 -0.06
N PRO A 46 1.46 8.53 1.26
CA PRO A 46 2.14 7.66 2.19
C PRO A 46 1.63 6.21 2.01
N ILE A 47 2.52 5.31 1.71
CA ILE A 47 2.14 3.96 1.43
C ILE A 47 2.72 3.03 2.47
N PHE A 48 1.87 2.38 3.17
CA PHE A 48 2.24 1.44 4.19
C PHE A 48 2.22 0.04 3.63
N PHE A 49 3.36 -0.60 3.58
CA PHE A 49 3.42 -1.99 3.09
C PHE A 49 2.96 -2.97 4.15
N PHE A 50 2.07 -3.85 3.74
CA PHE A 50 1.61 -4.89 4.61
C PHE A 50 2.61 -6.03 4.63
N GLY A 51 2.68 -6.73 5.74
CA GLY A 51 3.54 -7.89 5.93
C GLY A 51 4.97 -7.55 6.27
N THR A 52 5.39 -6.34 5.98
CA THR A 52 6.71 -5.92 6.40
C THR A 52 6.61 -4.71 7.30
N HIS A 53 5.47 -3.99 7.19
CA HIS A 53 5.21 -2.76 7.96
C HIS A 53 6.10 -1.61 7.53
N GLU A 54 6.66 -1.75 6.34
CA GLU A 54 7.51 -0.73 5.74
C GLU A 54 6.66 0.41 5.19
N THR A 55 7.31 1.40 4.68
CA THR A 55 6.60 2.54 4.16
C THR A 55 7.29 3.05 2.91
N ALA A 56 6.52 3.51 1.99
CA ALA A 56 7.01 4.07 0.76
C ALA A 56 6.22 5.30 0.42
N PHE A 57 6.67 6.00 -0.59
CA PHE A 57 5.98 7.12 -1.11
C PHE A 57 5.74 6.91 -2.55
N LEU A 58 4.52 6.67 -2.86
CA LEU A 58 4.08 6.42 -4.18
C LEU A 58 2.84 7.23 -4.39
N GLY A 59 2.70 7.80 -5.53
CA GLY A 59 1.61 8.67 -5.77
C GLY A 59 0.42 7.92 -6.27
N PRO A 60 -0.68 8.60 -6.50
CA PRO A 60 -1.91 7.95 -6.93
C PRO A 60 -1.80 7.35 -8.34
N LYS A 61 -0.74 7.68 -9.02
CA LYS A 61 -0.47 7.11 -10.33
C LYS A 61 0.57 5.98 -10.25
N ASP A 62 1.16 5.81 -9.09
CA ASP A 62 2.21 4.79 -8.88
C ASP A 62 1.58 3.56 -8.23
N ILE A 63 0.35 3.74 -7.76
CA ILE A 63 -0.38 2.71 -7.08
C ILE A 63 -1.56 2.28 -7.90
N PHE A 64 -2.01 1.09 -7.61
CA PHE A 64 -3.09 0.48 -8.34
C PHE A 64 -4.09 -0.04 -7.34
N PRO A 65 -5.39 0.01 -7.63
CA PRO A 65 -6.42 -0.42 -6.68
C PRO A 65 -6.38 -1.89 -6.41
N TYR A 66 -6.35 -2.22 -5.13
CA TYR A 66 -6.24 -3.58 -4.67
C TYR A 66 -7.40 -4.43 -5.12
N SER A 67 -8.57 -3.86 -5.15
CA SER A 67 -9.76 -4.62 -5.47
C SER A 67 -9.73 -5.10 -6.92
N GLU A 68 -9.46 -4.18 -7.83
CA GLU A 68 -9.44 -4.44 -9.24
C GLU A 68 -8.18 -5.13 -9.69
N ASN A 69 -7.24 -5.29 -8.79
CA ASN A 69 -6.01 -5.97 -9.14
C ASN A 69 -5.72 -7.14 -8.19
N LYS A 70 -6.72 -7.54 -7.38
CA LYS A 70 -6.55 -8.64 -6.41
C LYS A 70 -6.46 -9.97 -7.14
N GLU A 71 -7.14 -10.05 -8.23
CA GLU A 71 -7.08 -11.19 -9.04
C GLU A 71 -5.78 -11.26 -9.82
N LYS A 72 -5.23 -10.10 -10.14
CA LYS A 72 -4.00 -9.97 -10.91
C LYS A 72 -2.77 -10.18 -10.07
N TYR A 73 -2.64 -9.41 -9.03
CA TYR A 73 -1.40 -9.42 -8.23
C TYR A 73 -1.65 -9.93 -6.83
N GLY A 74 -2.83 -10.42 -6.61
CA GLY A 74 -3.23 -10.87 -5.30
C GLY A 74 -2.94 -12.34 -5.11
N LYS A 75 -1.74 -12.72 -5.39
CA LYS A 75 -1.27 -14.06 -5.18
C LYS A 75 0.07 -14.02 -4.50
N PRO A 76 0.35 -14.93 -3.56
CA PRO A 76 1.56 -14.85 -2.77
C PRO A 76 2.84 -15.04 -3.57
N ASN A 77 3.71 -14.08 -3.40
CA ASN A 77 5.01 -14.10 -4.05
C ASN A 77 5.95 -14.91 -3.25
N LYS A 78 7.17 -14.90 -3.63
CA LYS A 78 8.19 -15.52 -2.84
C LYS A 78 9.01 -14.43 -2.21
N ARG A 79 8.39 -13.26 -2.14
CA ARG A 79 8.94 -12.13 -1.45
C ARG A 79 8.50 -12.24 0.01
N LYS A 80 9.47 -12.29 0.89
CA LYS A 80 9.20 -12.34 2.32
C LYS A 80 8.43 -11.08 2.73
N GLY A 81 7.28 -11.26 3.35
CA GLY A 81 6.48 -10.14 3.76
C GLY A 81 5.25 -9.98 2.89
N PHE A 82 5.34 -10.48 1.68
CA PHE A 82 4.26 -10.35 0.73
C PHE A 82 3.12 -11.29 1.09
N ASN A 83 3.48 -12.45 1.60
CA ASN A 83 2.48 -13.49 1.91
C ASN A 83 1.75 -13.09 3.16
N GLU A 84 2.52 -12.60 4.10
CA GLU A 84 2.03 -12.13 5.36
C GLU A 84 1.21 -10.87 5.14
N GLY A 85 1.62 -10.06 4.17
CA GLY A 85 0.91 -8.86 3.84
C GLY A 85 -0.44 -9.14 3.27
N LEU A 86 -0.55 -10.22 2.52
CA LEU A 86 -1.83 -10.65 2.00
C LEU A 86 -2.75 -11.02 3.14
N TRP A 87 -2.18 -11.59 4.19
CA TRP A 87 -2.94 -11.94 5.35
C TRP A 87 -3.40 -10.66 6.03
N GLU A 88 -2.49 -9.73 6.24
CA GLU A 88 -2.81 -8.46 6.87
C GLU A 88 -3.87 -7.67 6.12
N ILE A 89 -3.76 -7.59 4.82
CA ILE A 89 -4.65 -6.74 4.05
C ILE A 89 -6.07 -7.35 3.93
N ASP A 90 -6.16 -8.67 3.96
CA ASP A 90 -7.45 -9.36 3.88
C ASP A 90 -8.11 -9.53 5.25
N ASN A 91 -7.33 -9.41 6.31
CA ASN A 91 -7.85 -9.64 7.66
C ASN A 91 -7.91 -8.37 8.47
N ASN A 92 -6.81 -7.68 8.58
CA ASN A 92 -6.79 -6.46 9.36
C ASN A 92 -6.19 -5.30 8.55
N PRO A 93 -6.93 -4.78 7.54
CA PRO A 93 -6.41 -3.73 6.63
C PRO A 93 -6.29 -2.36 7.30
N LYS A 94 -6.79 -2.28 8.51
CA LYS A 94 -6.78 -1.03 9.25
C LYS A 94 -5.55 -0.98 10.16
N VAL A 95 -4.62 -1.88 9.94
CA VAL A 95 -3.41 -1.91 10.71
C VAL A 95 -2.39 -0.99 10.04
N LYS A 96 -1.50 -0.43 10.82
CA LYS A 96 -0.47 0.41 10.28
C LYS A 96 0.85 0.16 11.00
N PHE A 97 1.80 1.08 10.82
CA PHE A 97 3.19 1.03 11.33
C PHE A 97 3.28 0.36 12.69
N SER A 98 2.80 1.06 13.68
CA SER A 98 2.76 0.62 15.05
C SER A 98 1.65 1.41 15.73
N MET A 6 -4.61 6.37 -10.92
CA MET A 6 -5.18 5.23 -11.64
C MET A 6 -6.54 5.71 -12.05
N ALA A 7 -7.42 4.81 -12.44
CA ALA A 7 -8.79 5.14 -12.78
C ALA A 7 -9.53 5.69 -11.57
N ARG A 8 -9.14 5.23 -10.37
CA ARG A 8 -9.74 5.75 -9.17
C ARG A 8 -8.76 6.71 -8.53
N ASP A 9 -9.25 7.48 -7.60
CA ASP A 9 -8.46 8.40 -6.82
C ASP A 9 -7.99 7.62 -5.60
N PHE A 10 -7.14 8.23 -4.81
CA PHE A 10 -6.59 7.52 -3.68
C PHE A 10 -6.64 8.36 -2.45
N LYS A 11 -7.32 7.85 -1.48
CA LYS A 11 -7.53 8.49 -0.22
C LYS A 11 -6.96 7.61 0.86
N PRO A 12 -6.58 8.17 2.02
CA PRO A 12 -6.14 7.37 3.15
C PRO A 12 -7.20 6.33 3.49
N GLY A 13 -6.83 5.08 3.43
CA GLY A 13 -7.77 4.02 3.63
C GLY A 13 -7.94 3.16 2.39
N ASP A 14 -7.67 3.72 1.20
CA ASP A 14 -7.77 2.95 -0.04
C ASP A 14 -6.79 1.78 -0.04
N LEU A 15 -7.33 0.60 -0.22
CA LEU A 15 -6.53 -0.62 -0.31
C LEU A 15 -5.96 -0.71 -1.67
N ILE A 16 -4.67 -0.80 -1.74
CA ILE A 16 -4.01 -0.75 -2.99
C ILE A 16 -2.84 -1.73 -3.09
N PHE A 17 -2.17 -1.62 -4.18
CA PHE A 17 -0.95 -2.26 -4.45
C PHE A 17 0.04 -1.20 -4.75
N ALA A 18 1.15 -1.27 -4.12
CA ALA A 18 2.17 -0.31 -4.24
C ALA A 18 3.32 -0.91 -5.00
N LYS A 19 3.68 -0.27 -6.03
CA LYS A 19 4.70 -0.74 -6.88
C LYS A 19 5.96 0.12 -6.74
N MET A 20 7.07 -0.54 -6.46
CA MET A 20 8.36 0.12 -6.31
C MET A 20 9.37 -0.51 -7.24
N LYS A 21 10.41 0.24 -7.55
CA LYS A 21 11.48 -0.25 -8.43
C LYS A 21 12.17 -1.49 -7.82
N GLY A 22 12.05 -2.62 -8.49
CA GLY A 22 12.69 -3.85 -8.05
C GLY A 22 11.74 -4.73 -7.25
N TYR A 23 10.57 -4.22 -7.00
CA TYR A 23 9.58 -4.90 -6.24
C TYR A 23 8.34 -5.10 -7.09
N PRO A 24 7.57 -6.14 -6.84
CA PRO A 24 6.32 -6.34 -7.52
C PRO A 24 5.27 -5.44 -6.89
N HIS A 25 4.10 -5.35 -7.51
CA HIS A 25 3.01 -4.59 -6.93
C HIS A 25 2.67 -5.23 -5.56
N TRP A 26 2.97 -4.52 -4.49
CA TRP A 26 2.90 -5.06 -3.14
C TRP A 26 1.59 -4.61 -2.47
N PRO A 27 0.89 -5.48 -1.73
CA PRO A 27 -0.33 -5.10 -1.02
C PRO A 27 -0.04 -4.00 0.00
N ALA A 28 -0.65 -2.85 -0.19
CA ALA A 28 -0.41 -1.72 0.63
C ALA A 28 -1.69 -0.94 0.83
N ARG A 29 -1.69 -0.04 1.75
CA ARG A 29 -2.83 0.82 1.95
C ARG A 29 -2.33 2.23 1.90
N VAL A 30 -3.13 3.13 1.41
CA VAL A 30 -2.79 4.51 1.49
C VAL A 30 -2.97 4.90 2.95
N ASP A 31 -1.90 5.32 3.58
CA ASP A 31 -1.92 5.63 5.00
C ASP A 31 -2.28 7.11 5.17
N GLU A 32 -2.31 7.57 6.36
CA GLU A 32 -2.70 8.90 6.66
C GLU A 32 -1.47 9.76 6.89
N VAL A 33 -1.67 11.05 6.96
CA VAL A 33 -0.57 11.95 7.23
C VAL A 33 -0.37 12.00 8.72
N PRO A 34 0.83 11.70 9.19
CA PRO A 34 1.11 11.71 10.59
C PRO A 34 1.18 13.12 11.15
N ASP A 35 0.60 13.29 12.33
CA ASP A 35 0.71 14.55 13.02
C ASP A 35 2.12 14.71 13.52
N GLY A 36 2.58 15.92 13.60
CA GLY A 36 3.93 16.17 13.98
C GLY A 36 4.83 16.32 12.78
N ALA A 37 4.34 15.88 11.61
CA ALA A 37 5.08 16.03 10.38
C ALA A 37 5.07 17.49 9.93
N VAL A 38 6.10 18.21 10.34
CA VAL A 38 6.25 19.61 9.96
C VAL A 38 6.78 19.76 8.54
N LYS A 39 7.16 18.65 7.94
CA LYS A 39 7.56 18.62 6.58
C LYS A 39 6.49 17.94 5.78
N PRO A 40 5.91 18.64 4.80
CA PRO A 40 4.90 18.05 3.92
C PRO A 40 5.54 17.04 2.96
N PRO A 41 4.76 16.07 2.48
CA PRO A 41 5.28 15.05 1.59
C PRO A 41 5.61 15.60 0.19
N THR A 42 6.30 14.78 -0.58
CA THR A 42 6.77 15.06 -1.93
C THR A 42 5.61 15.25 -2.98
N ASN A 43 4.35 15.36 -2.50
CA ASN A 43 3.15 15.38 -3.37
C ASN A 43 2.78 13.93 -3.74
N LYS A 44 3.44 13.04 -3.04
CA LYS A 44 3.22 11.65 -3.12
C LYS A 44 2.27 11.24 -2.01
N LEU A 45 1.75 10.07 -2.12
CA LEU A 45 0.84 9.55 -1.15
C LEU A 45 1.58 8.62 -0.20
N PRO A 46 1.25 8.66 1.11
CA PRO A 46 1.85 7.76 2.07
C PRO A 46 1.31 6.34 1.87
N ILE A 47 2.20 5.43 1.67
CA ILE A 47 1.82 4.08 1.37
C ILE A 47 2.34 3.16 2.45
N PHE A 48 1.47 2.47 3.08
CA PHE A 48 1.82 1.52 4.12
C PHE A 48 1.87 0.11 3.54
N PHE A 49 3.02 -0.52 3.63
CA PHE A 49 3.18 -1.89 3.16
C PHE A 49 2.77 -2.90 4.20
N PHE A 50 1.97 -3.85 3.78
CA PHE A 50 1.55 -4.92 4.65
C PHE A 50 2.60 -6.02 4.63
N GLY A 51 2.64 -6.80 5.69
CA GLY A 51 3.57 -7.90 5.83
C GLY A 51 4.97 -7.48 6.22
N THR A 52 5.29 -6.22 6.00
CA THR A 52 6.55 -5.70 6.41
C THR A 52 6.34 -4.58 7.43
N HIS A 53 5.15 -3.97 7.38
CA HIS A 53 4.76 -2.85 8.27
C HIS A 53 5.56 -1.59 7.97
N GLU A 54 6.14 -1.55 6.78
CA GLU A 54 6.93 -0.42 6.33
C GLU A 54 6.06 0.62 5.68
N THR A 55 6.61 1.77 5.45
CA THR A 55 5.88 2.84 4.83
C THR A 55 6.74 3.48 3.74
N ALA A 56 6.09 3.84 2.68
CA ALA A 56 6.74 4.45 1.53
C ALA A 56 5.88 5.58 0.98
N PHE A 57 6.37 6.21 -0.06
CA PHE A 57 5.67 7.27 -0.73
C PHE A 57 5.73 7.06 -2.23
N LEU A 58 4.58 6.89 -2.83
CA LEU A 58 4.49 6.66 -4.26
C LEU A 58 3.49 7.60 -4.87
N GLY A 59 3.39 7.57 -6.18
CA GLY A 59 2.47 8.43 -6.84
C GLY A 59 1.21 7.68 -7.18
N PRO A 60 0.13 8.40 -7.53
CA PRO A 60 -1.19 7.80 -7.84
C PRO A 60 -1.17 6.96 -9.12
N LYS A 61 -0.06 6.99 -9.80
CA LYS A 61 0.12 6.22 -11.02
C LYS A 61 0.85 4.90 -10.71
N ASP A 62 1.52 4.88 -9.57
CA ASP A 62 2.38 3.75 -9.19
C ASP A 62 1.65 2.81 -8.28
N ILE A 63 0.42 3.16 -8.01
CA ILE A 63 -0.42 2.40 -7.16
C ILE A 63 -1.69 2.01 -7.89
N PHE A 64 -2.15 0.84 -7.57
CA PHE A 64 -3.33 0.27 -8.17
C PHE A 64 -4.24 -0.23 -7.08
N PRO A 65 -5.55 -0.19 -7.25
CA PRO A 65 -6.50 -0.65 -6.22
C PRO A 65 -6.42 -2.14 -5.99
N TYR A 66 -6.36 -2.50 -4.72
CA TYR A 66 -6.21 -3.87 -4.29
C TYR A 66 -7.39 -4.71 -4.66
N SER A 67 -8.55 -4.16 -4.60
CA SER A 67 -9.77 -4.88 -4.87
C SER A 67 -9.83 -5.39 -6.33
N GLU A 68 -9.66 -4.49 -7.27
CA GLU A 68 -9.73 -4.78 -8.69
C GLU A 68 -8.51 -5.57 -9.15
N ASN A 69 -7.43 -5.41 -8.44
CA ASN A 69 -6.19 -6.05 -8.85
C ASN A 69 -5.81 -7.22 -7.95
N LYS A 70 -6.72 -7.66 -7.08
CA LYS A 70 -6.42 -8.78 -6.14
C LYS A 70 -6.20 -10.08 -6.88
N GLU A 71 -6.84 -10.26 -7.97
CA GLU A 71 -6.63 -11.47 -8.73
C GLU A 71 -5.35 -11.45 -9.46
N LYS A 72 -4.96 -10.28 -9.79
CA LYS A 72 -3.77 -10.04 -10.56
C LYS A 72 -2.53 -10.17 -9.70
N TYR A 73 -2.47 -9.35 -8.67
CA TYR A 73 -1.26 -9.23 -7.90
C TYR A 73 -1.43 -9.83 -6.52
N GLY A 74 -2.66 -10.16 -6.19
CA GLY A 74 -2.96 -10.71 -4.89
C GLY A 74 -2.77 -12.21 -4.87
N LYS A 75 -1.65 -12.65 -5.38
CA LYS A 75 -1.32 -14.05 -5.44
C LYS A 75 0.07 -14.26 -4.83
N PRO A 76 0.31 -15.44 -4.17
CA PRO A 76 1.57 -15.74 -3.48
C PRO A 76 2.82 -15.45 -4.27
N ASN A 77 3.69 -14.74 -3.67
CA ASN A 77 4.86 -14.31 -4.31
C ASN A 77 6.05 -14.99 -3.71
N LYS A 78 7.21 -14.49 -3.99
CA LYS A 78 8.44 -15.03 -3.46
C LYS A 78 9.15 -13.92 -2.69
N ARG A 79 8.42 -12.86 -2.44
CA ARG A 79 8.89 -11.78 -1.64
C ARG A 79 8.44 -11.98 -0.19
N LYS A 80 9.38 -11.91 0.72
CA LYS A 80 9.11 -12.02 2.14
C LYS A 80 8.34 -10.78 2.60
N GLY A 81 7.17 -10.99 3.16
CA GLY A 81 6.36 -9.89 3.61
C GLY A 81 5.17 -9.68 2.70
N PHE A 82 5.28 -10.18 1.50
CA PHE A 82 4.26 -10.00 0.49
C PHE A 82 3.09 -10.91 0.80
N ASN A 83 3.41 -12.12 1.15
CA ASN A 83 2.42 -13.15 1.36
C ASN A 83 1.73 -12.97 2.67
N GLU A 84 2.48 -12.51 3.62
CA GLU A 84 1.96 -12.17 4.92
C GLU A 84 1.10 -10.92 4.77
N GLY A 85 1.54 -10.04 3.88
CA GLY A 85 0.81 -8.83 3.58
C GLY A 85 -0.51 -9.11 2.94
N LEU A 86 -0.55 -10.15 2.10
CA LEU A 86 -1.79 -10.62 1.47
C LEU A 86 -2.83 -10.94 2.52
N TRP A 87 -2.37 -11.50 3.61
CA TRP A 87 -3.25 -11.83 4.70
C TRP A 87 -3.64 -10.56 5.46
N GLU A 88 -2.65 -9.74 5.81
CA GLU A 88 -2.90 -8.53 6.57
C GLU A 88 -3.87 -7.61 5.88
N ILE A 89 -3.70 -7.36 4.61
CA ILE A 89 -4.53 -6.40 3.92
C ILE A 89 -5.99 -6.91 3.76
N ASP A 90 -6.15 -8.22 3.77
CA ASP A 90 -7.46 -8.80 3.51
C ASP A 90 -8.20 -9.04 4.84
N ASN A 91 -7.45 -9.09 5.94
CA ASN A 91 -8.04 -9.33 7.28
C ASN A 91 -7.97 -8.11 8.16
N ASN A 92 -6.78 -7.58 8.34
CA ASN A 92 -6.59 -6.42 9.22
C ASN A 92 -5.88 -5.28 8.48
N PRO A 93 -6.56 -4.60 7.54
CA PRO A 93 -5.95 -3.55 6.72
C PRO A 93 -5.68 -2.26 7.49
N LYS A 94 -6.15 -2.21 8.71
CA LYS A 94 -6.05 -1.02 9.55
C LYS A 94 -4.83 -1.10 10.46
N VAL A 95 -3.95 -2.06 10.21
CA VAL A 95 -2.74 -2.19 11.00
C VAL A 95 -1.76 -1.04 10.65
N LYS A 96 -0.84 -0.75 11.54
CA LYS A 96 0.08 0.36 11.38
C LYS A 96 1.52 -0.09 11.35
N PHE A 97 2.38 0.86 11.03
CA PHE A 97 3.81 0.69 10.98
C PHE A 97 4.37 0.41 12.34
N SER A 98 5.14 -0.65 12.43
CA SER A 98 5.67 -1.11 13.68
C SER A 98 6.70 -2.21 13.44
N MET A 6 -3.71 3.88 -10.71
CA MET A 6 -4.79 3.30 -11.53
C MET A 6 -5.42 4.48 -12.26
N ALA A 7 -6.54 4.27 -12.89
CA ALA A 7 -7.26 5.35 -13.58
C ALA A 7 -8.04 6.18 -12.58
N ARG A 8 -8.39 5.58 -11.45
CA ARG A 8 -9.09 6.32 -10.42
C ARG A 8 -8.07 6.86 -9.43
N ASP A 9 -8.54 7.70 -8.54
CA ASP A 9 -7.71 8.29 -7.54
C ASP A 9 -7.76 7.41 -6.29
N PHE A 10 -7.04 7.79 -5.27
CA PHE A 10 -6.90 6.98 -4.09
C PHE A 10 -7.18 7.78 -2.85
N LYS A 11 -7.80 7.16 -1.89
CA LYS A 11 -8.16 7.81 -0.66
C LYS A 11 -7.32 7.24 0.48
N PRO A 12 -7.13 8.00 1.57
CA PRO A 12 -6.50 7.47 2.78
C PRO A 12 -7.33 6.29 3.28
N GLY A 13 -6.72 5.15 3.37
CA GLY A 13 -7.43 3.97 3.75
C GLY A 13 -7.60 3.00 2.61
N ASP A 14 -7.32 3.47 1.39
CA ASP A 14 -7.48 2.66 0.18
C ASP A 14 -6.54 1.48 0.22
N LEU A 15 -7.06 0.34 -0.09
CA LEU A 15 -6.30 -0.88 -0.10
C LEU A 15 -5.72 -1.05 -1.47
N ILE A 16 -4.42 -1.10 -1.54
CA ILE A 16 -3.77 -1.08 -2.80
C ILE A 16 -2.60 -2.05 -2.88
N PHE A 17 -1.93 -1.94 -3.98
CA PHE A 17 -0.71 -2.57 -4.26
C PHE A 17 0.20 -1.47 -4.69
N ALA A 18 1.29 -1.38 -4.07
CA ALA A 18 2.22 -0.34 -4.33
C ALA A 18 3.46 -0.92 -4.92
N LYS A 19 3.94 -0.29 -5.94
CA LYS A 19 5.09 -0.74 -6.62
C LYS A 19 6.27 0.21 -6.36
N MET A 20 7.32 -0.34 -5.80
CA MET A 20 8.56 0.39 -5.53
C MET A 20 9.65 -0.13 -6.41
N LYS A 21 10.68 0.64 -6.63
CA LYS A 21 11.79 0.21 -7.45
C LYS A 21 12.50 -0.96 -6.77
N GLY A 22 12.49 -2.11 -7.41
CA GLY A 22 13.12 -3.28 -6.83
C GLY A 22 12.08 -4.21 -6.22
N TYR A 23 10.85 -3.74 -6.18
CA TYR A 23 9.75 -4.49 -5.66
C TYR A 23 8.66 -4.63 -6.71
N PRO A 24 7.92 -5.74 -6.68
CA PRO A 24 6.74 -5.90 -7.48
C PRO A 24 5.59 -5.16 -6.81
N HIS A 25 4.46 -5.04 -7.47
CA HIS A 25 3.28 -4.42 -6.86
C HIS A 25 2.94 -5.23 -5.59
N TRP A 26 3.13 -4.61 -4.46
CA TRP A 26 3.05 -5.27 -3.16
C TRP A 26 1.84 -4.73 -2.41
N PRO A 27 1.10 -5.60 -1.66
CA PRO A 27 -0.05 -5.17 -0.87
C PRO A 27 0.34 -4.08 0.12
N ALA A 28 -0.25 -2.94 -0.03
CA ALA A 28 0.03 -1.83 0.78
C ALA A 28 -1.23 -1.04 0.98
N ARG A 29 -1.23 -0.14 1.88
CA ARG A 29 -2.38 0.68 2.09
C ARG A 29 -1.98 2.12 1.94
N VAL A 30 -2.86 2.93 1.40
CA VAL A 30 -2.66 4.35 1.39
C VAL A 30 -2.93 4.79 2.81
N ASP A 31 -1.92 5.24 3.47
CA ASP A 31 -2.01 5.53 4.88
C ASP A 31 -2.53 6.94 5.12
N GLU A 32 -2.58 7.34 6.36
CA GLU A 32 -3.19 8.59 6.71
C GLU A 32 -2.12 9.68 6.72
N VAL A 33 -2.58 10.90 6.73
CA VAL A 33 -1.71 12.04 6.90
C VAL A 33 -1.71 12.38 8.36
N PRO A 34 -0.56 12.35 8.98
CA PRO A 34 -0.45 12.61 10.38
C PRO A 34 -0.67 14.07 10.74
N ASP A 35 -1.31 14.30 11.85
CA ASP A 35 -1.40 15.64 12.38
C ASP A 35 -0.03 16.00 12.90
N GLY A 36 0.28 17.25 12.92
CA GLY A 36 1.59 17.66 13.28
C GLY A 36 2.51 17.63 12.07
N ALA A 37 1.97 17.25 10.91
CA ALA A 37 2.71 17.33 9.68
C ALA A 37 2.84 18.77 9.21
N VAL A 38 3.71 19.48 9.86
CA VAL A 38 4.03 20.86 9.55
C VAL A 38 5.26 20.93 8.67
N LYS A 39 5.70 19.77 8.27
CA LYS A 39 6.81 19.59 7.44
C LYS A 39 6.27 19.17 6.08
N PRO A 40 6.85 19.65 4.98
CA PRO A 40 6.35 19.33 3.65
C PRO A 40 6.45 17.83 3.33
N PRO A 41 5.38 17.24 2.77
CA PRO A 41 5.38 15.85 2.38
C PRO A 41 6.15 15.63 1.08
N THR A 42 6.34 14.39 0.74
CA THR A 42 7.07 13.96 -0.45
C THR A 42 6.27 14.27 -1.75
N ASN A 43 5.14 14.97 -1.61
CA ASN A 43 4.24 15.35 -2.72
C ASN A 43 3.64 14.11 -3.34
N LYS A 44 3.54 13.09 -2.53
CA LYS A 44 3.03 11.81 -2.93
C LYS A 44 2.16 11.26 -1.85
N LEU A 45 1.63 10.10 -2.07
CA LEU A 45 0.73 9.46 -1.13
C LEU A 45 1.50 8.61 -0.15
N PRO A 46 1.12 8.63 1.14
CA PRO A 46 1.75 7.79 2.16
C PRO A 46 1.34 6.33 1.94
N ILE A 47 2.31 5.47 1.78
CA ILE A 47 2.01 4.08 1.51
C ILE A 47 2.64 3.20 2.58
N PHE A 48 1.84 2.45 3.24
CA PHE A 48 2.31 1.52 4.26
C PHE A 48 2.22 0.11 3.71
N PHE A 49 3.34 -0.55 3.62
CA PHE A 49 3.39 -1.93 3.09
C PHE A 49 3.03 -2.98 4.12
N PHE A 50 2.23 -3.92 3.69
CA PHE A 50 1.81 -5.03 4.52
C PHE A 50 2.85 -6.14 4.44
N GLY A 51 2.98 -6.87 5.52
CA GLY A 51 3.87 -8.02 5.62
C GLY A 51 5.32 -7.65 5.84
N THR A 52 5.71 -6.45 5.51
CA THR A 52 7.04 -6.00 5.79
C THR A 52 7.02 -4.78 6.70
N HIS A 53 5.87 -4.08 6.71
CA HIS A 53 5.67 -2.86 7.50
C HIS A 53 6.55 -1.72 7.02
N GLU A 54 6.98 -1.81 5.77
CA GLU A 54 7.75 -0.79 5.12
C GLU A 54 6.85 0.38 4.82
N THR A 55 7.42 1.49 4.55
CA THR A 55 6.64 2.64 4.24
C THR A 55 7.26 3.35 3.07
N ALA A 56 6.43 3.83 2.20
CA ALA A 56 6.87 4.53 1.02
C ALA A 56 5.96 5.69 0.72
N PHE A 57 6.33 6.42 -0.30
CA PHE A 57 5.58 7.51 -0.84
C PHE A 57 5.57 7.36 -2.34
N LEU A 58 4.44 7.04 -2.89
CA LEU A 58 4.34 6.83 -4.32
C LEU A 58 3.26 7.71 -4.90
N GLY A 59 3.19 7.76 -6.20
CA GLY A 59 2.18 8.53 -6.84
C GLY A 59 1.01 7.65 -7.19
N PRO A 60 -0.14 8.24 -7.56
CA PRO A 60 -1.38 7.48 -7.87
C PRO A 60 -1.24 6.62 -9.14
N LYS A 61 -0.14 6.78 -9.81
CA LYS A 61 0.16 6.03 -10.99
C LYS A 61 0.95 4.77 -10.68
N ASP A 62 1.57 4.75 -9.54
CA ASP A 62 2.45 3.64 -9.16
C ASP A 62 1.79 2.70 -8.20
N ILE A 63 0.55 2.98 -7.95
CA ILE A 63 -0.27 2.19 -7.09
C ILE A 63 -1.52 1.74 -7.80
N PHE A 64 -1.96 0.59 -7.43
CA PHE A 64 -3.14 -0.02 -7.99
C PHE A 64 -3.95 -0.61 -6.87
N PRO A 65 -5.25 -0.36 -6.86
CA PRO A 65 -6.13 -0.82 -5.79
C PRO A 65 -6.32 -2.32 -5.76
N TYR A 66 -6.42 -2.82 -4.55
CA TYR A 66 -6.60 -4.22 -4.27
C TYR A 66 -7.86 -4.74 -4.92
N SER A 67 -8.87 -3.94 -4.92
CA SER A 67 -10.16 -4.31 -5.42
C SER A 67 -10.16 -4.65 -6.93
N GLU A 68 -9.55 -3.81 -7.75
CA GLU A 68 -9.55 -4.01 -9.19
C GLU A 68 -8.31 -4.77 -9.65
N ASN A 69 -7.38 -4.98 -8.75
CA ASN A 69 -6.12 -5.61 -9.13
C ASN A 69 -5.80 -6.85 -8.30
N LYS A 70 -6.77 -7.36 -7.58
CA LYS A 70 -6.59 -8.57 -6.75
C LYS A 70 -6.25 -9.82 -7.57
N GLU A 71 -6.84 -9.98 -8.73
CA GLU A 71 -6.54 -11.11 -9.62
C GLU A 71 -5.11 -10.99 -10.10
N LYS A 72 -4.73 -9.77 -10.29
CA LYS A 72 -3.47 -9.43 -10.86
C LYS A 72 -2.33 -9.62 -9.87
N TYR A 73 -2.42 -8.91 -8.77
CA TYR A 73 -1.33 -8.85 -7.84
C TYR A 73 -1.67 -9.48 -6.50
N GLY A 74 -2.95 -9.69 -6.27
CA GLY A 74 -3.45 -10.20 -4.98
C GLY A 74 -3.27 -11.69 -4.82
N LYS A 75 -2.53 -12.27 -5.72
CA LYS A 75 -2.26 -13.68 -5.70
C LYS A 75 -0.96 -13.89 -4.94
N PRO A 76 -0.78 -15.02 -4.25
CA PRO A 76 0.46 -15.27 -3.55
C PRO A 76 1.63 -15.44 -4.50
N ASN A 77 2.66 -14.69 -4.25
CA ASN A 77 3.85 -14.74 -5.07
C ASN A 77 4.97 -15.31 -4.25
N LYS A 78 6.17 -15.32 -4.76
CA LYS A 78 7.29 -15.93 -4.07
C LYS A 78 8.11 -14.91 -3.28
N ARG A 79 7.55 -13.75 -3.08
CA ARG A 79 8.18 -12.75 -2.26
C ARG A 79 7.76 -12.97 -0.82
N LYS A 80 8.71 -13.20 0.04
CA LYS A 80 8.41 -13.35 1.43
C LYS A 80 8.08 -11.98 2.03
N GLY A 81 6.98 -11.92 2.73
CA GLY A 81 6.46 -10.69 3.26
C GLY A 81 5.22 -10.31 2.47
N PHE A 82 5.16 -10.79 1.24
CA PHE A 82 4.05 -10.53 0.36
C PHE A 82 2.89 -11.41 0.77
N ASN A 83 3.20 -12.68 1.03
CA ASN A 83 2.22 -13.68 1.47
C ASN A 83 1.60 -13.21 2.77
N GLU A 84 2.48 -12.81 3.65
CA GLU A 84 2.16 -12.32 4.95
C GLU A 84 1.36 -11.03 4.84
N GLY A 85 1.71 -10.21 3.85
CA GLY A 85 1.00 -8.98 3.60
C GLY A 85 -0.40 -9.22 3.10
N LEU A 86 -0.59 -10.28 2.34
CA LEU A 86 -1.92 -10.68 1.88
C LEU A 86 -2.78 -11.02 3.08
N TRP A 87 -2.15 -11.59 4.09
CA TRP A 87 -2.82 -11.88 5.33
C TRP A 87 -3.11 -10.58 6.11
N GLU A 88 -2.10 -9.72 6.26
CA GLU A 88 -2.27 -8.46 6.97
C GLU A 88 -3.31 -7.54 6.36
N ILE A 89 -3.42 -7.53 5.05
CA ILE A 89 -4.35 -6.63 4.39
C ILE A 89 -5.80 -7.09 4.60
N ASP A 90 -5.95 -8.36 4.92
CA ASP A 90 -7.23 -8.96 5.14
C ASP A 90 -7.62 -8.84 6.60
N ASN A 91 -6.67 -9.16 7.48
CA ASN A 91 -6.96 -9.22 8.93
C ASN A 91 -6.79 -7.88 9.58
N ASN A 92 -5.84 -7.13 9.13
CA ASN A 92 -5.63 -5.84 9.73
C ASN A 92 -5.42 -4.71 8.68
N PRO A 93 -6.46 -4.42 7.83
CA PRO A 93 -6.39 -3.33 6.81
C PRO A 93 -6.44 -1.95 7.49
N LYS A 94 -6.66 -1.99 8.78
CA LYS A 94 -6.83 -0.85 9.63
C LYS A 94 -5.52 -0.53 10.38
N VAL A 95 -4.43 -1.08 9.87
CA VAL A 95 -3.12 -0.80 10.40
C VAL A 95 -2.64 0.54 9.81
N LYS A 96 -1.60 1.11 10.38
CA LYS A 96 -1.05 2.40 9.97
C LYS A 96 0.44 2.37 10.19
N PHE A 97 1.13 3.51 9.93
CA PHE A 97 2.59 3.68 10.21
C PHE A 97 2.90 3.08 11.56
N SER A 98 2.17 3.53 12.53
CA SER A 98 2.22 2.99 13.82
C SER A 98 1.22 1.83 13.86
N MET A 6 -9.20 4.32 -4.77
CA MET A 6 -9.83 3.88 -6.03
C MET A 6 -8.79 3.97 -7.10
N ALA A 7 -9.16 3.84 -8.35
CA ALA A 7 -8.18 3.93 -9.45
C ALA A 7 -7.82 5.38 -9.76
N ARG A 8 -8.78 6.26 -9.54
CA ARG A 8 -8.65 7.68 -9.84
C ARG A 8 -8.07 8.45 -8.65
N ASP A 9 -8.66 8.21 -7.54
CA ASP A 9 -8.39 8.89 -6.31
C ASP A 9 -7.87 7.92 -5.30
N PHE A 10 -7.01 8.38 -4.45
CA PHE A 10 -6.44 7.57 -3.42
C PHE A 10 -6.42 8.37 -2.16
N LYS A 11 -7.07 7.88 -1.16
CA LYS A 11 -7.20 8.56 0.09
C LYS A 11 -6.68 7.66 1.19
N PRO A 12 -6.28 8.21 2.35
CA PRO A 12 -5.89 7.40 3.50
C PRO A 12 -6.98 6.38 3.83
N GLY A 13 -6.63 5.12 3.73
CA GLY A 13 -7.58 4.09 3.96
C GLY A 13 -7.82 3.25 2.71
N ASP A 14 -7.55 3.80 1.53
CA ASP A 14 -7.70 3.03 0.28
C ASP A 14 -6.70 1.89 0.26
N LEU A 15 -7.21 0.70 0.10
CA LEU A 15 -6.40 -0.47 -0.01
C LEU A 15 -5.88 -0.57 -1.40
N ILE A 16 -4.61 -0.76 -1.54
CA ILE A 16 -3.99 -0.72 -2.80
C ILE A 16 -2.88 -1.73 -2.93
N PHE A 17 -2.21 -1.61 -4.02
CA PHE A 17 -1.04 -2.32 -4.34
C PHE A 17 -0.03 -1.30 -4.75
N ALA A 18 1.10 -1.39 -4.16
CA ALA A 18 2.12 -0.44 -4.35
C ALA A 18 3.24 -1.02 -5.14
N LYS A 19 3.62 -0.33 -6.15
CA LYS A 19 4.63 -0.76 -7.02
C LYS A 19 5.91 0.06 -6.77
N MET A 20 7.00 -0.63 -6.48
CA MET A 20 8.31 -0.01 -6.29
C MET A 20 9.30 -0.58 -7.27
N LYS A 21 10.36 0.14 -7.53
CA LYS A 21 11.40 -0.31 -8.44
C LYS A 21 12.09 -1.56 -7.87
N GLY A 22 11.95 -2.67 -8.58
CA GLY A 22 12.55 -3.92 -8.15
C GLY A 22 11.57 -4.77 -7.38
N TYR A 23 10.39 -4.25 -7.19
CA TYR A 23 9.35 -4.92 -6.48
C TYR A 23 8.13 -5.07 -7.36
N PRO A 24 7.40 -6.17 -7.19
CA PRO A 24 6.13 -6.34 -7.87
C PRO A 24 5.09 -5.48 -7.15
N HIS A 25 3.91 -5.36 -7.71
CA HIS A 25 2.85 -4.64 -7.05
C HIS A 25 2.54 -5.35 -5.71
N TRP A 26 2.89 -4.71 -4.63
CA TRP A 26 2.83 -5.29 -3.29
C TRP A 26 1.59 -4.77 -2.56
N PRO A 27 0.87 -5.63 -1.79
CA PRO A 27 -0.30 -5.18 -1.03
C PRO A 27 0.10 -4.08 -0.03
N ALA A 28 -0.48 -2.91 -0.19
CA ALA A 28 -0.16 -1.82 0.65
C ALA A 28 -1.40 -1.00 0.93
N ARG A 29 -1.29 -0.13 1.88
CA ARG A 29 -2.38 0.74 2.22
C ARG A 29 -1.93 2.18 2.01
N VAL A 30 -2.81 3.01 1.48
CA VAL A 30 -2.54 4.43 1.50
C VAL A 30 -2.79 4.83 2.93
N ASP A 31 -1.75 5.17 3.62
CA ASP A 31 -1.90 5.36 5.04
C ASP A 31 -2.27 6.79 5.37
N GLU A 32 -2.38 7.09 6.63
CA GLU A 32 -2.90 8.35 7.07
C GLU A 32 -1.84 9.30 7.57
N VAL A 33 -2.03 10.55 7.25
CA VAL A 33 -1.10 11.61 7.58
C VAL A 33 -1.42 12.17 8.95
N PRO A 34 -0.42 12.25 9.81
CA PRO A 34 -0.62 12.79 11.13
C PRO A 34 -0.81 14.31 11.10
N ASP A 35 -1.57 14.81 12.05
CA ASP A 35 -1.73 16.24 12.20
C ASP A 35 -0.42 16.82 12.66
N GLY A 36 -0.15 18.01 12.23
CA GLY A 36 1.12 18.62 12.51
C GLY A 36 1.99 18.54 11.29
N ALA A 37 1.75 17.53 10.46
CA ALA A 37 2.45 17.40 9.22
C ALA A 37 1.85 18.33 8.18
N VAL A 38 2.22 19.58 8.30
CA VAL A 38 1.76 20.64 7.41
C VAL A 38 2.74 20.87 6.27
N LYS A 39 3.71 20.01 6.20
CA LYS A 39 4.72 20.06 5.18
C LYS A 39 4.18 19.41 3.91
N PRO A 40 4.24 20.11 2.78
CA PRO A 40 3.75 19.58 1.52
C PRO A 40 4.55 18.37 1.04
N PRO A 41 3.86 17.33 0.58
CA PRO A 41 4.51 16.12 0.12
C PRO A 41 5.04 16.25 -1.31
N THR A 42 5.78 15.25 -1.72
CA THR A 42 6.42 15.15 -3.02
C THR A 42 5.38 14.85 -4.14
N ASN A 43 4.09 14.93 -3.79
CA ASN A 43 2.93 14.58 -4.65
C ASN A 43 2.76 13.09 -4.69
N LYS A 44 3.44 12.44 -3.79
CA LYS A 44 3.34 11.03 -3.64
C LYS A 44 2.66 10.81 -2.30
N LEU A 45 1.96 9.72 -2.18
CA LEU A 45 1.15 9.42 -1.02
C LEU A 45 1.89 8.51 -0.07
N PRO A 46 1.57 8.54 1.24
CA PRO A 46 2.18 7.63 2.21
C PRO A 46 1.66 6.22 2.00
N ILE A 47 2.55 5.31 1.76
CA ILE A 47 2.17 3.95 1.48
C ILE A 47 2.72 3.04 2.54
N PHE A 48 1.86 2.36 3.21
CA PHE A 48 2.22 1.43 4.23
C PHE A 48 2.22 0.04 3.64
N PHE A 49 3.36 -0.59 3.64
CA PHE A 49 3.46 -1.95 3.12
C PHE A 49 3.05 -2.99 4.14
N PHE A 50 2.19 -3.87 3.72
CA PHE A 50 1.74 -4.94 4.54
C PHE A 50 2.78 -6.07 4.55
N GLY A 51 2.81 -6.81 5.62
CA GLY A 51 3.70 -7.95 5.78
C GLY A 51 5.13 -7.59 6.12
N THR A 52 5.53 -6.37 5.84
CA THR A 52 6.83 -5.91 6.24
C THR A 52 6.69 -4.71 7.17
N HIS A 53 5.53 -4.03 7.07
CA HIS A 53 5.18 -2.87 7.90
C HIS A 53 6.06 -1.66 7.57
N GLU A 54 6.61 -1.67 6.38
CA GLU A 54 7.42 -0.59 5.88
C GLU A 54 6.53 0.55 5.43
N THR A 55 7.10 1.67 5.17
CA THR A 55 6.35 2.78 4.67
C THR A 55 7.15 3.46 3.58
N ALA A 56 6.47 3.82 2.55
CA ALA A 56 7.06 4.43 1.39
C ALA A 56 6.20 5.55 0.88
N PHE A 57 6.64 6.17 -0.19
CA PHE A 57 5.93 7.24 -0.85
C PHE A 57 5.87 6.97 -2.31
N LEU A 58 4.70 6.67 -2.77
CA LEU A 58 4.48 6.35 -4.15
C LEU A 58 3.38 7.22 -4.69
N GLY A 59 3.39 7.51 -5.97
CA GLY A 59 2.40 8.37 -6.54
C GLY A 59 1.13 7.62 -6.78
N PRO A 60 0.03 8.31 -7.07
CA PRO A 60 -1.27 7.66 -7.29
C PRO A 60 -1.27 6.76 -8.53
N LYS A 61 -0.31 6.97 -9.40
CA LYS A 61 -0.12 6.10 -10.54
C LYS A 61 0.99 5.08 -10.33
N ASP A 62 1.56 5.11 -9.16
CA ASP A 62 2.55 4.11 -8.76
C ASP A 62 1.84 3.02 -8.00
N ILE A 63 0.61 3.31 -7.67
CA ILE A 63 -0.22 2.46 -6.89
C ILE A 63 -1.52 2.20 -7.62
N PHE A 64 -2.09 1.07 -7.37
CA PHE A 64 -3.32 0.65 -7.99
C PHE A 64 -4.21 0.00 -6.94
N PRO A 65 -5.54 0.13 -7.05
CA PRO A 65 -6.48 -0.36 -6.04
C PRO A 65 -6.47 -1.87 -5.82
N TYR A 66 -6.59 -2.25 -4.57
CA TYR A 66 -6.66 -3.63 -4.12
C TYR A 66 -7.78 -4.39 -4.80
N SER A 67 -8.85 -3.70 -5.09
CA SER A 67 -10.03 -4.31 -5.69
C SER A 67 -9.70 -4.94 -7.06
N GLU A 68 -8.90 -4.25 -7.87
CA GLU A 68 -8.49 -4.83 -9.14
C GLU A 68 -7.45 -5.86 -8.89
N ASN A 69 -6.47 -5.41 -8.16
CA ASN A 69 -5.21 -6.06 -8.11
C ASN A 69 -5.17 -7.22 -7.20
N LYS A 70 -6.30 -7.54 -6.62
CA LYS A 70 -6.38 -8.70 -5.78
C LYS A 70 -6.26 -9.95 -6.65
N GLU A 71 -6.83 -9.90 -7.82
CA GLU A 71 -6.69 -10.97 -8.77
C GLU A 71 -5.40 -10.91 -9.51
N LYS A 72 -5.01 -9.70 -9.81
CA LYS A 72 -3.85 -9.41 -10.65
C LYS A 72 -2.57 -9.73 -9.91
N TYR A 73 -2.38 -9.11 -8.77
CA TYR A 73 -1.14 -9.25 -8.01
C TYR A 73 -1.41 -9.68 -6.58
N GLY A 74 -2.63 -10.00 -6.29
CA GLY A 74 -3.03 -10.40 -4.96
C GLY A 74 -2.95 -11.88 -4.81
N LYS A 75 -1.92 -12.44 -5.35
CA LYS A 75 -1.71 -13.86 -5.34
C LYS A 75 -0.31 -14.12 -4.82
N PRO A 76 -0.08 -15.29 -4.18
CA PRO A 76 1.21 -15.63 -3.56
C PRO A 76 2.42 -15.41 -4.44
N ASN A 77 3.51 -15.10 -3.81
CA ASN A 77 4.72 -14.83 -4.53
C ASN A 77 5.90 -15.42 -3.78
N LYS A 78 7.10 -15.18 -4.27
CA LYS A 78 8.31 -15.66 -3.65
C LYS A 78 8.90 -14.60 -2.76
N ARG A 79 8.29 -13.45 -2.76
CA ARG A 79 8.72 -12.38 -1.89
C ARG A 79 8.18 -12.60 -0.49
N LYS A 80 9.06 -12.69 0.48
CA LYS A 80 8.64 -12.79 1.86
C LYS A 80 8.14 -11.43 2.31
N GLY A 81 7.02 -11.42 3.00
CA GLY A 81 6.40 -10.20 3.43
C GLY A 81 5.24 -9.89 2.55
N PHE A 82 5.30 -10.42 1.34
CA PHE A 82 4.29 -10.21 0.34
C PHE A 82 3.09 -11.06 0.68
N ASN A 83 3.36 -12.27 1.04
CA ASN A 83 2.33 -13.25 1.32
C ASN A 83 1.74 -12.98 2.68
N GLU A 84 2.57 -12.55 3.59
CA GLU A 84 2.14 -12.15 4.89
C GLU A 84 1.31 -10.87 4.76
N GLY A 85 1.73 -10.02 3.84
CA GLY A 85 1.02 -8.79 3.56
C GLY A 85 -0.30 -9.04 2.89
N LEU A 86 -0.32 -10.06 2.06
CA LEU A 86 -1.49 -10.51 1.39
C LEU A 86 -2.54 -10.94 2.42
N TRP A 87 -2.05 -11.53 3.50
CA TRP A 87 -2.89 -11.89 4.61
C TRP A 87 -3.34 -10.64 5.37
N GLU A 88 -2.39 -9.75 5.66
CA GLU A 88 -2.68 -8.52 6.39
C GLU A 88 -3.66 -7.61 5.69
N ILE A 89 -3.60 -7.52 4.39
CA ILE A 89 -4.49 -6.58 3.71
C ILE A 89 -5.96 -7.05 3.75
N ASP A 90 -6.14 -8.36 3.85
CA ASP A 90 -7.47 -8.95 3.94
C ASP A 90 -8.00 -8.93 5.37
N ASN A 91 -7.10 -9.15 6.32
CA ASN A 91 -7.51 -9.30 7.74
C ASN A 91 -7.26 -8.04 8.55
N ASN A 92 -6.26 -7.31 8.20
CA ASN A 92 -5.92 -6.11 8.94
C ASN A 92 -5.76 -4.86 8.04
N PRO A 93 -6.83 -4.44 7.30
CA PRO A 93 -6.78 -3.24 6.43
C PRO A 93 -6.90 -1.96 7.27
N LYS A 94 -7.15 -2.19 8.54
CA LYS A 94 -7.42 -1.17 9.53
C LYS A 94 -6.15 -0.74 10.24
N VAL A 95 -5.02 -1.28 9.81
CA VAL A 95 -3.74 -0.95 10.40
C VAL A 95 -3.31 0.47 9.97
N LYS A 96 -2.37 1.04 10.68
CA LYS A 96 -1.78 2.34 10.38
C LYS A 96 -0.29 2.17 10.35
N PHE A 97 0.42 3.25 10.07
CA PHE A 97 1.87 3.27 10.22
C PHE A 97 2.26 2.72 11.59
N SER A 98 3.21 1.85 11.62
CA SER A 98 3.52 1.13 12.84
C SER A 98 4.38 1.88 13.83
N MET A 6 -4.63 6.77 -11.03
CA MET A 6 -5.24 5.66 -11.75
C MET A 6 -6.67 5.94 -11.98
N ALA A 7 -7.44 4.92 -12.39
CA ALA A 7 -8.88 5.04 -12.62
C ALA A 7 -9.59 5.63 -11.40
N ARG A 8 -9.18 5.19 -10.22
CA ARG A 8 -9.73 5.76 -9.02
C ARG A 8 -8.77 6.80 -8.48
N ASP A 9 -9.29 7.68 -7.68
CA ASP A 9 -8.51 8.61 -6.91
C ASP A 9 -8.28 7.94 -5.56
N PHE A 10 -7.27 8.33 -4.84
CA PHE A 10 -6.89 7.58 -3.67
C PHE A 10 -7.01 8.41 -2.41
N LYS A 11 -7.51 7.78 -1.37
CA LYS A 11 -7.72 8.41 -0.09
C LYS A 11 -6.91 7.66 0.94
N PRO A 12 -6.40 8.35 1.98
CA PRO A 12 -5.76 7.68 3.08
C PRO A 12 -6.72 6.67 3.70
N GLY A 13 -6.33 5.43 3.72
CA GLY A 13 -7.18 4.41 4.22
C GLY A 13 -7.59 3.38 3.18
N ASP A 14 -7.59 3.72 1.87
CA ASP A 14 -8.00 2.69 0.90
C ASP A 14 -6.90 1.70 0.57
N LEU A 15 -7.33 0.49 0.25
CA LEU A 15 -6.45 -0.62 -0.02
C LEU A 15 -6.03 -0.64 -1.45
N ILE A 16 -4.73 -0.73 -1.65
CA ILE A 16 -4.16 -0.66 -2.96
C ILE A 16 -2.97 -1.62 -3.13
N PHE A 17 -2.38 -1.56 -4.27
CA PHE A 17 -1.18 -2.25 -4.58
C PHE A 17 -0.13 -1.22 -4.80
N ALA A 18 0.94 -1.39 -4.14
CA ALA A 18 2.01 -0.46 -4.15
C ALA A 18 3.15 -1.03 -4.90
N LYS A 19 3.53 -0.34 -5.91
CA LYS A 19 4.55 -0.76 -6.76
C LYS A 19 5.79 0.12 -6.59
N MET A 20 6.91 -0.51 -6.34
CA MET A 20 8.19 0.16 -6.16
C MET A 20 9.16 -0.33 -7.19
N LYS A 21 10.18 0.45 -7.45
CA LYS A 21 11.19 0.08 -8.42
C LYS A 21 11.99 -1.10 -7.87
N GLY A 22 11.93 -2.23 -8.55
CA GLY A 22 12.64 -3.41 -8.11
C GLY A 22 11.75 -4.34 -7.33
N TYR A 23 10.53 -3.91 -7.11
CA TYR A 23 9.56 -4.68 -6.36
C TYR A 23 8.32 -4.94 -7.19
N PRO A 24 7.65 -6.06 -6.94
CA PRO A 24 6.37 -6.34 -7.55
C PRO A 24 5.29 -5.48 -6.88
N HIS A 25 4.11 -5.49 -7.45
CA HIS A 25 3.00 -4.75 -6.87
C HIS A 25 2.62 -5.39 -5.52
N TRP A 26 2.88 -4.69 -4.44
CA TRP A 26 2.70 -5.21 -3.08
C TRP A 26 1.35 -4.75 -2.53
N PRO A 27 0.61 -5.61 -1.82
CA PRO A 27 -0.63 -5.20 -1.21
C PRO A 27 -0.36 -4.22 -0.05
N ALA A 28 -0.85 -3.01 -0.17
CA ALA A 28 -0.57 -1.99 0.78
C ALA A 28 -1.75 -1.06 0.93
N ARG A 29 -1.73 -0.25 1.93
CA ARG A 29 -2.80 0.68 2.16
C ARG A 29 -2.27 2.06 1.92
N VAL A 30 -3.10 2.95 1.39
CA VAL A 30 -2.74 4.34 1.34
C VAL A 30 -2.76 4.80 2.79
N ASP A 31 -1.66 5.28 3.25
CA ASP A 31 -1.50 5.57 4.65
C ASP A 31 -1.90 7.02 4.92
N GLU A 32 -1.88 7.42 6.15
CA GLU A 32 -2.24 8.76 6.52
C GLU A 32 -1.06 9.45 7.16
N VAL A 33 -0.69 10.57 6.59
CA VAL A 33 0.43 11.34 7.06
C VAL A 33 -0.01 12.23 8.23
N PRO A 34 0.66 12.12 9.37
CA PRO A 34 0.35 12.92 10.55
C PRO A 34 0.96 14.31 10.47
N ASP A 35 0.48 15.18 11.32
CA ASP A 35 1.05 16.48 11.47
C ASP A 35 2.29 16.32 12.32
N GLY A 36 3.21 17.20 12.16
CA GLY A 36 4.45 17.09 12.89
C GLY A 36 5.49 16.33 12.08
N ALA A 37 5.01 15.57 11.10
CA ALA A 37 5.88 14.88 10.17
C ALA A 37 6.76 15.90 9.44
N VAL A 38 8.04 15.62 9.43
CA VAL A 38 9.05 16.54 8.86
C VAL A 38 9.00 16.63 7.34
N LYS A 39 8.26 15.75 6.69
CA LYS A 39 8.18 15.80 5.28
C LYS A 39 6.83 16.31 4.78
N PRO A 40 6.83 17.39 3.98
CA PRO A 40 5.61 17.90 3.33
C PRO A 40 5.17 16.97 2.19
N PRO A 41 3.97 17.21 1.60
CA PRO A 41 3.48 16.44 0.46
C PRO A 41 4.55 16.38 -0.64
N THR A 42 4.82 15.20 -1.06
CA THR A 42 5.91 14.92 -1.97
C THR A 42 5.37 14.73 -3.40
N ASN A 43 4.06 15.01 -3.56
CA ASN A 43 3.27 14.78 -4.80
C ASN A 43 2.98 13.30 -4.94
N LYS A 44 3.26 12.61 -3.86
CA LYS A 44 3.02 11.22 -3.73
C LYS A 44 2.34 10.97 -2.42
N LEU A 45 1.74 9.84 -2.31
CA LEU A 45 0.96 9.46 -1.15
C LEU A 45 1.79 8.55 -0.27
N PRO A 46 1.56 8.56 1.04
CA PRO A 46 2.23 7.64 1.94
C PRO A 46 1.61 6.25 1.80
N ILE A 47 2.43 5.25 1.69
CA ILE A 47 1.96 3.90 1.49
C ILE A 47 2.50 3.00 2.57
N PHE A 48 1.63 2.30 3.22
CA PHE A 48 2.00 1.40 4.28
C PHE A 48 1.90 -0.03 3.78
N PHE A 49 3.02 -0.71 3.70
CA PHE A 49 3.05 -2.09 3.24
C PHE A 49 2.62 -3.06 4.33
N PHE A 50 1.81 -4.00 3.96
CA PHE A 50 1.36 -5.01 4.90
C PHE A 50 2.34 -6.16 4.94
N GLY A 51 2.31 -6.88 6.04
CA GLY A 51 3.15 -8.04 6.28
C GLY A 51 4.58 -7.72 6.62
N THR A 52 5.02 -6.55 6.25
CA THR A 52 6.34 -6.12 6.63
C THR A 52 6.26 -4.86 7.45
N HIS A 53 5.15 -4.13 7.28
CA HIS A 53 4.87 -2.90 7.99
C HIS A 53 5.83 -1.79 7.57
N GLU A 54 6.39 -1.96 6.37
CA GLU A 54 7.26 -0.98 5.74
C GLU A 54 6.40 0.19 5.28
N THR A 55 7.00 1.29 5.01
CA THR A 55 6.26 2.43 4.56
C THR A 55 7.03 3.10 3.44
N ALA A 56 6.31 3.58 2.47
CA ALA A 56 6.88 4.22 1.30
C ALA A 56 6.06 5.43 0.91
N PHE A 57 6.48 6.09 -0.14
CA PHE A 57 5.75 7.20 -0.70
C PHE A 57 5.67 6.97 -2.19
N LEU A 58 4.50 6.67 -2.65
CA LEU A 58 4.27 6.32 -4.04
C LEU A 58 3.16 7.18 -4.59
N GLY A 59 3.19 7.40 -5.88
CA GLY A 59 2.25 8.28 -6.46
C GLY A 59 1.01 7.57 -6.88
N PRO A 60 -0.05 8.30 -7.28
CA PRO A 60 -1.31 7.70 -7.73
C PRO A 60 -1.16 6.91 -9.03
N LYS A 61 0.03 6.98 -9.59
CA LYS A 61 0.40 6.21 -10.76
C LYS A 61 1.20 4.95 -10.39
N ASP A 62 1.70 4.93 -9.18
CA ASP A 62 2.52 3.79 -8.70
C ASP A 62 1.66 2.80 -7.96
N ILE A 63 0.44 3.18 -7.74
CA ILE A 63 -0.48 2.39 -6.98
C ILE A 63 -1.69 2.02 -7.80
N PHE A 64 -2.23 0.88 -7.49
CA PHE A 64 -3.37 0.30 -8.18
C PHE A 64 -4.35 -0.15 -7.12
N PRO A 65 -5.65 -0.12 -7.39
CA PRO A 65 -6.64 -0.53 -6.40
C PRO A 65 -6.55 -2.00 -6.08
N TYR A 66 -6.56 -2.30 -4.81
CA TYR A 66 -6.42 -3.68 -4.37
C TYR A 66 -7.63 -4.52 -4.69
N SER A 67 -8.77 -3.95 -4.57
CA SER A 67 -9.99 -4.73 -4.71
C SER A 67 -10.28 -5.03 -6.18
N GLU A 68 -9.93 -4.10 -7.04
CA GLU A 68 -10.18 -4.21 -8.46
C GLU A 68 -8.96 -4.76 -9.19
N ASN A 69 -7.89 -5.01 -8.47
CA ASN A 69 -6.67 -5.58 -9.06
C ASN A 69 -6.14 -6.78 -8.27
N LYS A 70 -6.95 -7.33 -7.39
CA LYS A 70 -6.54 -8.47 -6.56
C LYS A 70 -6.41 -9.72 -7.43
N GLU A 71 -7.21 -9.79 -8.44
CA GLU A 71 -7.20 -10.88 -9.41
C GLU A 71 -5.89 -10.82 -10.16
N LYS A 72 -5.40 -9.60 -10.31
CA LYS A 72 -4.23 -9.32 -11.06
C LYS A 72 -2.98 -9.57 -10.25
N TYR A 73 -2.86 -8.85 -9.17
CA TYR A 73 -1.61 -8.79 -8.43
C TYR A 73 -1.66 -9.55 -7.13
N GLY A 74 -2.80 -10.14 -6.83
CA GLY A 74 -2.94 -10.89 -5.60
C GLY A 74 -2.32 -12.27 -5.70
N LYS A 75 -1.04 -12.31 -6.01
CA LYS A 75 -0.31 -13.54 -6.15
C LYS A 75 0.93 -13.51 -5.26
N PRO A 76 1.09 -14.53 -4.39
CA PRO A 76 2.19 -14.60 -3.44
C PRO A 76 3.57 -14.46 -4.06
N ASN A 77 4.32 -13.58 -3.50
CA ASN A 77 5.63 -13.39 -3.97
C ASN A 77 6.59 -14.20 -3.15
N LYS A 78 7.85 -14.00 -3.38
CA LYS A 78 8.86 -14.72 -2.70
C LYS A 78 9.53 -13.81 -1.70
N ARG A 79 9.22 -12.50 -1.79
CA ARG A 79 9.60 -11.58 -0.79
C ARG A 79 8.82 -11.96 0.46
N LYS A 80 9.50 -12.31 1.50
CA LYS A 80 8.81 -12.66 2.69
C LYS A 80 8.20 -11.40 3.26
N GLY A 81 7.02 -11.52 3.75
CA GLY A 81 6.29 -10.39 4.18
C GLY A 81 5.17 -10.12 3.21
N PHE A 82 5.35 -10.59 1.97
CA PHE A 82 4.35 -10.41 0.93
C PHE A 82 3.20 -11.36 1.19
N ASN A 83 3.55 -12.56 1.62
CA ASN A 83 2.57 -13.62 1.87
C ASN A 83 1.76 -13.21 3.07
N GLU A 84 2.49 -12.78 4.06
CA GLU A 84 1.99 -12.31 5.30
C GLU A 84 1.13 -11.06 5.08
N GLY A 85 1.59 -10.18 4.21
CA GLY A 85 0.90 -8.96 3.91
C GLY A 85 -0.36 -9.17 3.15
N LEU A 86 -0.34 -10.13 2.24
CA LEU A 86 -1.49 -10.49 1.47
C LEU A 86 -2.57 -11.01 2.42
N TRP A 87 -2.13 -11.61 3.51
CA TRP A 87 -3.03 -12.06 4.53
C TRP A 87 -3.52 -10.85 5.35
N GLU A 88 -2.59 -10.01 5.84
CA GLU A 88 -2.95 -8.85 6.65
C GLU A 88 -3.93 -7.94 5.98
N ILE A 89 -3.71 -7.65 4.72
CA ILE A 89 -4.58 -6.71 4.02
C ILE A 89 -5.99 -7.27 3.79
N ASP A 90 -6.09 -8.57 3.70
CA ASP A 90 -7.36 -9.20 3.36
C ASP A 90 -8.13 -9.56 4.62
N ASN A 91 -7.42 -9.60 5.76
CA ASN A 91 -8.06 -9.94 7.05
C ASN A 91 -8.14 -8.73 7.96
N ASN A 92 -7.01 -8.13 8.23
CA ASN A 92 -6.97 -6.99 9.15
C ASN A 92 -6.25 -5.80 8.52
N PRO A 93 -6.89 -5.10 7.58
CA PRO A 93 -6.27 -3.97 6.87
C PRO A 93 -6.15 -2.71 7.74
N LYS A 94 -6.70 -2.78 8.94
CA LYS A 94 -6.72 -1.62 9.81
C LYS A 94 -5.44 -1.59 10.64
N VAL A 95 -4.50 -2.45 10.29
CA VAL A 95 -3.26 -2.50 10.98
C VAL A 95 -2.34 -1.35 10.61
N LYS A 96 -2.26 -0.44 11.55
CA LYS A 96 -1.52 0.78 11.49
C LYS A 96 -1.86 1.58 12.72
N PHE A 97 -3.14 1.76 12.92
CA PHE A 97 -3.64 2.52 14.03
C PHE A 97 -4.53 1.64 14.89
N SER A 98 -5.62 1.20 14.30
CA SER A 98 -6.58 0.34 14.99
C SER A 98 -5.98 -1.04 15.26
N MET A 6 -11.74 0.86 -12.83
CA MET A 6 -12.22 2.24 -12.96
C MET A 6 -11.06 3.20 -13.06
N ALA A 7 -11.35 4.42 -13.45
CA ALA A 7 -10.36 5.45 -13.55
C ALA A 7 -10.46 6.31 -12.32
N ARG A 8 -10.07 5.73 -11.24
CA ARG A 8 -10.12 6.36 -9.95
C ARG A 8 -8.82 7.09 -9.63
N ASP A 9 -8.77 7.62 -8.44
CA ASP A 9 -7.61 8.23 -7.89
C ASP A 9 -7.62 7.89 -6.43
N PHE A 10 -6.74 8.42 -5.64
CA PHE A 10 -6.64 7.93 -4.29
C PHE A 10 -6.76 8.91 -3.16
N LYS A 11 -7.29 8.38 -2.10
CA LYS A 11 -7.49 9.03 -0.86
C LYS A 11 -7.02 8.08 0.24
N PRO A 12 -6.66 8.60 1.43
CA PRO A 12 -6.23 7.75 2.55
C PRO A 12 -7.30 6.73 2.97
N GLY A 13 -6.87 5.54 3.30
CA GLY A 13 -7.76 4.51 3.74
C GLY A 13 -8.01 3.45 2.69
N ASP A 14 -7.63 3.73 1.46
CA ASP A 14 -7.84 2.77 0.37
C ASP A 14 -6.79 1.68 0.39
N LEU A 15 -7.20 0.49 0.00
CA LEU A 15 -6.32 -0.67 -0.04
C LEU A 15 -5.79 -0.83 -1.44
N ILE A 16 -4.48 -0.93 -1.56
CA ILE A 16 -3.85 -0.93 -2.84
C ILE A 16 -2.71 -1.92 -2.96
N PHE A 17 -2.14 -1.91 -4.11
CA PHE A 17 -0.94 -2.58 -4.42
C PHE A 17 0.02 -1.51 -4.82
N ALA A 18 1.16 -1.54 -4.24
CA ALA A 18 2.14 -0.52 -4.40
C ALA A 18 3.28 -1.03 -5.22
N LYS A 19 3.78 -0.20 -6.08
CA LYS A 19 4.83 -0.58 -6.96
C LYS A 19 6.11 0.19 -6.65
N MET A 20 7.13 -0.51 -6.24
CA MET A 20 8.44 0.09 -6.07
C MET A 20 9.38 -0.39 -7.15
N LYS A 21 10.43 0.35 -7.40
CA LYS A 21 11.43 -0.04 -8.38
C LYS A 21 12.08 -1.35 -7.94
N GLY A 22 12.15 -2.30 -8.85
CA GLY A 22 12.71 -3.62 -8.54
C GLY A 22 11.69 -4.55 -7.88
N TYR A 23 10.72 -3.96 -7.22
CA TYR A 23 9.72 -4.69 -6.50
C TYR A 23 8.46 -4.96 -7.32
N PRO A 24 7.79 -6.08 -7.02
CA PRO A 24 6.49 -6.39 -7.57
C PRO A 24 5.42 -5.55 -6.87
N HIS A 25 4.21 -5.60 -7.37
CA HIS A 25 3.10 -4.87 -6.77
C HIS A 25 2.76 -5.51 -5.43
N TRP A 26 3.03 -4.79 -4.38
CA TRP A 26 2.91 -5.27 -3.01
C TRP A 26 1.61 -4.76 -2.40
N PRO A 27 0.86 -5.61 -1.69
CA PRO A 27 -0.36 -5.17 -1.00
C PRO A 27 -0.03 -4.16 0.12
N ALA A 28 -0.53 -2.97 -0.01
CA ALA A 28 -0.22 -1.91 0.89
C ALA A 28 -1.44 -1.02 1.01
N ARG A 29 -1.45 -0.14 1.96
CA ARG A 29 -2.59 0.73 2.12
C ARG A 29 -2.18 2.15 1.76
N VAL A 30 -3.15 2.97 1.46
CA VAL A 30 -2.91 4.40 1.31
C VAL A 30 -3.08 5.01 2.66
N ASP A 31 -2.03 5.54 3.17
CA ASP A 31 -1.98 6.07 4.48
C ASP A 31 -2.41 7.51 4.50
N GLU A 32 -2.53 8.04 5.67
CA GLU A 32 -2.83 9.41 5.85
C GLU A 32 -1.59 10.10 6.39
N VAL A 33 -1.57 11.39 6.36
CA VAL A 33 -0.41 12.09 6.81
C VAL A 33 -0.59 12.58 8.26
N PRO A 34 0.22 12.05 9.16
CA PRO A 34 0.15 12.38 10.58
C PRO A 34 0.99 13.58 10.94
N ASP A 35 0.72 14.11 12.11
CA ASP A 35 1.54 15.15 12.66
C ASP A 35 2.83 14.48 13.12
N GLY A 36 3.92 15.15 12.94
CA GLY A 36 5.18 14.57 13.30
C GLY A 36 5.91 14.08 12.07
N ALA A 37 5.19 13.93 10.97
CA ALA A 37 5.80 13.59 9.70
C ALA A 37 6.69 14.76 9.26
N VAL A 38 7.99 14.59 9.42
CA VAL A 38 8.98 15.65 9.17
C VAL A 38 9.14 15.99 7.70
N LYS A 39 8.74 15.11 6.80
CA LYS A 39 8.89 15.38 5.42
C LYS A 39 7.53 15.67 4.76
N PRO A 40 7.44 16.78 4.03
CA PRO A 40 6.20 17.22 3.39
C PRO A 40 5.73 16.31 2.22
N PRO A 41 4.49 16.56 1.70
CA PRO A 41 3.96 15.86 0.53
C PRO A 41 4.92 16.01 -0.66
N THR A 42 5.18 14.92 -1.30
CA THR A 42 6.14 14.86 -2.39
C THR A 42 5.39 14.64 -3.72
N ASN A 43 4.06 14.75 -3.62
CA ASN A 43 3.08 14.43 -4.70
C ASN A 43 2.88 12.93 -4.76
N LYS A 44 3.46 12.30 -3.77
CA LYS A 44 3.34 10.92 -3.52
C LYS A 44 2.58 10.77 -2.23
N LEU A 45 1.94 9.68 -2.12
CA LEU A 45 1.11 9.35 -0.97
C LEU A 45 1.94 8.50 -0.03
N PRO A 46 1.63 8.51 1.26
CA PRO A 46 2.28 7.61 2.20
C PRO A 46 1.73 6.19 2.01
N ILE A 47 2.61 5.24 1.82
CA ILE A 47 2.20 3.87 1.54
C ILE A 47 2.84 2.89 2.53
N PHE A 48 2.04 2.35 3.38
CA PHE A 48 2.43 1.35 4.35
C PHE A 48 2.25 -0.03 3.76
N PHE A 49 3.35 -0.75 3.65
CA PHE A 49 3.33 -2.11 3.15
C PHE A 49 2.86 -3.07 4.21
N PHE A 50 1.90 -3.86 3.87
CA PHE A 50 1.39 -4.86 4.78
C PHE A 50 2.35 -6.05 4.83
N GLY A 51 2.35 -6.72 5.95
CA GLY A 51 3.14 -7.92 6.19
C GLY A 51 4.58 -7.66 6.55
N THR A 52 5.08 -6.52 6.21
CA THR A 52 6.41 -6.16 6.62
C THR A 52 6.38 -4.92 7.45
N HIS A 53 5.31 -4.13 7.28
CA HIS A 53 5.11 -2.89 7.99
C HIS A 53 6.12 -1.83 7.54
N GLU A 54 6.65 -2.03 6.32
CA GLU A 54 7.56 -1.10 5.67
C GLU A 54 6.74 0.09 5.17
N THR A 55 7.38 1.13 4.73
CA THR A 55 6.66 2.28 4.25
C THR A 55 7.37 2.88 3.04
N ALA A 56 6.59 3.39 2.14
CA ALA A 56 7.08 4.03 0.92
C ALA A 56 6.25 5.25 0.63
N PHE A 57 6.59 5.92 -0.46
CA PHE A 57 5.83 7.04 -0.96
C PHE A 57 5.64 6.87 -2.42
N LEU A 58 4.43 6.62 -2.78
CA LEU A 58 4.04 6.40 -4.13
C LEU A 58 2.80 7.19 -4.36
N GLY A 59 2.64 7.72 -5.52
CA GLY A 59 1.53 8.57 -5.78
C GLY A 59 0.33 7.79 -6.13
N PRO A 60 -0.80 8.44 -6.34
CA PRO A 60 -2.06 7.75 -6.62
C PRO A 60 -2.04 7.01 -7.95
N LYS A 61 -1.10 7.36 -8.80
CA LYS A 61 -1.02 6.73 -10.08
C LYS A 61 0.07 5.64 -10.07
N ASP A 62 0.77 5.51 -8.94
CA ASP A 62 1.84 4.49 -8.78
C ASP A 62 1.25 3.28 -8.08
N ILE A 63 0.04 3.45 -7.60
CA ILE A 63 -0.64 2.42 -6.85
C ILE A 63 -1.87 1.93 -7.58
N PHE A 64 -2.22 0.71 -7.32
CA PHE A 64 -3.33 0.07 -7.96
C PHE A 64 -4.26 -0.46 -6.90
N PRO A 65 -5.55 -0.20 -7.01
CA PRO A 65 -6.53 -0.58 -5.99
C PRO A 65 -6.73 -2.08 -5.89
N TYR A 66 -6.68 -2.57 -4.64
CA TYR A 66 -6.84 -3.99 -4.31
C TYR A 66 -8.12 -4.56 -4.93
N SER A 67 -9.17 -3.80 -4.84
CA SER A 67 -10.45 -4.25 -5.30
C SER A 67 -10.47 -4.49 -6.83
N GLU A 68 -9.78 -3.66 -7.55
CA GLU A 68 -9.79 -3.73 -9.00
C GLU A 68 -8.58 -4.51 -9.54
N ASN A 69 -7.65 -4.87 -8.67
CA ASN A 69 -6.43 -5.54 -9.11
C ASN A 69 -6.09 -6.76 -8.26
N LYS A 70 -7.06 -7.28 -7.50
CA LYS A 70 -6.76 -8.42 -6.58
C LYS A 70 -6.42 -9.67 -7.37
N GLU A 71 -7.08 -9.85 -8.49
CA GLU A 71 -6.90 -10.96 -9.38
C GLU A 71 -5.49 -10.91 -9.95
N LYS A 72 -5.09 -9.70 -10.17
CA LYS A 72 -3.85 -9.39 -10.80
C LYS A 72 -2.68 -9.58 -9.88
N TYR A 73 -2.69 -8.87 -8.80
CA TYR A 73 -1.51 -8.81 -7.96
C TYR A 73 -1.69 -9.48 -6.62
N GLY A 74 -2.87 -10.00 -6.37
CA GLY A 74 -3.14 -10.61 -5.08
C GLY A 74 -2.69 -12.04 -4.98
N LYS A 75 -1.49 -12.31 -5.44
CA LYS A 75 -0.94 -13.62 -5.33
C LYS A 75 0.49 -13.59 -4.78
N PRO A 76 0.87 -14.60 -3.96
CA PRO A 76 2.14 -14.66 -3.23
C PRO A 76 3.41 -14.40 -4.03
N ASN A 77 4.41 -14.02 -3.30
CA ASN A 77 5.69 -13.76 -3.86
C ASN A 77 6.73 -14.48 -3.03
N LYS A 78 7.97 -14.32 -3.39
CA LYS A 78 9.07 -14.94 -2.69
C LYS A 78 9.57 -14.02 -1.60
N ARG A 79 9.22 -12.73 -1.71
CA ARG A 79 9.54 -11.79 -0.72
C ARG A 79 8.80 -12.13 0.56
N LYS A 80 9.52 -12.48 1.58
CA LYS A 80 8.92 -12.73 2.86
C LYS A 80 8.30 -11.44 3.37
N GLY A 81 7.08 -11.52 3.84
CA GLY A 81 6.36 -10.39 4.23
C GLY A 81 5.25 -10.12 3.24
N PHE A 82 5.44 -10.60 2.01
CA PHE A 82 4.45 -10.41 0.96
C PHE A 82 3.30 -11.36 1.22
N ASN A 83 3.66 -12.56 1.68
CA ASN A 83 2.70 -13.62 1.94
C ASN A 83 1.82 -13.17 3.10
N GLU A 84 2.52 -12.72 4.11
CA GLU A 84 1.96 -12.24 5.33
C GLU A 84 1.14 -10.97 5.08
N GLY A 85 1.64 -10.12 4.20
CA GLY A 85 0.98 -8.87 3.88
C GLY A 85 -0.25 -9.07 3.08
N LEU A 86 -0.24 -10.06 2.22
CA LEU A 86 -1.37 -10.42 1.44
C LEU A 86 -2.48 -10.87 2.38
N TRP A 87 -2.07 -11.47 3.47
CA TRP A 87 -2.98 -11.88 4.50
C TRP A 87 -3.46 -10.67 5.30
N GLU A 88 -2.52 -9.82 5.76
CA GLU A 88 -2.87 -8.63 6.54
C GLU A 88 -3.86 -7.76 5.84
N ILE A 89 -3.64 -7.48 4.57
CA ILE A 89 -4.48 -6.53 3.87
C ILE A 89 -5.90 -7.07 3.67
N ASP A 90 -6.03 -8.37 3.71
CA ASP A 90 -7.27 -9.01 3.46
C ASP A 90 -8.02 -9.22 4.76
N ASN A 91 -7.30 -9.63 5.79
CA ASN A 91 -7.95 -10.00 7.07
C ASN A 91 -7.91 -8.87 8.06
N ASN A 92 -6.81 -8.19 8.11
CA ASN A 92 -6.68 -7.11 9.07
C ASN A 92 -6.08 -5.85 8.44
N PRO A 93 -6.76 -5.22 7.44
CA PRO A 93 -6.24 -4.01 6.73
C PRO A 93 -6.19 -2.78 7.65
N LYS A 94 -6.73 -2.97 8.83
CA LYS A 94 -6.85 -1.94 9.84
C LYS A 94 -5.77 -2.14 10.90
N VAL A 95 -4.72 -2.88 10.55
CA VAL A 95 -3.63 -3.12 11.47
C VAL A 95 -2.81 -1.83 11.66
N LYS A 96 -2.38 -1.61 12.88
CA LYS A 96 -1.62 -0.46 13.23
C LYS A 96 -0.18 -0.55 12.72
N PHE A 97 0.37 0.62 12.36
CA PHE A 97 1.74 0.80 11.81
C PHE A 97 2.77 0.02 12.62
N SER A 98 2.95 0.41 13.84
CA SER A 98 3.86 -0.24 14.74
C SER A 98 3.03 -0.94 15.79
N MET A 6 -11.17 2.34 -11.81
CA MET A 6 -12.15 3.41 -11.63
C MET A 6 -11.45 4.73 -11.86
N ALA A 7 -12.23 5.78 -11.96
CA ALA A 7 -11.69 7.11 -12.07
C ALA A 7 -11.72 7.69 -10.69
N ARG A 8 -10.84 7.19 -9.90
CA ARG A 8 -10.76 7.49 -8.50
C ARG A 8 -9.45 8.17 -8.14
N ASP A 9 -9.38 8.55 -6.90
CA ASP A 9 -8.22 9.14 -6.28
C ASP A 9 -7.96 8.31 -5.03
N PHE A 10 -6.79 8.40 -4.48
CA PHE A 10 -6.38 7.53 -3.40
C PHE A 10 -6.40 8.29 -2.11
N LYS A 11 -7.19 7.82 -1.17
CA LYS A 11 -7.29 8.49 0.09
C LYS A 11 -6.77 7.58 1.19
N PRO A 12 -6.28 8.16 2.31
CA PRO A 12 -5.80 7.38 3.45
C PRO A 12 -6.83 6.37 3.94
N GLY A 13 -6.37 5.16 4.19
CA GLY A 13 -7.23 4.12 4.64
C GLY A 13 -7.49 3.09 3.58
N ASP A 14 -7.36 3.52 2.33
CA ASP A 14 -7.63 2.65 1.18
C ASP A 14 -6.56 1.60 0.98
N LEU A 15 -6.99 0.50 0.44
CA LEU A 15 -6.19 -0.65 0.21
C LEU A 15 -5.75 -0.69 -1.22
N ILE A 16 -4.48 -0.83 -1.41
CA ILE A 16 -3.90 -0.77 -2.72
C ILE A 16 -2.80 -1.81 -2.90
N PHE A 17 -2.18 -1.70 -4.02
CA PHE A 17 -1.01 -2.43 -4.38
C PHE A 17 0.01 -1.41 -4.78
N ALA A 18 1.12 -1.47 -4.14
CA ALA A 18 2.15 -0.51 -4.32
C ALA A 18 3.30 -1.11 -5.06
N LYS A 19 3.75 -0.43 -6.05
CA LYS A 19 4.80 -0.92 -6.85
C LYS A 19 6.05 -0.04 -6.66
N MET A 20 7.12 -0.67 -6.25
CA MET A 20 8.42 -0.02 -6.11
C MET A 20 9.35 -0.55 -7.17
N LYS A 21 10.38 0.20 -7.50
CA LYS A 21 11.32 -0.20 -8.52
C LYS A 21 12.11 -1.43 -8.05
N GLY A 22 11.95 -2.54 -8.75
CA GLY A 22 12.64 -3.77 -8.40
C GLY A 22 11.77 -4.68 -7.57
N TYR A 23 10.59 -4.20 -7.26
CA TYR A 23 9.65 -4.94 -6.46
C TYR A 23 8.36 -5.14 -7.23
N PRO A 24 7.63 -6.21 -6.92
CA PRO A 24 6.34 -6.45 -7.52
C PRO A 24 5.29 -5.55 -6.86
N HIS A 25 4.11 -5.52 -7.41
CA HIS A 25 3.03 -4.77 -6.82
C HIS A 25 2.68 -5.42 -5.48
N TRP A 26 2.99 -4.75 -4.42
CA TRP A 26 2.90 -5.27 -3.08
C TRP A 26 1.61 -4.79 -2.43
N PRO A 27 0.90 -5.65 -1.69
CA PRO A 27 -0.31 -5.24 -0.99
C PRO A 27 0.03 -4.19 0.08
N ALA A 28 -0.53 -3.02 -0.07
CA ALA A 28 -0.23 -1.93 0.79
C ALA A 28 -1.46 -1.12 1.08
N ARG A 29 -1.36 -0.26 2.04
CA ARG A 29 -2.43 0.62 2.43
C ARG A 29 -1.95 2.06 2.35
N VAL A 30 -2.80 2.96 1.90
CA VAL A 30 -2.47 4.37 1.89
C VAL A 30 -2.65 4.87 3.32
N ASP A 31 -1.64 5.47 3.88
CA ASP A 31 -1.70 5.90 5.27
C ASP A 31 -2.16 7.35 5.35
N GLU A 32 -2.44 7.83 6.53
CA GLU A 32 -2.91 9.18 6.71
C GLU A 32 -1.84 10.12 7.18
N VAL A 33 -1.68 11.18 6.42
CA VAL A 33 -0.76 12.24 6.71
C VAL A 33 -1.41 13.18 7.74
N PRO A 34 -0.68 13.57 8.80
CA PRO A 34 -1.23 14.45 9.83
C PRO A 34 -1.42 15.87 9.34
N ASP A 35 -2.50 16.48 9.76
CA ASP A 35 -2.72 17.88 9.49
C ASP A 35 -1.80 18.66 10.39
N GLY A 36 -1.37 19.80 9.94
CA GLY A 36 -0.43 20.56 10.69
C GLY A 36 1.01 20.19 10.35
N ALA A 37 1.16 19.17 9.48
CA ALA A 37 2.46 18.78 8.97
C ALA A 37 3.15 19.96 8.29
N VAL A 38 4.28 20.38 8.87
CA VAL A 38 5.06 21.51 8.36
C VAL A 38 5.62 21.27 6.95
N LYS A 39 5.72 20.02 6.57
CA LYS A 39 6.06 19.64 5.24
C LYS A 39 4.83 19.07 4.56
N PRO A 40 4.39 19.70 3.47
CA PRO A 40 3.23 19.24 2.71
C PRO A 40 3.57 17.98 1.88
N PRO A 41 2.55 17.28 1.35
CA PRO A 41 2.76 16.09 0.54
C PRO A 41 3.70 16.36 -0.64
N THR A 42 4.68 15.50 -0.76
CA THR A 42 5.77 15.58 -1.72
C THR A 42 5.32 15.23 -3.16
N ASN A 43 4.01 15.10 -3.36
CA ASN A 43 3.33 14.64 -4.61
C ASN A 43 3.21 13.15 -4.61
N LYS A 44 3.54 12.61 -3.49
CA LYS A 44 3.46 11.22 -3.23
C LYS A 44 2.65 10.95 -2.01
N LEU A 45 2.24 9.73 -1.90
CA LEU A 45 1.38 9.31 -0.82
C LEU A 45 2.13 8.35 0.08
N PRO A 46 1.84 8.35 1.39
CA PRO A 46 2.46 7.41 2.32
C PRO A 46 1.86 6.02 2.11
N ILE A 47 2.69 5.07 1.82
CA ILE A 47 2.24 3.75 1.49
C ILE A 47 2.77 2.75 2.50
N PHE A 48 1.91 2.21 3.29
CA PHE A 48 2.27 1.25 4.31
C PHE A 48 2.18 -0.16 3.75
N PHE A 49 3.30 -0.86 3.73
CA PHE A 49 3.31 -2.24 3.20
C PHE A 49 2.87 -3.24 4.24
N PHE A 50 2.01 -4.13 3.83
CA PHE A 50 1.58 -5.21 4.69
C PHE A 50 2.62 -6.31 4.64
N GLY A 51 2.70 -7.07 5.71
CA GLY A 51 3.61 -8.20 5.82
C GLY A 51 5.02 -7.80 6.19
N THR A 52 5.36 -6.55 5.98
CA THR A 52 6.66 -6.08 6.37
C THR A 52 6.53 -4.97 7.39
N HIS A 53 5.35 -4.31 7.40
CA HIS A 53 5.05 -3.19 8.32
C HIS A 53 5.92 -1.99 8.02
N GLU A 54 6.36 -1.91 6.78
CA GLU A 54 7.20 -0.85 6.30
C GLU A 54 6.38 0.21 5.61
N THR A 55 6.99 1.28 5.20
CA THR A 55 6.27 2.34 4.56
C THR A 55 7.14 2.96 3.46
N ALA A 56 6.50 3.32 2.40
CA ALA A 56 7.13 3.93 1.25
C ALA A 56 6.36 5.16 0.84
N PHE A 57 6.85 5.83 -0.18
CA PHE A 57 6.20 6.98 -0.73
C PHE A 57 6.17 6.84 -2.23
N LEU A 58 5.01 6.62 -2.77
CA LEU A 58 4.86 6.42 -4.18
C LEU A 58 3.84 7.39 -4.71
N GLY A 59 3.83 7.57 -6.01
CA GLY A 59 2.88 8.45 -6.59
C GLY A 59 1.58 7.74 -6.83
N PRO A 60 0.48 8.47 -7.04
CA PRO A 60 -0.85 7.87 -7.28
C PRO A 60 -0.90 7.04 -8.55
N LYS A 61 0.08 7.22 -9.39
CA LYS A 61 0.21 6.49 -10.62
C LYS A 61 1.14 5.29 -10.50
N ASP A 62 1.59 5.06 -9.31
CA ASP A 62 2.46 3.91 -9.02
C ASP A 62 1.77 2.93 -8.12
N ILE A 63 0.55 3.24 -7.79
CA ILE A 63 -0.26 2.43 -6.94
C ILE A 63 -1.58 2.14 -7.60
N PHE A 64 -2.15 1.02 -7.29
CA PHE A 64 -3.40 0.62 -7.86
C PHE A 64 -4.28 0.06 -6.75
N PRO A 65 -5.59 0.31 -6.76
CA PRO A 65 -6.51 -0.14 -5.71
C PRO A 65 -6.63 -1.65 -5.64
N TYR A 66 -6.64 -2.17 -4.42
CA TYR A 66 -6.78 -3.60 -4.15
C TYR A 66 -8.05 -4.12 -4.78
N SER A 67 -9.10 -3.35 -4.65
CA SER A 67 -10.42 -3.74 -5.10
C SER A 67 -10.43 -4.16 -6.59
N GLU A 68 -9.75 -3.39 -7.42
CA GLU A 68 -9.75 -3.65 -8.86
C GLU A 68 -8.55 -4.49 -9.29
N ASN A 69 -7.54 -4.57 -8.47
CA ASN A 69 -6.31 -5.21 -8.87
C ASN A 69 -5.98 -6.44 -8.06
N LYS A 70 -6.92 -6.89 -7.24
CA LYS A 70 -6.66 -8.04 -6.38
C LYS A 70 -6.51 -9.32 -7.19
N GLU A 71 -7.27 -9.42 -8.25
CA GLU A 71 -7.24 -10.61 -9.10
C GLU A 71 -5.95 -10.60 -9.90
N LYS A 72 -5.40 -9.42 -10.04
CA LYS A 72 -4.20 -9.21 -10.81
C LYS A 72 -2.98 -9.51 -9.98
N TYR A 73 -2.84 -8.80 -8.90
CA TYR A 73 -1.62 -8.82 -8.14
C TYR A 73 -1.75 -9.61 -6.85
N GLY A 74 -2.96 -10.01 -6.53
CA GLY A 74 -3.21 -10.73 -5.29
C GLY A 74 -2.84 -12.20 -5.38
N LYS A 75 -1.64 -12.46 -5.82
CA LYS A 75 -1.13 -13.80 -5.88
C LYS A 75 0.26 -13.84 -5.28
N PRO A 76 0.52 -14.82 -4.41
CA PRO A 76 1.74 -14.87 -3.65
C PRO A 76 3.01 -15.08 -4.45
N ASN A 77 3.95 -14.21 -4.19
CA ASN A 77 5.29 -14.32 -4.76
C ASN A 77 6.12 -15.06 -3.76
N LYS A 78 7.39 -15.13 -3.96
CA LYS A 78 8.22 -15.66 -2.91
C LYS A 78 9.07 -14.58 -2.29
N ARG A 79 8.50 -13.39 -2.34
CA ARG A 79 9.04 -12.25 -1.63
C ARG A 79 8.54 -12.38 -0.19
N LYS A 80 9.43 -12.37 0.78
CA LYS A 80 8.99 -12.41 2.16
C LYS A 80 8.26 -11.13 2.50
N GLY A 81 7.19 -11.25 3.25
CA GLY A 81 6.37 -10.13 3.57
C GLY A 81 5.20 -10.02 2.63
N PHE A 82 5.35 -10.55 1.43
CA PHE A 82 4.32 -10.46 0.43
C PHE A 82 3.19 -11.44 0.76
N ASN A 83 3.57 -12.67 1.08
CA ASN A 83 2.59 -13.75 1.41
C ASN A 83 1.90 -13.39 2.72
N GLU A 84 2.68 -12.85 3.60
CA GLU A 84 2.26 -12.45 4.91
C GLU A 84 1.39 -11.20 4.82
N GLY A 85 1.74 -10.33 3.88
CA GLY A 85 0.99 -9.12 3.65
C GLY A 85 -0.36 -9.38 3.05
N LEU A 86 -0.44 -10.41 2.22
CA LEU A 86 -1.73 -10.82 1.66
C LEU A 86 -2.66 -11.23 2.78
N TRP A 87 -2.10 -11.88 3.79
CA TRP A 87 -2.85 -12.27 4.93
C TRP A 87 -3.30 -11.03 5.70
N GLU A 88 -2.39 -10.11 5.91
CA GLU A 88 -2.70 -8.89 6.63
C GLU A 88 -3.77 -8.05 5.94
N ILE A 89 -3.68 -7.90 4.64
CA ILE A 89 -4.61 -7.02 3.93
C ILE A 89 -6.03 -7.62 3.89
N ASP A 90 -6.11 -8.92 3.80
CA ASP A 90 -7.39 -9.62 3.72
C ASP A 90 -7.98 -9.96 5.09
N ASN A 91 -7.21 -9.71 6.16
CA ASN A 91 -7.68 -10.03 7.52
C ASN A 91 -7.66 -8.80 8.43
N ASN A 92 -6.55 -8.13 8.47
CA ASN A 92 -6.43 -6.94 9.32
C ASN A 92 -5.96 -5.74 8.49
N PRO A 93 -6.77 -5.22 7.56
CA PRO A 93 -6.37 -4.13 6.65
C PRO A 93 -6.33 -2.78 7.36
N LYS A 94 -6.78 -2.79 8.58
CA LYS A 94 -6.86 -1.63 9.39
C LYS A 94 -5.60 -1.49 10.24
N VAL A 95 -4.57 -2.24 9.88
CA VAL A 95 -3.32 -2.12 10.56
C VAL A 95 -2.45 -1.04 9.88
N LYS A 96 -1.65 -0.36 10.65
CA LYS A 96 -0.74 0.63 10.14
C LYS A 96 0.52 0.59 10.95
N PHE A 97 1.35 1.66 10.86
CA PHE A 97 2.65 1.81 11.59
C PHE A 97 2.70 1.10 12.93
N SER A 98 3.39 -0.01 12.94
CA SER A 98 3.56 -0.80 14.10
C SER A 98 4.75 -1.73 13.86
N MET A 6 -9.78 0.92 -12.01
CA MET A 6 -9.91 2.31 -12.39
C MET A 6 -8.58 2.96 -12.19
N ALA A 7 -8.48 4.20 -12.57
CA ALA A 7 -7.33 5.03 -12.32
C ALA A 7 -7.91 6.29 -11.75
N ARG A 8 -8.16 6.23 -10.48
CA ARG A 8 -8.87 7.26 -9.79
C ARG A 8 -8.06 7.85 -8.64
N ASP A 9 -8.77 8.36 -7.64
CA ASP A 9 -8.21 8.98 -6.48
C ASP A 9 -7.80 7.92 -5.49
N PHE A 10 -6.88 8.28 -4.65
CA PHE A 10 -6.40 7.42 -3.63
C PHE A 10 -6.34 8.25 -2.36
N LYS A 11 -6.85 7.71 -1.30
CA LYS A 11 -6.95 8.41 -0.05
C LYS A 11 -6.51 7.51 1.10
N PRO A 12 -6.00 8.10 2.20
CA PRO A 12 -5.62 7.34 3.39
C PRO A 12 -6.74 6.39 3.81
N GLY A 13 -6.42 5.12 3.87
CA GLY A 13 -7.39 4.15 4.22
C GLY A 13 -7.70 3.17 3.11
N ASP A 14 -7.59 3.56 1.84
CA ASP A 14 -7.89 2.61 0.76
C ASP A 14 -6.77 1.63 0.49
N LEU A 15 -7.18 0.44 0.10
CA LEU A 15 -6.29 -0.67 -0.13
C LEU A 15 -5.85 -0.70 -1.55
N ILE A 16 -4.58 -0.79 -1.74
CA ILE A 16 -3.98 -0.70 -3.02
C ILE A 16 -2.83 -1.70 -3.19
N PHE A 17 -2.17 -1.55 -4.30
CA PHE A 17 -0.97 -2.22 -4.62
C PHE A 17 0.06 -1.17 -4.86
N ALA A 18 1.17 -1.34 -4.27
CA ALA A 18 2.24 -0.43 -4.39
C ALA A 18 3.32 -1.04 -5.21
N LYS A 19 3.69 -0.36 -6.24
CA LYS A 19 4.68 -0.83 -7.10
C LYS A 19 5.95 0.01 -6.94
N MET A 20 7.03 -0.64 -6.57
CA MET A 20 8.33 -0.01 -6.46
C MET A 20 9.27 -0.61 -7.48
N LYS A 21 10.31 0.12 -7.83
CA LYS A 21 11.27 -0.35 -8.81
C LYS A 21 12.03 -1.57 -8.26
N GLY A 22 11.88 -2.70 -8.93
CA GLY A 22 12.58 -3.92 -8.53
C GLY A 22 11.71 -4.80 -7.66
N TYR A 23 10.54 -4.30 -7.36
CA TYR A 23 9.59 -4.99 -6.55
C TYR A 23 8.32 -5.20 -7.33
N PRO A 24 7.57 -6.26 -7.02
CA PRO A 24 6.29 -6.50 -7.65
C PRO A 24 5.23 -5.60 -7.02
N HIS A 25 4.06 -5.57 -7.61
CA HIS A 25 2.97 -4.83 -7.02
C HIS A 25 2.65 -5.45 -5.65
N TRP A 26 2.94 -4.72 -4.61
CA TRP A 26 2.87 -5.22 -3.25
C TRP A 26 1.56 -4.75 -2.63
N PRO A 27 0.85 -5.60 -1.89
CA PRO A 27 -0.37 -5.20 -1.20
C PRO A 27 -0.06 -4.13 -0.15
N ALA A 28 -0.61 -2.96 -0.32
CA ALA A 28 -0.33 -1.86 0.52
C ALA A 28 -1.58 -1.05 0.74
N ARG A 29 -1.52 -0.16 1.67
CA ARG A 29 -2.63 0.73 1.92
C ARG A 29 -2.10 2.14 1.84
N VAL A 30 -2.92 3.07 1.40
CA VAL A 30 -2.54 4.45 1.50
C VAL A 30 -2.65 4.78 2.98
N ASP A 31 -1.54 5.15 3.57
CA ASP A 31 -1.46 5.33 5.01
C ASP A 31 -1.94 6.73 5.38
N GLU A 32 -2.08 7.02 6.65
CA GLU A 32 -2.63 8.29 7.05
C GLU A 32 -1.58 9.20 7.66
N VAL A 33 -1.62 10.44 7.24
CA VAL A 33 -0.72 11.45 7.73
C VAL A 33 -1.33 12.03 8.98
N PRO A 34 -0.59 12.01 10.08
CA PRO A 34 -1.08 12.53 11.31
C PRO A 34 -1.15 14.05 11.32
N ASP A 35 -2.21 14.58 11.92
CA ASP A 35 -2.33 16.00 12.09
C ASP A 35 -1.31 16.45 13.10
N GLY A 36 -0.81 17.64 12.94
CA GLY A 36 0.22 18.12 13.80
C GLY A 36 1.59 17.87 13.21
N ALA A 37 1.67 16.98 12.23
CA ALA A 37 2.92 16.70 11.55
C ALA A 37 3.39 17.91 10.76
N VAL A 38 4.54 18.43 11.12
CA VAL A 38 5.13 19.59 10.47
C VAL A 38 5.81 19.24 9.14
N LYS A 39 5.77 17.98 8.79
CA LYS A 39 6.27 17.51 7.54
C LYS A 39 5.10 17.23 6.60
N PRO A 40 5.05 17.95 5.47
CA PRO A 40 4.00 17.77 4.48
C PRO A 40 4.31 16.59 3.54
N PRO A 41 3.31 16.11 2.76
CA PRO A 41 3.52 15.03 1.80
C PRO A 41 4.60 15.38 0.76
N THR A 42 5.34 14.38 0.38
CA THR A 42 6.48 14.48 -0.53
C THR A 42 6.04 14.69 -2.01
N ASN A 43 4.75 14.94 -2.21
CA ASN A 43 4.05 15.05 -3.54
C ASN A 43 3.62 13.68 -3.98
N LYS A 44 3.76 12.79 -3.05
CA LYS A 44 3.39 11.42 -3.20
C LYS A 44 2.59 11.01 -2.02
N LEU A 45 2.02 9.86 -2.11
CA LEU A 45 1.15 9.35 -1.08
C LEU A 45 1.92 8.40 -0.20
N PRO A 46 1.65 8.43 1.13
CA PRO A 46 2.26 7.49 2.07
C PRO A 46 1.68 6.10 1.84
N ILE A 47 2.52 5.17 1.58
CA ILE A 47 2.11 3.83 1.26
C ILE A 47 2.61 2.88 2.32
N PHE A 48 1.70 2.26 3.00
CA PHE A 48 2.03 1.32 4.06
C PHE A 48 2.04 -0.07 3.48
N PHE A 49 3.18 -0.70 3.48
CA PHE A 49 3.30 -2.08 2.99
C PHE A 49 2.87 -3.07 4.04
N PHE A 50 2.00 -3.96 3.67
CA PHE A 50 1.58 -5.00 4.55
C PHE A 50 2.63 -6.11 4.57
N GLY A 51 2.73 -6.80 5.68
CA GLY A 51 3.66 -7.89 5.86
C GLY A 51 5.07 -7.45 6.19
N THR A 52 5.40 -6.22 5.89
CA THR A 52 6.68 -5.69 6.26
C THR A 52 6.52 -4.49 7.18
N HIS A 53 5.34 -3.85 7.10
CA HIS A 53 4.99 -2.64 7.90
C HIS A 53 5.83 -1.44 7.51
N GLU A 54 6.49 -1.55 6.38
CA GLU A 54 7.29 -0.49 5.84
C GLU A 54 6.41 0.56 5.22
N THR A 55 6.96 1.70 4.99
CA THR A 55 6.22 2.76 4.40
C THR A 55 7.01 3.39 3.27
N ALA A 56 6.34 3.64 2.21
CA ALA A 56 6.93 4.23 1.03
C ALA A 56 6.13 5.42 0.60
N PHE A 57 6.57 6.07 -0.44
CA PHE A 57 5.89 7.18 -1.03
C PHE A 57 5.86 7.00 -2.52
N LEU A 58 4.70 6.75 -3.04
CA LEU A 58 4.53 6.53 -4.45
C LEU A 58 3.48 7.49 -4.96
N GLY A 59 3.47 7.72 -6.25
CA GLY A 59 2.51 8.59 -6.82
C GLY A 59 1.27 7.82 -7.16
N PRO A 60 0.16 8.50 -7.47
CA PRO A 60 -1.13 7.84 -7.80
C PRO A 60 -1.07 7.05 -9.11
N LYS A 61 0.03 7.19 -9.79
CA LYS A 61 0.26 6.49 -11.03
C LYS A 61 1.09 5.23 -10.81
N ASP A 62 1.51 5.05 -9.61
CA ASP A 62 2.38 3.92 -9.28
C ASP A 62 1.72 2.97 -8.34
N ILE A 63 0.47 3.24 -8.09
CA ILE A 63 -0.34 2.47 -7.21
C ILE A 63 -1.65 2.18 -7.90
N PHE A 64 -2.24 1.07 -7.57
CA PHE A 64 -3.49 0.65 -8.15
C PHE A 64 -4.32 0.01 -7.07
N PRO A 65 -5.64 0.14 -7.10
CA PRO A 65 -6.53 -0.41 -6.05
C PRO A 65 -6.46 -1.90 -5.92
N TYR A 66 -6.34 -2.34 -4.69
CA TYR A 66 -6.20 -3.75 -4.35
C TYR A 66 -7.43 -4.52 -4.75
N SER A 67 -8.58 -3.90 -4.58
CA SER A 67 -9.84 -4.54 -4.88
C SER A 67 -9.97 -4.86 -6.37
N GLU A 68 -9.50 -3.95 -7.22
CA GLU A 68 -9.62 -4.14 -8.65
C GLU A 68 -8.44 -4.88 -9.23
N ASN A 69 -7.41 -5.14 -8.42
CA ASN A 69 -6.22 -5.83 -8.88
C ASN A 69 -5.92 -7.07 -8.03
N LYS A 70 -6.87 -7.51 -7.21
CA LYS A 70 -6.67 -8.69 -6.36
C LYS A 70 -6.57 -9.94 -7.22
N GLU A 71 -7.29 -9.94 -8.29
CA GLU A 71 -7.27 -11.00 -9.21
C GLU A 71 -6.05 -10.95 -10.13
N LYS A 72 -5.46 -9.77 -10.23
CA LYS A 72 -4.30 -9.59 -11.07
C LYS A 72 -3.03 -9.87 -10.32
N TYR A 73 -2.81 -9.16 -9.26
CA TYR A 73 -1.54 -9.21 -8.55
C TYR A 73 -1.67 -9.82 -7.18
N GLY A 74 -2.88 -10.24 -6.83
CA GLY A 74 -3.11 -10.87 -5.55
C GLY A 74 -2.68 -12.33 -5.56
N LYS A 75 -1.43 -12.55 -5.90
CA LYS A 75 -0.85 -13.87 -5.96
C LYS A 75 0.43 -13.85 -5.16
N PRO A 76 0.57 -14.73 -4.18
CA PRO A 76 1.73 -14.72 -3.31
C PRO A 76 3.03 -15.01 -4.02
N ASN A 77 3.97 -14.13 -3.79
CA ASN A 77 5.33 -14.28 -4.32
C ASN A 77 6.14 -14.96 -3.28
N LYS A 78 7.40 -15.06 -3.47
CA LYS A 78 8.24 -15.54 -2.42
C LYS A 78 9.08 -14.42 -1.88
N ARG A 79 8.52 -13.22 -2.01
CA ARG A 79 9.05 -12.06 -1.35
C ARG A 79 8.54 -12.14 0.08
N LYS A 80 9.41 -12.04 1.06
CA LYS A 80 8.94 -12.11 2.43
C LYS A 80 8.12 -10.87 2.72
N GLY A 81 7.06 -11.02 3.48
CA GLY A 81 6.19 -9.93 3.75
C GLY A 81 5.04 -9.87 2.80
N PHE A 82 5.22 -10.42 1.61
CA PHE A 82 4.20 -10.37 0.60
C PHE A 82 3.06 -11.33 0.97
N ASN A 83 3.43 -12.53 1.40
CA ASN A 83 2.44 -13.58 1.78
C ASN A 83 1.75 -13.16 3.06
N GLU A 84 2.56 -12.66 3.97
CA GLU A 84 2.12 -12.20 5.27
C GLU A 84 1.21 -10.97 5.10
N GLY A 85 1.58 -10.13 4.14
CA GLY A 85 0.84 -8.94 3.85
C GLY A 85 -0.50 -9.21 3.25
N LEU A 86 -0.58 -10.26 2.43
CA LEU A 86 -1.87 -10.68 1.86
C LEU A 86 -2.83 -11.04 2.98
N TRP A 87 -2.30 -11.62 4.03
CA TRP A 87 -3.09 -11.94 5.19
C TRP A 87 -3.49 -10.65 5.92
N GLU A 88 -2.51 -9.78 6.16
CA GLU A 88 -2.78 -8.52 6.86
C GLU A 88 -3.80 -7.66 6.14
N ILE A 89 -3.68 -7.52 4.85
CA ILE A 89 -4.54 -6.61 4.10
C ILE A 89 -6.00 -7.09 4.05
N ASP A 90 -6.18 -8.40 4.05
CA ASP A 90 -7.52 -8.98 3.99
C ASP A 90 -8.12 -9.22 5.37
N ASN A 91 -7.32 -9.07 6.42
CA ASN A 91 -7.81 -9.31 7.78
C ASN A 91 -7.75 -8.07 8.63
N ASN A 92 -6.59 -7.47 8.71
CA ASN A 92 -6.42 -6.27 9.52
C ASN A 92 -5.79 -5.15 8.67
N PRO A 93 -6.58 -4.51 7.79
CA PRO A 93 -6.07 -3.45 6.86
C PRO A 93 -5.71 -2.15 7.59
N LYS A 94 -6.04 -2.11 8.85
CA LYS A 94 -5.83 -0.95 9.70
C LYS A 94 -4.66 -1.23 10.65
N VAL A 95 -3.83 -2.18 10.28
CA VAL A 95 -2.73 -2.61 11.12
C VAL A 95 -1.61 -1.56 11.36
N LYS A 96 -1.88 -0.65 12.24
CA LYS A 96 -0.84 0.21 12.77
C LYS A 96 -0.10 -0.69 13.74
N PHE A 97 -0.92 -1.36 14.51
CA PHE A 97 -0.56 -2.38 15.43
C PHE A 97 -1.54 -3.50 15.15
N SER A 98 -1.17 -4.73 15.34
CA SER A 98 -2.07 -5.78 15.02
C SER A 98 -2.81 -6.20 16.28
N MET A 6 -4.36 8.27 -10.34
CA MET A 6 -5.04 7.38 -11.29
C MET A 6 -6.17 8.19 -11.93
N ALA A 7 -7.04 7.53 -12.70
CA ALA A 7 -8.25 8.17 -13.29
C ALA A 7 -9.24 8.58 -12.17
N ARG A 8 -8.97 8.05 -11.01
CA ARG A 8 -9.66 8.38 -9.79
C ARG A 8 -8.51 8.51 -8.84
N ASP A 9 -8.61 9.18 -7.75
CA ASP A 9 -7.44 9.22 -6.93
C ASP A 9 -7.63 8.66 -5.56
N PHE A 10 -6.55 8.60 -4.82
CA PHE A 10 -6.49 7.86 -3.61
C PHE A 10 -6.48 8.75 -2.37
N LYS A 11 -6.96 8.20 -1.29
CA LYS A 11 -7.04 8.88 -0.03
C LYS A 11 -6.56 7.93 1.06
N PRO A 12 -6.16 8.45 2.23
CA PRO A 12 -5.77 7.61 3.37
C PRO A 12 -6.83 6.55 3.69
N GLY A 13 -6.40 5.30 3.67
CA GLY A 13 -7.31 4.23 3.96
C GLY A 13 -7.52 3.30 2.78
N ASP A 14 -7.27 3.78 1.55
CA ASP A 14 -7.46 2.94 0.36
C ASP A 14 -6.49 1.78 0.32
N LEU A 15 -7.03 0.60 0.12
CA LEU A 15 -6.25 -0.60 -0.03
C LEU A 15 -5.82 -0.70 -1.45
N ILE A 16 -4.55 -0.80 -1.64
CA ILE A 16 -3.99 -0.74 -2.94
C ILE A 16 -2.86 -1.73 -3.13
N PHE A 17 -2.27 -1.61 -4.26
CA PHE A 17 -1.08 -2.26 -4.62
C PHE A 17 -0.08 -1.21 -4.93
N ALA A 18 1.02 -1.31 -4.31
CA ALA A 18 2.07 -0.38 -4.44
C ALA A 18 3.19 -1.00 -5.20
N LYS A 19 3.54 -0.40 -6.28
CA LYS A 19 4.58 -0.88 -7.10
C LYS A 19 5.81 -0.01 -6.91
N MET A 20 6.88 -0.61 -6.45
CA MET A 20 8.14 0.07 -6.22
C MET A 20 9.12 -0.26 -7.31
N LYS A 21 10.12 0.57 -7.49
CA LYS A 21 11.13 0.33 -8.49
C LYS A 21 11.91 -0.92 -8.12
N GLY A 22 11.82 -1.94 -8.96
CA GLY A 22 12.54 -3.17 -8.73
C GLY A 22 11.68 -4.23 -8.06
N TYR A 23 10.48 -3.86 -7.64
CA TYR A 23 9.60 -4.77 -6.96
C TYR A 23 8.22 -4.81 -7.59
N PRO A 24 7.55 -5.97 -7.55
CA PRO A 24 6.20 -6.13 -8.07
C PRO A 24 5.17 -5.38 -7.22
N HIS A 25 3.96 -5.31 -7.72
CA HIS A 25 2.85 -4.67 -7.04
C HIS A 25 2.59 -5.37 -5.68
N TRP A 26 2.86 -4.68 -4.60
CA TRP A 26 2.73 -5.22 -3.25
C TRP A 26 1.45 -4.69 -2.64
N PRO A 27 0.66 -5.53 -1.94
CA PRO A 27 -0.54 -5.08 -1.27
C PRO A 27 -0.20 -4.10 -0.14
N ALA A 28 -0.66 -2.89 -0.27
CA ALA A 28 -0.32 -1.85 0.64
C ALA A 28 -1.52 -0.98 0.93
N ARG A 29 -1.41 -0.17 1.92
CA ARG A 29 -2.42 0.77 2.28
C ARG A 29 -1.93 2.16 1.96
N VAL A 30 -2.78 3.00 1.41
CA VAL A 30 -2.46 4.41 1.33
C VAL A 30 -2.66 4.88 2.73
N ASP A 31 -1.61 5.24 3.38
CA ASP A 31 -1.70 5.49 4.78
C ASP A 31 -2.11 6.92 5.09
N GLU A 32 -2.17 7.25 6.33
CA GLU A 32 -2.71 8.50 6.78
C GLU A 32 -1.64 9.50 7.20
N VAL A 33 -1.90 10.74 6.91
CA VAL A 33 -1.01 11.82 7.25
C VAL A 33 -1.61 12.55 8.41
N PRO A 34 -0.87 12.74 9.48
CA PRO A 34 -1.37 13.43 10.63
C PRO A 34 -1.53 14.92 10.39
N ASP A 35 -2.62 15.45 10.86
CA ASP A 35 -2.83 16.89 10.82
C ASP A 35 -1.89 17.53 11.82
N GLY A 36 -1.47 18.72 11.54
CA GLY A 36 -0.52 19.38 12.39
C GLY A 36 0.90 19.14 11.93
N ALA A 37 1.08 18.20 10.99
CA ALA A 37 2.38 17.93 10.41
C ALA A 37 2.89 19.14 9.62
N VAL A 38 3.78 19.90 10.24
CA VAL A 38 4.38 21.09 9.62
C VAL A 38 5.59 20.73 8.75
N LYS A 39 5.79 19.47 8.55
CA LYS A 39 6.83 19.00 7.71
C LYS A 39 6.26 18.68 6.35
N PRO A 40 6.87 19.21 5.26
CA PRO A 40 6.39 18.95 3.91
C PRO A 40 6.50 17.47 3.53
N PRO A 41 5.50 16.96 2.79
CA PRO A 41 5.48 15.56 2.38
C PRO A 41 6.46 15.28 1.24
N THR A 42 6.63 14.01 0.94
CA THR A 42 7.52 13.53 -0.08
C THR A 42 6.97 13.83 -1.52
N ASN A 43 5.87 14.60 -1.58
CA ASN A 43 5.16 14.97 -2.82
C ASN A 43 4.57 13.71 -3.44
N LYS A 44 4.33 12.76 -2.56
CA LYS A 44 3.80 11.47 -2.92
C LYS A 44 2.87 11.03 -1.84
N LEU A 45 2.31 9.87 -2.02
CA LEU A 45 1.38 9.33 -1.07
C LEU A 45 2.09 8.35 -0.15
N PRO A 46 1.75 8.37 1.15
CA PRO A 46 2.33 7.44 2.13
C PRO A 46 1.81 6.03 1.88
N ILE A 47 2.69 5.11 1.68
CA ILE A 47 2.33 3.76 1.38
C ILE A 47 2.83 2.83 2.47
N PHE A 48 1.95 2.16 3.10
CA PHE A 48 2.29 1.22 4.15
C PHE A 48 2.15 -0.20 3.62
N PHE A 49 3.24 -0.91 3.59
CA PHE A 49 3.23 -2.30 3.11
C PHE A 49 2.80 -3.28 4.17
N PHE A 50 1.94 -4.18 3.79
CA PHE A 50 1.47 -5.20 4.68
C PHE A 50 2.43 -6.37 4.70
N GLY A 51 2.46 -7.06 5.81
CA GLY A 51 3.26 -8.25 6.02
C GLY A 51 4.70 -7.96 6.36
N THR A 52 5.16 -6.79 6.03
CA THR A 52 6.50 -6.40 6.42
C THR A 52 6.45 -5.18 7.27
N HIS A 53 5.35 -4.42 7.13
CA HIS A 53 5.12 -3.17 7.83
C HIS A 53 6.12 -2.11 7.35
N GLU A 54 6.64 -2.30 6.13
CA GLU A 54 7.53 -1.37 5.47
C GLU A 54 6.72 -0.15 5.04
N THR A 55 7.37 0.90 4.74
CA THR A 55 6.67 2.08 4.33
C THR A 55 7.41 2.72 3.16
N ALA A 56 6.66 3.21 2.24
CA ALA A 56 7.19 3.84 1.05
C ALA A 56 6.35 5.04 0.68
N PHE A 57 6.77 5.72 -0.36
CA PHE A 57 6.07 6.84 -0.90
C PHE A 57 6.02 6.70 -2.40
N LEU A 58 4.85 6.59 -2.94
CA LEU A 58 4.70 6.42 -4.36
C LEU A 58 3.74 7.45 -4.90
N GLY A 59 3.68 7.56 -6.19
CA GLY A 59 2.79 8.48 -6.79
C GLY A 59 1.45 7.84 -7.05
N PRO A 60 0.41 8.62 -7.28
CA PRO A 60 -0.96 8.12 -7.54
C PRO A 60 -1.08 7.37 -8.87
N LYS A 61 0.00 7.39 -9.60
CA LYS A 61 0.11 6.69 -10.85
C LYS A 61 0.82 5.35 -10.69
N ASP A 62 1.33 5.11 -9.52
CA ASP A 62 2.11 3.91 -9.26
C ASP A 62 1.43 2.98 -8.33
N ILE A 63 0.22 3.33 -8.01
CA ILE A 63 -0.62 2.55 -7.13
C ILE A 63 -1.95 2.26 -7.79
N PHE A 64 -2.49 1.12 -7.48
CA PHE A 64 -3.74 0.66 -8.05
C PHE A 64 -4.55 -0.02 -6.95
N PRO A 65 -5.88 0.05 -6.98
CA PRO A 65 -6.76 -0.51 -5.93
C PRO A 65 -6.64 -2.00 -5.77
N TYR A 66 -6.50 -2.43 -4.51
CA TYR A 66 -6.34 -3.83 -4.17
C TYR A 66 -7.54 -4.62 -4.60
N SER A 67 -8.70 -4.05 -4.41
CA SER A 67 -9.96 -4.72 -4.68
C SER A 67 -10.08 -5.12 -6.15
N GLU A 68 -9.63 -4.25 -7.02
CA GLU A 68 -9.78 -4.43 -8.45
C GLU A 68 -8.55 -5.06 -9.08
N ASN A 69 -7.51 -5.26 -8.27
CA ASN A 69 -6.29 -5.88 -8.75
C ASN A 69 -5.91 -7.09 -7.90
N LYS A 70 -6.85 -7.59 -7.10
CA LYS A 70 -6.59 -8.73 -6.21
C LYS A 70 -6.41 -9.99 -7.04
N GLU A 71 -7.15 -10.08 -8.08
CA GLU A 71 -7.05 -11.16 -9.00
C GLU A 71 -5.81 -11.04 -9.89
N LYS A 72 -5.32 -9.82 -10.02
CA LYS A 72 -4.16 -9.56 -10.82
C LYS A 72 -2.88 -9.78 -10.07
N TYR A 73 -2.76 -9.13 -8.93
CA TYR A 73 -1.51 -9.15 -8.18
C TYR A 73 -1.66 -9.69 -6.77
N GLY A 74 -2.88 -9.99 -6.37
CA GLY A 74 -3.12 -10.50 -5.02
C GLY A 74 -2.82 -11.98 -4.90
N LYS A 75 -1.64 -12.36 -5.31
CA LYS A 75 -1.20 -13.73 -5.33
C LYS A 75 0.21 -13.83 -4.73
N PRO A 76 0.59 -15.01 -4.22
CA PRO A 76 1.89 -15.24 -3.56
C PRO A 76 3.10 -14.76 -4.33
N ASN A 77 4.12 -14.45 -3.58
CA ASN A 77 5.35 -13.98 -4.16
C ASN A 77 6.51 -14.66 -3.47
N LYS A 78 7.70 -14.25 -3.79
CA LYS A 78 8.89 -14.80 -3.21
C LYS A 78 9.40 -13.86 -2.12
N ARG A 79 8.88 -12.64 -2.11
CA ARG A 79 9.21 -11.70 -1.06
C ARG A 79 8.57 -12.13 0.24
N LYS A 80 9.39 -12.28 1.24
CA LYS A 80 8.92 -12.57 2.55
C LYS A 80 8.21 -11.34 3.07
N GLY A 81 6.99 -11.52 3.50
CA GLY A 81 6.20 -10.45 3.95
C GLY A 81 5.09 -10.15 2.96
N PHE A 82 5.26 -10.61 1.73
CA PHE A 82 4.27 -10.38 0.70
C PHE A 82 3.09 -11.33 0.92
N ASN A 83 3.40 -12.59 1.19
CA ASN A 83 2.38 -13.61 1.43
C ASN A 83 1.70 -13.34 2.74
N GLU A 84 2.51 -12.95 3.68
CA GLU A 84 2.09 -12.58 4.99
C GLU A 84 1.22 -11.31 4.91
N GLY A 85 1.58 -10.43 3.99
CA GLY A 85 0.85 -9.20 3.77
C GLY A 85 -0.48 -9.43 3.15
N LEU A 86 -0.58 -10.49 2.32
CA LEU A 86 -1.85 -10.90 1.75
C LEU A 86 -2.82 -11.22 2.87
N TRP A 87 -2.30 -11.86 3.90
CA TRP A 87 -3.10 -12.18 5.06
C TRP A 87 -3.48 -10.90 5.80
N GLU A 88 -2.51 -10.04 6.06
CA GLU A 88 -2.78 -8.80 6.79
C GLU A 88 -3.79 -7.90 6.10
N ILE A 89 -3.69 -7.75 4.81
CA ILE A 89 -4.56 -6.80 4.12
C ILE A 89 -6.02 -7.30 4.03
N ASP A 90 -6.19 -8.61 4.02
CA ASP A 90 -7.52 -9.21 3.96
C ASP A 90 -8.14 -9.38 5.35
N ASN A 91 -7.32 -9.31 6.39
CA ASN A 91 -7.81 -9.56 7.76
C ASN A 91 -7.73 -8.32 8.63
N ASN A 92 -6.57 -7.72 8.66
CA ASN A 92 -6.39 -6.53 9.51
C ASN A 92 -5.81 -5.37 8.69
N PRO A 93 -6.57 -4.80 7.74
CA PRO A 93 -6.07 -3.71 6.88
C PRO A 93 -6.00 -2.37 7.62
N LYS A 94 -6.50 -2.38 8.81
CA LYS A 94 -6.56 -1.24 9.67
C LYS A 94 -5.33 -1.17 10.57
N VAL A 95 -4.32 -1.97 10.25
CA VAL A 95 -3.11 -1.98 11.02
C VAL A 95 -2.18 -0.80 10.65
N LYS A 96 -2.45 0.33 11.24
CA LYS A 96 -1.68 1.53 10.96
C LYS A 96 -0.80 1.91 12.13
N PHE A 97 -0.55 0.93 12.96
CA PHE A 97 0.30 1.12 14.14
C PHE A 97 1.74 0.73 13.78
N SER A 98 1.91 0.34 12.52
CA SER A 98 3.16 -0.13 11.96
C SER A 98 3.78 -1.24 12.82
N MET A 6 -4.19 4.33 -10.27
CA MET A 6 -5.30 4.22 -11.24
C MET A 6 -6.00 5.54 -11.40
N ALA A 7 -7.10 5.55 -12.12
CA ALA A 7 -7.84 6.77 -12.44
C ALA A 7 -8.76 7.22 -11.31
N ARG A 8 -8.91 6.43 -10.26
CA ARG A 8 -9.75 6.86 -9.16
C ARG A 8 -8.88 7.49 -8.09
N ASP A 9 -9.51 7.97 -7.05
CA ASP A 9 -8.83 8.65 -5.97
C ASP A 9 -8.33 7.62 -5.00
N PHE A 10 -7.45 8.03 -4.13
CA PHE A 10 -6.90 7.16 -3.15
C PHE A 10 -6.99 7.86 -1.80
N LYS A 11 -7.58 7.18 -0.87
CA LYS A 11 -7.89 7.73 0.43
C LYS A 11 -6.92 7.18 1.47
N PRO A 12 -6.66 7.91 2.55
CA PRO A 12 -5.92 7.35 3.67
C PRO A 12 -6.73 6.19 4.24
N GLY A 13 -6.18 5.01 4.16
CA GLY A 13 -6.90 3.85 4.58
C GLY A 13 -7.31 2.99 3.41
N ASP A 14 -7.15 3.51 2.19
CA ASP A 14 -7.55 2.77 0.97
C ASP A 14 -6.54 1.65 0.74
N LEU A 15 -6.96 0.63 0.07
CA LEU A 15 -6.15 -0.55 -0.10
C LEU A 15 -5.60 -0.61 -1.49
N ILE A 16 -4.30 -0.69 -1.60
CA ILE A 16 -3.66 -0.62 -2.90
C ILE A 16 -2.50 -1.61 -3.04
N PHE A 17 -1.95 -1.60 -4.20
CA PHE A 17 -0.73 -2.27 -4.51
C PHE A 17 0.31 -1.24 -4.73
N ALA A 18 1.40 -1.40 -4.08
CA ALA A 18 2.45 -0.48 -4.11
C ALA A 18 3.58 -1.06 -4.90
N LYS A 19 3.91 -0.41 -5.96
CA LYS A 19 4.93 -0.83 -6.82
C LYS A 19 6.15 0.07 -6.64
N MET A 20 7.27 -0.52 -6.30
CA MET A 20 8.53 0.20 -6.15
C MET A 20 9.57 -0.47 -6.98
N LYS A 21 10.61 0.25 -7.33
CA LYS A 21 11.70 -0.32 -8.11
C LYS A 21 12.39 -1.42 -7.29
N GLY A 22 12.34 -2.63 -7.79
CA GLY A 22 12.95 -3.76 -7.10
C GLY A 22 11.89 -4.57 -6.37
N TYR A 23 10.75 -3.97 -6.21
CA TYR A 23 9.63 -4.59 -5.57
C TYR A 23 8.59 -4.98 -6.61
N PRO A 24 7.82 -6.01 -6.35
CA PRO A 24 6.68 -6.34 -7.16
C PRO A 24 5.52 -5.48 -6.68
N HIS A 25 4.40 -5.48 -7.39
CA HIS A 25 3.24 -4.76 -6.89
C HIS A 25 2.85 -5.42 -5.54
N TRP A 26 3.07 -4.72 -4.47
CA TRP A 26 2.94 -5.26 -3.13
C TRP A 26 1.67 -4.76 -2.49
N PRO A 27 0.90 -5.62 -1.79
CA PRO A 27 -0.30 -5.17 -1.12
C PRO A 27 0.04 -4.19 0.01
N ALA A 28 -0.43 -2.98 -0.10
CA ALA A 28 -0.13 -1.96 0.82
C ALA A 28 -1.34 -1.08 1.06
N ARG A 29 -1.27 -0.28 2.05
CA ARG A 29 -2.36 0.59 2.38
C ARG A 29 -1.88 2.01 2.24
N VAL A 30 -2.74 2.88 1.82
CA VAL A 30 -2.42 4.29 1.83
C VAL A 30 -2.54 4.72 3.28
N ASP A 31 -1.49 5.28 3.82
CA ASP A 31 -1.46 5.60 5.25
C ASP A 31 -1.98 7.03 5.47
N GLU A 32 -1.95 7.49 6.69
CA GLU A 32 -2.46 8.77 7.04
C GLU A 32 -1.38 9.84 6.97
N VAL A 33 -1.82 11.06 6.80
CA VAL A 33 -0.96 12.22 6.79
C VAL A 33 -1.28 13.01 8.01
N PRO A 34 -0.30 13.33 8.82
CA PRO A 34 -0.52 14.13 10.00
C PRO A 34 -0.79 15.58 9.66
N ASP A 35 -1.77 16.15 10.31
CA ASP A 35 -2.04 17.56 10.15
C ASP A 35 -0.97 18.31 10.92
N GLY A 36 -0.65 19.48 10.47
CA GLY A 36 0.40 20.23 11.08
C GLY A 36 1.75 19.89 10.46
N ALA A 37 1.79 18.91 9.55
CA ALA A 37 3.01 18.57 8.84
C ALA A 37 3.45 19.71 7.92
N VAL A 38 4.32 20.55 8.43
CA VAL A 38 4.88 21.67 7.67
C VAL A 38 6.06 21.24 6.81
N LYS A 39 6.36 19.98 6.85
CA LYS A 39 7.41 19.42 6.03
C LYS A 39 6.82 19.06 4.68
N PRO A 40 7.41 19.58 3.59
CA PRO A 40 6.91 19.30 2.26
C PRO A 40 7.05 17.82 1.88
N PRO A 41 5.99 17.24 1.31
CA PRO A 41 6.00 15.85 0.92
C PRO A 41 6.67 15.65 -0.43
N THR A 42 6.88 14.41 -0.78
CA THR A 42 7.51 14.03 -2.02
C THR A 42 6.49 14.14 -3.20
N ASN A 43 5.30 14.69 -2.89
CA ASN A 43 4.17 14.85 -3.85
C ASN A 43 3.56 13.50 -4.16
N LYS A 44 3.85 12.55 -3.31
CA LYS A 44 3.36 11.22 -3.48
C LYS A 44 2.59 10.85 -2.21
N LEU A 45 1.83 9.78 -2.27
CA LEU A 45 0.99 9.36 -1.16
C LEU A 45 1.77 8.46 -0.21
N PRO A 46 1.46 8.52 1.11
CA PRO A 46 2.10 7.67 2.10
C PRO A 46 1.62 6.22 1.96
N ILE A 47 2.52 5.31 1.77
CA ILE A 47 2.18 3.93 1.54
C ILE A 47 2.76 3.05 2.64
N PHE A 48 1.91 2.30 3.26
CA PHE A 48 2.28 1.37 4.29
C PHE A 48 2.24 -0.04 3.73
N PHE A 49 3.38 -0.68 3.65
CA PHE A 49 3.45 -2.07 3.16
C PHE A 49 3.01 -3.06 4.22
N PHE A 50 2.23 -4.03 3.81
CA PHE A 50 1.81 -5.07 4.71
C PHE A 50 2.80 -6.22 4.71
N GLY A 51 2.80 -6.97 5.80
CA GLY A 51 3.65 -8.14 5.99
C GLY A 51 5.11 -7.82 6.28
N THR A 52 5.53 -6.64 5.92
CA THR A 52 6.85 -6.18 6.27
C THR A 52 6.74 -4.94 7.12
N HIS A 53 5.59 -4.25 7.00
CA HIS A 53 5.29 -3.03 7.75
C HIS A 53 6.21 -1.87 7.37
N GLU A 54 6.74 -1.94 6.15
CA GLU A 54 7.59 -0.91 5.58
C GLU A 54 6.72 0.28 5.22
N THR A 55 7.33 1.39 4.93
CA THR A 55 6.59 2.55 4.55
C THR A 55 7.30 3.23 3.39
N ALA A 56 6.53 3.71 2.47
CA ALA A 56 7.03 4.36 1.27
C ALA A 56 6.14 5.49 0.84
N PHE A 57 6.52 6.12 -0.25
CA PHE A 57 5.76 7.19 -0.87
C PHE A 57 5.65 6.94 -2.34
N LEU A 58 4.47 6.64 -2.79
CA LEU A 58 4.21 6.32 -4.16
C LEU A 58 3.06 7.14 -4.67
N GLY A 59 3.01 7.37 -5.95
CA GLY A 59 2.01 8.23 -6.49
C GLY A 59 0.83 7.45 -7.00
N PRO A 60 -0.23 8.13 -7.47
CA PRO A 60 -1.45 7.46 -7.95
C PRO A 60 -1.21 6.64 -9.22
N LYS A 61 -0.02 6.78 -9.76
CA LYS A 61 0.37 6.02 -10.93
C LYS A 61 1.19 4.79 -10.54
N ASP A 62 1.65 4.77 -9.30
CA ASP A 62 2.47 3.67 -8.81
C ASP A 62 1.61 2.66 -8.13
N ILE A 63 0.40 3.06 -7.85
CA ILE A 63 -0.49 2.29 -7.06
C ILE A 63 -1.74 1.89 -7.80
N PHE A 64 -2.24 0.76 -7.43
CA PHE A 64 -3.42 0.18 -8.01
C PHE A 64 -4.24 -0.35 -6.88
N PRO A 65 -5.52 -0.08 -6.86
CA PRO A 65 -6.41 -0.49 -5.76
C PRO A 65 -6.53 -1.99 -5.65
N TYR A 66 -6.30 -2.45 -4.45
CA TYR A 66 -6.25 -3.85 -4.11
C TYR A 66 -7.53 -4.57 -4.41
N SER A 67 -8.64 -3.91 -4.24
CA SER A 67 -9.92 -4.56 -4.47
C SER A 67 -10.10 -4.88 -5.97
N GLU A 68 -9.91 -3.88 -6.80
CA GLU A 68 -10.14 -4.00 -8.24
C GLU A 68 -8.96 -4.65 -8.96
N ASN A 69 -7.89 -4.89 -8.22
CA ASN A 69 -6.69 -5.49 -8.76
C ASN A 69 -6.27 -6.72 -7.95
N LYS A 70 -7.18 -7.25 -7.12
CA LYS A 70 -6.85 -8.43 -6.31
C LYS A 70 -6.67 -9.65 -7.18
N GLU A 71 -7.44 -9.71 -8.21
CA GLU A 71 -7.35 -10.75 -9.15
C GLU A 71 -6.10 -10.62 -10.02
N LYS A 72 -5.65 -9.38 -10.20
CA LYS A 72 -4.48 -9.10 -10.99
C LYS A 72 -3.20 -9.33 -10.22
N TYR A 73 -3.05 -8.65 -9.11
CA TYR A 73 -1.79 -8.68 -8.39
C TYR A 73 -1.89 -9.35 -7.05
N GLY A 74 -3.11 -9.60 -6.61
CA GLY A 74 -3.32 -10.20 -5.30
C GLY A 74 -3.07 -11.70 -5.28
N LYS A 75 -1.88 -12.08 -5.67
CA LYS A 75 -1.48 -13.46 -5.68
C LYS A 75 -0.11 -13.62 -5.03
N PRO A 76 0.15 -14.76 -4.36
CA PRO A 76 1.41 -15.06 -3.67
C PRO A 76 2.66 -14.84 -4.52
N ASN A 77 3.76 -14.62 -3.86
CA ASN A 77 5.00 -14.43 -4.55
C ASN A 77 6.14 -15.08 -3.80
N LYS A 78 7.34 -14.84 -4.28
CA LYS A 78 8.55 -15.36 -3.69
C LYS A 78 9.12 -14.35 -2.72
N ARG A 79 8.44 -13.24 -2.58
CA ARG A 79 8.85 -12.23 -1.63
C ARG A 79 8.35 -12.57 -0.23
N LYS A 80 9.28 -12.72 0.68
CA LYS A 80 8.95 -12.95 2.07
C LYS A 80 8.36 -11.64 2.60
N GLY A 81 7.19 -11.71 3.19
CA GLY A 81 6.53 -10.53 3.71
C GLY A 81 5.37 -10.16 2.84
N PHE A 82 5.46 -10.56 1.61
CA PHE A 82 4.46 -10.25 0.60
C PHE A 82 3.21 -11.05 0.86
N ASN A 83 3.43 -12.28 1.19
CA ASN A 83 2.35 -13.22 1.36
C ASN A 83 1.67 -13.03 2.68
N GLU A 84 2.44 -12.65 3.68
CA GLU A 84 1.90 -12.34 4.98
C GLU A 84 1.15 -11.02 4.89
N GLY A 85 1.64 -10.14 4.03
CA GLY A 85 1.00 -8.88 3.82
C GLY A 85 -0.28 -9.05 3.08
N LEU A 86 -0.27 -9.97 2.14
CA LEU A 86 -1.43 -10.37 1.38
C LEU A 86 -2.51 -10.88 2.35
N TRP A 87 -2.05 -11.51 3.42
CA TRP A 87 -2.93 -11.97 4.47
C TRP A 87 -3.45 -10.77 5.28
N GLU A 88 -2.53 -9.91 5.74
CA GLU A 88 -2.90 -8.71 6.53
C GLU A 88 -3.91 -7.85 5.84
N ILE A 89 -3.69 -7.53 4.59
CA ILE A 89 -4.53 -6.59 3.88
C ILE A 89 -5.94 -7.15 3.61
N ASP A 90 -6.07 -8.46 3.60
CA ASP A 90 -7.35 -9.08 3.28
C ASP A 90 -8.13 -9.39 4.56
N ASN A 91 -7.40 -9.50 5.68
CA ASN A 91 -8.00 -9.86 6.98
C ASN A 91 -8.09 -8.67 7.90
N ASN A 92 -6.98 -8.03 8.14
CA ASN A 92 -6.98 -6.86 9.01
C ASN A 92 -6.32 -5.67 8.32
N PRO A 93 -6.99 -5.07 7.32
CA PRO A 93 -6.40 -3.97 6.54
C PRO A 93 -6.36 -2.65 7.32
N LYS A 94 -6.95 -2.66 8.47
CA LYS A 94 -7.05 -1.48 9.31
C LYS A 94 -5.95 -1.52 10.37
N VAL A 95 -4.94 -2.33 10.16
CA VAL A 95 -3.88 -2.47 11.11
C VAL A 95 -2.90 -1.29 11.10
N LYS A 96 -2.91 -0.58 12.18
CA LYS A 96 -2.01 0.48 12.42
C LYS A 96 -1.14 0.01 13.58
N PHE A 97 0.12 0.34 13.58
CA PHE A 97 1.00 -0.11 14.61
C PHE A 97 1.49 1.07 15.43
N SER A 98 1.99 0.77 16.63
CA SER A 98 2.53 1.74 17.60
C SER A 98 1.39 2.48 18.31
N MET A 6 -8.76 3.06 -4.20
CA MET A 6 -9.72 2.62 -5.22
C MET A 6 -9.28 3.16 -6.54
N ALA A 7 -9.87 2.71 -7.63
CA ALA A 7 -9.50 3.17 -8.97
C ALA A 7 -9.87 4.63 -9.22
N ARG A 8 -10.73 5.18 -8.38
CA ARG A 8 -11.14 6.55 -8.56
C ARG A 8 -10.35 7.52 -7.71
N ASP A 9 -10.08 7.10 -6.53
CA ASP A 9 -9.38 7.89 -5.56
C ASP A 9 -8.64 6.98 -4.59
N PHE A 10 -7.69 7.55 -3.87
CA PHE A 10 -6.94 6.84 -2.90
C PHE A 10 -7.04 7.61 -1.59
N LYS A 11 -7.56 6.95 -0.59
CA LYS A 11 -7.82 7.56 0.70
C LYS A 11 -6.79 7.10 1.68
N PRO A 12 -6.58 7.84 2.76
CA PRO A 12 -5.81 7.35 3.88
C PRO A 12 -6.55 6.15 4.45
N GLY A 13 -5.94 5.00 4.41
CA GLY A 13 -6.59 3.79 4.84
C GLY A 13 -7.09 2.95 3.66
N ASP A 14 -6.90 3.45 2.42
CA ASP A 14 -7.36 2.72 1.22
C ASP A 14 -6.37 1.60 0.93
N LEU A 15 -6.82 0.59 0.27
CA LEU A 15 -6.05 -0.61 0.06
C LEU A 15 -5.51 -0.63 -1.32
N ILE A 16 -4.23 -0.78 -1.43
CA ILE A 16 -3.58 -0.72 -2.70
C ILE A 16 -2.45 -1.73 -2.84
N PHE A 17 -1.82 -1.64 -3.97
CA PHE A 17 -0.61 -2.31 -4.31
C PHE A 17 0.38 -1.25 -4.63
N ALA A 18 1.48 -1.30 -4.01
CA ALA A 18 2.51 -0.35 -4.16
C ALA A 18 3.66 -0.97 -4.90
N LYS A 19 4.10 -0.31 -5.92
CA LYS A 19 5.16 -0.78 -6.72
C LYS A 19 6.36 0.16 -6.58
N MET A 20 7.48 -0.37 -6.15
CA MET A 20 8.73 0.40 -6.02
C MET A 20 9.75 -0.17 -6.96
N LYS A 21 10.75 0.61 -7.30
CA LYS A 21 11.84 0.10 -8.10
C LYS A 21 12.56 -0.99 -7.29
N GLY A 22 12.53 -2.21 -7.78
CA GLY A 22 13.11 -3.32 -7.07
C GLY A 22 12.05 -4.14 -6.37
N TYR A 23 10.83 -3.66 -6.45
CA TYR A 23 9.70 -4.34 -5.85
C TYR A 23 8.59 -4.58 -6.83
N PRO A 24 8.01 -5.77 -6.79
CA PRO A 24 6.78 -6.05 -7.50
C PRO A 24 5.63 -5.30 -6.84
N HIS A 25 4.49 -5.29 -7.46
CA HIS A 25 3.33 -4.62 -6.88
C HIS A 25 2.96 -5.33 -5.56
N TRP A 26 3.19 -4.65 -4.47
CA TRP A 26 3.07 -5.22 -3.14
C TRP A 26 1.82 -4.68 -2.45
N PRO A 27 1.04 -5.52 -1.77
CA PRO A 27 -0.16 -5.07 -1.06
C PRO A 27 0.20 -4.10 0.07
N ALA A 28 -0.30 -2.90 -0.03
CA ALA A 28 0.01 -1.87 0.89
C ALA A 28 -1.21 -1.04 1.23
N ARG A 29 -1.08 -0.29 2.25
CA ARG A 29 -2.10 0.63 2.73
C ARG A 29 -1.62 2.03 2.50
N VAL A 30 -2.50 2.89 2.06
CA VAL A 30 -2.19 4.29 2.01
C VAL A 30 -2.27 4.77 3.44
N ASP A 31 -1.21 5.32 3.96
CA ASP A 31 -1.16 5.67 5.39
C ASP A 31 -1.80 7.04 5.57
N GLU A 32 -1.98 7.46 6.78
CA GLU A 32 -2.61 8.69 7.04
C GLU A 32 -1.62 9.84 7.17
N VAL A 33 -1.83 10.83 6.35
CA VAL A 33 -1.07 12.03 6.42
C VAL A 33 -1.97 13.12 7.01
N PRO A 34 -1.53 13.79 8.06
CA PRO A 34 -2.30 14.85 8.67
C PRO A 34 -2.30 16.11 7.81
N ASP A 35 -3.44 16.70 7.67
CA ASP A 35 -3.53 17.96 6.97
C ASP A 35 -3.05 19.03 7.91
N GLY A 36 -2.44 20.04 7.38
CA GLY A 36 -1.86 21.05 8.20
C GLY A 36 -0.48 20.66 8.68
N ALA A 37 0.03 19.52 8.19
CA ALA A 37 1.36 19.08 8.51
C ALA A 37 2.39 20.10 8.04
N VAL A 38 3.38 20.34 8.86
CA VAL A 38 4.46 21.28 8.57
C VAL A 38 5.28 20.86 7.34
N LYS A 39 5.23 19.58 7.03
CA LYS A 39 5.81 19.10 5.82
C LYS A 39 4.67 18.72 4.89
N PRO A 40 4.57 19.37 3.73
CA PRO A 40 3.51 19.09 2.79
C PRO A 40 3.80 17.82 1.97
N PRO A 41 2.75 17.17 1.44
CA PRO A 41 2.92 15.97 0.64
C PRO A 41 3.67 16.25 -0.67
N THR A 42 4.57 15.36 -0.99
CA THR A 42 5.45 15.45 -2.16
C THR A 42 4.70 15.18 -3.51
N ASN A 43 3.36 15.11 -3.42
CA ASN A 43 2.40 14.69 -4.50
C ASN A 43 2.31 13.17 -4.50
N LYS A 44 2.92 12.64 -3.49
CA LYS A 44 2.90 11.25 -3.25
C LYS A 44 2.06 10.95 -2.04
N LEU A 45 1.68 9.74 -1.93
CA LEU A 45 0.89 9.25 -0.84
C LEU A 45 1.80 8.41 0.04
N PRO A 46 1.58 8.42 1.36
CA PRO A 46 2.36 7.60 2.28
C PRO A 46 1.92 6.13 2.14
N ILE A 47 2.86 5.25 1.95
CA ILE A 47 2.53 3.87 1.68
C ILE A 47 3.08 2.96 2.78
N PHE A 48 2.23 2.18 3.35
CA PHE A 48 2.62 1.21 4.35
C PHE A 48 2.48 -0.19 3.78
N PHE A 49 3.58 -0.89 3.64
CA PHE A 49 3.56 -2.26 3.10
C PHE A 49 3.13 -3.27 4.15
N PHE A 50 2.31 -4.21 3.75
CA PHE A 50 1.87 -5.27 4.64
C PHE A 50 2.81 -6.46 4.58
N GLY A 51 2.75 -7.27 5.61
CA GLY A 51 3.53 -8.49 5.76
C GLY A 51 5.00 -8.24 6.08
N THR A 52 5.49 -7.08 5.78
CA THR A 52 6.82 -6.71 6.17
C THR A 52 6.77 -5.48 7.05
N HIS A 53 5.66 -4.72 6.91
CA HIS A 53 5.44 -3.50 7.66
C HIS A 53 6.44 -2.41 7.26
N GLU A 54 6.96 -2.54 6.02
CA GLU A 54 7.86 -1.57 5.42
C GLU A 54 7.06 -0.31 5.06
N THR A 55 7.72 0.75 4.76
CA THR A 55 7.03 1.97 4.44
C THR A 55 7.69 2.64 3.24
N ALA A 56 6.90 3.29 2.42
CA ALA A 56 7.38 3.98 1.23
C ALA A 56 6.50 5.16 0.90
N PHE A 57 6.88 5.86 -0.17
CA PHE A 57 6.13 6.98 -0.69
C PHE A 57 6.04 6.86 -2.20
N LEU A 58 4.84 6.68 -2.68
CA LEU A 58 4.61 6.53 -4.11
C LEU A 58 3.49 7.44 -4.53
N GLY A 59 3.43 7.75 -5.78
CA GLY A 59 2.40 8.61 -6.26
C GLY A 59 1.20 7.81 -6.69
N PRO A 60 0.08 8.46 -7.02
CA PRO A 60 -1.16 7.76 -7.44
C PRO A 60 -1.00 7.02 -8.77
N LYS A 61 0.14 7.22 -9.39
CA LYS A 61 0.46 6.59 -10.65
C LYS A 61 1.32 5.35 -10.45
N ASP A 62 1.72 5.10 -9.25
CA ASP A 62 2.59 3.96 -8.96
C ASP A 62 1.93 2.95 -8.09
N ILE A 63 0.67 3.18 -7.83
CA ILE A 63 -0.11 2.33 -6.99
C ILE A 63 -1.36 1.89 -7.71
N PHE A 64 -1.83 0.73 -7.37
CA PHE A 64 -3.06 0.18 -7.92
C PHE A 64 -3.90 -0.31 -6.77
N PRO A 65 -5.17 -0.03 -6.76
CA PRO A 65 -6.07 -0.42 -5.66
C PRO A 65 -6.27 -1.93 -5.54
N TYR A 66 -6.12 -2.40 -4.32
CA TYR A 66 -6.15 -3.82 -4.00
C TYR A 66 -7.49 -4.44 -4.29
N SER A 67 -8.54 -3.70 -4.11
CA SER A 67 -9.87 -4.21 -4.30
C SER A 67 -10.14 -4.62 -5.76
N GLU A 68 -9.92 -3.71 -6.68
CA GLU A 68 -10.16 -3.98 -8.07
C GLU A 68 -8.97 -4.55 -8.81
N ASN A 69 -7.89 -4.76 -8.09
CA ASN A 69 -6.69 -5.40 -8.62
C ASN A 69 -6.32 -6.64 -7.80
N LYS A 70 -7.26 -7.13 -7.00
CA LYS A 70 -7.05 -8.33 -6.16
C LYS A 70 -6.87 -9.55 -7.03
N GLU A 71 -7.52 -9.55 -8.14
CA GLU A 71 -7.39 -10.59 -9.06
C GLU A 71 -6.14 -10.45 -9.92
N LYS A 72 -5.72 -9.21 -10.12
CA LYS A 72 -4.56 -8.90 -10.92
C LYS A 72 -3.27 -9.18 -10.20
N TYR A 73 -3.09 -8.54 -9.08
CA TYR A 73 -1.82 -8.62 -8.37
C TYR A 73 -1.96 -9.35 -7.06
N GLY A 74 -3.17 -9.72 -6.70
CA GLY A 74 -3.43 -10.43 -5.46
C GLY A 74 -3.01 -11.90 -5.51
N LYS A 75 -1.80 -12.17 -5.91
CA LYS A 75 -1.28 -13.51 -5.98
C LYS A 75 0.11 -13.57 -5.33
N PRO A 76 0.35 -14.60 -4.52
CA PRO A 76 1.54 -14.69 -3.70
C PRO A 76 2.86 -14.85 -4.44
N ASN A 77 3.77 -13.97 -4.08
CA ASN A 77 5.15 -14.00 -4.60
C ASN A 77 5.93 -14.96 -3.77
N LYS A 78 7.21 -14.94 -3.93
CA LYS A 78 8.04 -15.75 -3.11
C LYS A 78 8.81 -14.86 -2.15
N ARG A 79 8.40 -13.59 -2.11
CA ARG A 79 8.89 -12.70 -1.14
C ARG A 79 8.20 -12.96 0.17
N LYS A 80 8.97 -13.25 1.18
CA LYS A 80 8.43 -13.39 2.50
C LYS A 80 7.90 -12.03 2.91
N GLY A 81 6.68 -12.02 3.38
CA GLY A 81 6.03 -10.82 3.73
C GLY A 81 4.96 -10.48 2.73
N PHE A 82 5.11 -10.98 1.51
CA PHE A 82 4.16 -10.71 0.47
C PHE A 82 2.92 -11.55 0.67
N ASN A 83 3.15 -12.80 1.05
CA ASN A 83 2.06 -13.76 1.22
C ASN A 83 1.28 -13.38 2.45
N GLU A 84 2.04 -13.05 3.46
CA GLU A 84 1.56 -12.60 4.73
C GLU A 84 0.81 -11.28 4.56
N GLY A 85 1.38 -10.41 3.73
CA GLY A 85 0.80 -9.12 3.46
C GLY A 85 -0.51 -9.21 2.75
N LEU A 86 -0.63 -10.17 1.82
CA LEU A 86 -1.89 -10.41 1.12
C LEU A 86 -2.97 -10.76 2.10
N TRP A 87 -2.59 -11.46 3.15
CA TRP A 87 -3.50 -11.82 4.20
C TRP A 87 -3.82 -10.60 5.06
N GLU A 88 -2.76 -9.89 5.52
CA GLU A 88 -2.93 -8.71 6.36
C GLU A 88 -3.84 -7.71 5.75
N ILE A 89 -3.61 -7.36 4.52
CA ILE A 89 -4.36 -6.29 3.90
C ILE A 89 -5.84 -6.68 3.67
N ASP A 90 -6.10 -7.95 3.61
CA ASP A 90 -7.44 -8.40 3.30
C ASP A 90 -8.21 -8.67 4.59
N ASN A 91 -7.50 -9.10 5.63
CA ASN A 91 -8.16 -9.46 6.89
C ASN A 91 -7.98 -8.39 7.94
N ASN A 92 -6.78 -7.91 8.05
CA ASN A 92 -6.49 -6.93 9.07
C ASN A 92 -5.72 -5.71 8.52
N PRO A 93 -6.29 -4.93 7.55
CA PRO A 93 -5.61 -3.72 6.98
C PRO A 93 -5.57 -2.61 8.02
N LYS A 94 -6.27 -2.86 9.09
CA LYS A 94 -6.51 -1.96 10.20
C LYS A 94 -5.59 -2.37 11.38
N VAL A 95 -4.53 -3.10 11.05
CA VAL A 95 -3.57 -3.58 12.05
C VAL A 95 -3.02 -2.44 12.93
N LYS A 96 -3.46 -2.45 14.18
CA LYS A 96 -3.10 -1.48 15.20
C LYS A 96 -3.75 -0.15 15.04
N PHE A 97 -3.40 0.54 14.00
CA PHE A 97 -3.85 1.91 13.75
C PHE A 97 -3.37 2.86 14.91
N SER A 98 -3.66 4.13 14.80
CA SER A 98 -3.22 5.11 15.77
C SER A 98 -4.11 5.10 17.03
N MET A 6 -12.94 6.88 -6.67
CA MET A 6 -13.24 6.24 -7.96
C MET A 6 -12.22 5.17 -8.21
N ALA A 7 -12.11 4.71 -9.45
CA ALA A 7 -11.05 3.77 -9.83
C ALA A 7 -9.77 4.57 -10.15
N ARG A 8 -9.41 5.36 -9.14
CA ARG A 8 -8.32 6.27 -9.03
C ARG A 8 -8.60 7.05 -7.79
N ASP A 9 -7.93 8.18 -7.58
CA ASP A 9 -8.07 9.03 -6.41
C ASP A 9 -7.76 8.32 -5.14
N PHE A 10 -6.63 8.60 -4.60
CA PHE A 10 -6.15 7.88 -3.51
C PHE A 10 -6.10 8.77 -2.31
N LYS A 11 -6.78 8.34 -1.32
CA LYS A 11 -7.03 9.06 -0.13
C LYS A 11 -6.45 8.24 1.02
N PRO A 12 -6.14 8.89 2.15
CA PRO A 12 -5.66 8.17 3.33
C PRO A 12 -6.67 7.11 3.77
N GLY A 13 -6.25 5.88 3.80
CA GLY A 13 -7.13 4.81 4.16
C GLY A 13 -7.37 3.82 3.04
N ASP A 14 -7.20 4.24 1.78
CA ASP A 14 -7.43 3.35 0.62
C ASP A 14 -6.45 2.17 0.62
N LEU A 15 -6.98 1.01 0.33
CA LEU A 15 -6.20 -0.19 0.21
C LEU A 15 -5.77 -0.32 -1.21
N ILE A 16 -4.49 -0.47 -1.43
CA ILE A 16 -3.98 -0.48 -2.78
C ILE A 16 -2.85 -1.48 -2.97
N PHE A 17 -2.31 -1.44 -4.13
CA PHE A 17 -1.13 -2.14 -4.48
C PHE A 17 -0.09 -1.12 -4.79
N ALA A 18 1.02 -1.29 -4.20
CA ALA A 18 2.08 -0.36 -4.24
C ALA A 18 3.17 -0.92 -5.10
N LYS A 19 3.37 -0.26 -6.16
CA LYS A 19 4.33 -0.63 -7.12
C LYS A 19 5.55 0.28 -6.99
N MET A 20 6.69 -0.32 -6.89
CA MET A 20 7.94 0.39 -6.79
C MET A 20 8.75 0.12 -8.03
N LYS A 21 9.68 0.98 -8.34
CA LYS A 21 10.49 0.81 -9.53
C LYS A 21 11.44 -0.37 -9.34
N GLY A 22 11.25 -1.39 -10.17
CA GLY A 22 12.11 -2.56 -10.10
C GLY A 22 11.52 -3.65 -9.24
N TYR A 23 10.35 -3.38 -8.69
CA TYR A 23 9.70 -4.30 -7.79
C TYR A 23 8.25 -4.51 -8.23
N PRO A 24 7.67 -5.68 -7.94
CA PRO A 24 6.28 -5.97 -8.26
C PRO A 24 5.30 -5.14 -7.42
N HIS A 25 4.05 -5.20 -7.80
CA HIS A 25 2.99 -4.50 -7.09
C HIS A 25 2.76 -5.20 -5.73
N TRP A 26 3.04 -4.53 -4.64
CA TRP A 26 2.93 -5.10 -3.30
C TRP A 26 1.64 -4.61 -2.64
N PRO A 27 0.88 -5.47 -1.95
CA PRO A 27 -0.34 -5.06 -1.25
C PRO A 27 0.00 -4.08 -0.11
N ALA A 28 -0.51 -2.87 -0.20
CA ALA A 28 -0.17 -1.85 0.74
C ALA A 28 -1.34 -0.92 0.98
N ARG A 29 -1.24 -0.12 2.00
CA ARG A 29 -2.28 0.82 2.32
C ARG A 29 -1.76 2.23 2.16
N VAL A 30 -2.61 3.13 1.69
CA VAL A 30 -2.30 4.53 1.73
C VAL A 30 -2.58 4.96 3.15
N ASP A 31 -1.57 5.33 3.86
CA ASP A 31 -1.74 5.56 5.29
C ASP A 31 -2.11 7.03 5.55
N GLU A 32 -2.28 7.39 6.81
CA GLU A 32 -2.71 8.72 7.15
C GLU A 32 -1.55 9.66 7.41
N VAL A 33 -1.79 10.91 7.15
CA VAL A 33 -0.86 11.96 7.41
C VAL A 33 -1.46 12.85 8.51
N PRO A 34 -0.68 13.17 9.56
CA PRO A 34 -1.19 13.97 10.69
C PRO A 34 -1.54 15.41 10.34
N ASP A 35 -2.65 15.88 10.89
CA ASP A 35 -3.07 17.25 10.76
C ASP A 35 -1.98 18.14 11.32
N GLY A 36 -1.61 19.12 10.57
CA GLY A 36 -0.56 20.01 11.00
C GLY A 36 0.68 19.81 10.18
N ALA A 37 0.77 18.69 9.48
CA ALA A 37 1.87 18.45 8.58
C ALA A 37 1.80 19.43 7.41
N VAL A 38 2.73 20.36 7.41
CA VAL A 38 2.81 21.43 6.40
C VAL A 38 3.44 20.95 5.09
N LYS A 39 3.70 19.68 5.00
CA LYS A 39 4.27 19.11 3.81
C LYS A 39 3.17 18.82 2.79
N PRO A 40 3.23 19.45 1.62
CA PRO A 40 2.26 19.22 0.56
C PRO A 40 2.60 17.95 -0.22
N PRO A 41 1.64 17.40 -1.01
CA PRO A 41 1.88 16.19 -1.79
C PRO A 41 3.03 16.40 -2.78
N THR A 42 3.96 15.50 -2.73
CA THR A 42 5.18 15.57 -3.51
C THR A 42 5.03 14.73 -4.80
N ASN A 43 3.79 14.28 -5.05
CA ASN A 43 3.43 13.28 -6.10
C ASN A 43 3.58 11.91 -5.54
N LYS A 44 3.81 11.86 -4.25
CA LYS A 44 3.91 10.65 -3.51
C LYS A 44 2.90 10.71 -2.38
N LEU A 45 2.51 9.57 -1.93
CA LEU A 45 1.57 9.38 -0.84
C LEU A 45 2.22 8.42 0.16
N PRO A 46 1.82 8.46 1.44
CA PRO A 46 2.36 7.53 2.44
C PRO A 46 1.84 6.11 2.20
N ILE A 47 2.75 5.17 2.02
CA ILE A 47 2.38 3.81 1.71
C ILE A 47 2.94 2.85 2.75
N PHE A 48 2.09 2.08 3.34
CA PHE A 48 2.48 1.11 4.33
C PHE A 48 2.38 -0.28 3.71
N PHE A 49 3.49 -0.97 3.59
CA PHE A 49 3.49 -2.33 3.02
C PHE A 49 3.04 -3.35 4.05
N PHE A 50 2.14 -4.22 3.65
CA PHE A 50 1.64 -5.25 4.53
C PHE A 50 2.59 -6.44 4.55
N GLY A 51 2.50 -7.24 5.60
CA GLY A 51 3.29 -8.45 5.79
C GLY A 51 4.73 -8.20 6.18
N THR A 52 5.23 -7.02 5.92
CA THR A 52 6.54 -6.66 6.33
C THR A 52 6.49 -5.48 7.25
N HIS A 53 5.39 -4.70 7.12
CA HIS A 53 5.15 -3.50 7.91
C HIS A 53 6.16 -2.41 7.55
N GLU A 54 6.71 -2.52 6.33
CA GLU A 54 7.63 -1.56 5.77
C GLU A 54 6.82 -0.33 5.34
N THR A 55 7.48 0.74 5.06
CA THR A 55 6.78 1.93 4.65
C THR A 55 7.53 2.58 3.49
N ALA A 56 6.78 3.17 2.60
CA ALA A 56 7.33 3.80 1.42
C ALA A 56 6.48 5.00 1.07
N PHE A 57 6.87 5.67 0.02
CA PHE A 57 6.13 6.79 -0.50
C PHE A 57 5.99 6.63 -1.98
N LEU A 58 4.80 6.35 -2.39
CA LEU A 58 4.49 6.15 -3.77
C LEU A 58 3.32 6.98 -4.10
N GLY A 59 3.23 7.42 -5.31
CA GLY A 59 2.19 8.33 -5.65
C GLY A 59 1.02 7.65 -6.23
N PRO A 60 -0.05 8.39 -6.56
CA PRO A 60 -1.27 7.84 -7.17
C PRO A 60 -1.00 7.22 -8.53
N LYS A 61 0.19 7.46 -9.01
CA LYS A 61 0.63 6.97 -10.29
C LYS A 61 1.47 5.69 -10.12
N ASP A 62 1.67 5.27 -8.88
CA ASP A 62 2.45 4.08 -8.56
C ASP A 62 1.58 3.04 -7.93
N ILE A 63 0.39 3.42 -7.61
CA ILE A 63 -0.50 2.58 -6.88
C ILE A 63 -1.76 2.30 -7.66
N PHE A 64 -2.35 1.18 -7.38
CA PHE A 64 -3.55 0.71 -8.04
C PHE A 64 -4.45 0.11 -6.97
N PRO A 65 -5.78 0.20 -7.11
CA PRO A 65 -6.71 -0.28 -6.10
C PRO A 65 -6.58 -1.75 -5.77
N TYR A 66 -6.69 -2.04 -4.49
CA TYR A 66 -6.65 -3.39 -4.00
C TYR A 66 -7.83 -4.20 -4.50
N SER A 67 -8.98 -3.56 -4.61
CA SER A 67 -10.21 -4.19 -4.99
C SER A 67 -10.08 -5.08 -6.24
N GLU A 68 -9.64 -4.54 -7.36
CA GLU A 68 -9.49 -5.36 -8.53
C GLU A 68 -8.09 -5.90 -8.75
N ASN A 69 -7.12 -5.35 -8.06
CA ASN A 69 -5.76 -5.83 -8.21
C ASN A 69 -5.44 -6.96 -7.27
N LYS A 70 -6.35 -7.25 -6.34
CA LYS A 70 -6.10 -8.28 -5.34
C LYS A 70 -5.87 -9.64 -5.98
N GLU A 71 -6.60 -9.92 -7.01
CA GLU A 71 -6.40 -11.17 -7.69
C GLU A 71 -5.26 -11.11 -8.64
N LYS A 72 -5.10 -9.96 -9.22
CA LYS A 72 -4.11 -9.74 -10.25
C LYS A 72 -2.71 -9.83 -9.67
N TYR A 73 -2.42 -8.98 -8.72
CA TYR A 73 -1.09 -8.91 -8.17
C TYR A 73 -1.06 -9.40 -6.76
N GLY A 74 -2.20 -9.77 -6.27
CA GLY A 74 -2.30 -10.30 -4.94
C GLY A 74 -2.17 -11.80 -4.97
N LYS A 75 -1.11 -12.27 -5.56
CA LYS A 75 -0.82 -13.68 -5.63
C LYS A 75 0.48 -13.91 -4.89
N PRO A 76 0.65 -15.10 -4.28
CA PRO A 76 1.85 -15.42 -3.47
C PRO A 76 3.17 -15.13 -4.14
N ASN A 77 4.11 -14.75 -3.34
CA ASN A 77 5.40 -14.40 -3.85
C ASN A 77 6.47 -15.12 -3.06
N LYS A 78 7.71 -14.77 -3.29
CA LYS A 78 8.82 -15.35 -2.61
C LYS A 78 9.36 -14.38 -1.58
N ARG A 79 8.88 -13.13 -1.65
CA ARG A 79 9.20 -12.16 -0.65
C ARG A 79 8.44 -12.46 0.62
N LYS A 80 9.18 -12.65 1.69
CA LYS A 80 8.57 -12.83 2.99
C LYS A 80 7.83 -11.55 3.28
N GLY A 81 6.61 -11.67 3.61
CA GLY A 81 5.81 -10.54 3.87
C GLY A 81 4.81 -10.31 2.79
N PHE A 82 5.05 -10.87 1.62
CA PHE A 82 4.12 -10.67 0.55
C PHE A 82 2.91 -11.57 0.79
N ASN A 83 3.18 -12.79 1.20
CA ASN A 83 2.13 -13.77 1.45
C ASN A 83 1.35 -13.38 2.69
N GLU A 84 2.08 -12.99 3.70
CA GLU A 84 1.50 -12.56 4.95
C GLU A 84 0.75 -11.25 4.75
N GLY A 85 1.27 -10.42 3.85
CA GLY A 85 0.65 -9.16 3.53
C GLY A 85 -0.67 -9.34 2.87
N LEU A 86 -0.77 -10.39 2.05
CA LEU A 86 -2.03 -10.75 1.43
C LEU A 86 -3.04 -11.10 2.49
N TRP A 87 -2.58 -11.82 3.51
CA TRP A 87 -3.42 -12.20 4.59
C TRP A 87 -3.85 -10.95 5.37
N GLU A 88 -2.90 -10.09 5.63
CA GLU A 88 -3.16 -8.86 6.36
C GLU A 88 -4.16 -7.97 5.65
N ILE A 89 -4.00 -7.76 4.36
CA ILE A 89 -4.86 -6.83 3.66
C ILE A 89 -6.27 -7.43 3.40
N ASP A 90 -6.34 -8.76 3.31
CA ASP A 90 -7.61 -9.48 3.09
C ASP A 90 -8.36 -9.72 4.41
N ASN A 91 -7.70 -9.48 5.54
CA ASN A 91 -8.31 -9.76 6.86
C ASN A 91 -8.32 -8.57 7.78
N ASN A 92 -7.16 -8.00 8.03
CA ASN A 92 -7.06 -6.86 8.95
C ASN A 92 -6.42 -5.66 8.25
N PRO A 93 -7.20 -4.92 7.47
CA PRO A 93 -6.71 -3.80 6.65
C PRO A 93 -6.23 -2.58 7.45
N LYS A 94 -6.45 -2.58 8.75
CA LYS A 94 -5.99 -1.48 9.56
C LYS A 94 -4.74 -1.91 10.32
N VAL A 95 -4.11 -2.96 9.86
CA VAL A 95 -2.98 -3.46 10.55
C VAL A 95 -1.76 -2.58 10.38
N LYS A 96 -1.29 -2.16 11.49
CA LYS A 96 -0.12 -1.40 11.69
C LYS A 96 0.01 -1.35 13.16
N PHE A 97 1.11 -0.83 13.65
CA PHE A 97 1.42 -0.82 15.09
C PHE A 97 0.23 -0.42 15.95
N SER A 98 -0.37 0.72 15.61
CA SER A 98 -1.55 1.29 16.31
C SER A 98 -1.16 1.79 17.70
N MET A 6 -5.41 11.26 -3.51
CA MET A 6 -5.88 12.61 -3.20
C MET A 6 -7.26 12.48 -2.60
N ALA A 7 -8.04 13.55 -2.68
CA ALA A 7 -9.46 13.49 -2.29
C ALA A 7 -10.17 12.57 -3.29
N ARG A 8 -9.73 12.67 -4.52
CA ARG A 8 -10.14 11.78 -5.59
C ARG A 8 -9.10 10.65 -5.60
N ASP A 9 -9.19 9.74 -6.56
CA ASP A 9 -8.26 8.71 -6.78
C ASP A 9 -8.08 7.81 -5.62
N PHE A 10 -7.06 7.97 -5.00
CA PHE A 10 -6.72 7.16 -3.88
C PHE A 10 -6.82 7.99 -2.59
N LYS A 11 -7.67 7.57 -1.71
CA LYS A 11 -7.96 8.30 -0.50
C LYS A 11 -7.21 7.65 0.65
N PRO A 12 -6.83 8.42 1.69
CA PRO A 12 -6.22 7.86 2.89
C PRO A 12 -7.13 6.82 3.54
N GLY A 13 -6.64 5.63 3.68
CA GLY A 13 -7.42 4.55 4.23
C GLY A 13 -7.75 3.50 3.19
N ASP A 14 -7.49 3.83 1.92
CA ASP A 14 -7.82 2.91 0.82
C ASP A 14 -6.73 1.84 0.73
N LEU A 15 -7.05 0.77 0.06
CA LEU A 15 -6.19 -0.36 -0.05
C LEU A 15 -5.77 -0.51 -1.47
N ILE A 16 -4.49 -0.64 -1.68
CA ILE A 16 -3.96 -0.64 -3.01
C ILE A 16 -2.79 -1.62 -3.18
N PHE A 17 -2.25 -1.62 -4.34
CA PHE A 17 -1.06 -2.34 -4.67
C PHE A 17 -0.06 -1.35 -5.12
N ALA A 18 1.01 -1.29 -4.42
CA ALA A 18 2.01 -0.30 -4.64
C ALA A 18 3.25 -0.93 -5.15
N LYS A 19 3.89 -0.25 -6.03
CA LYS A 19 5.06 -0.73 -6.63
C LYS A 19 6.23 0.20 -6.34
N MET A 20 7.28 -0.35 -5.76
CA MET A 20 8.53 0.36 -5.49
C MET A 20 9.61 -0.26 -6.33
N LYS A 21 10.66 0.46 -6.56
CA LYS A 21 11.74 -0.06 -7.37
C LYS A 21 12.46 -1.16 -6.60
N GLY A 22 12.52 -2.30 -7.22
CA GLY A 22 13.12 -3.47 -6.58
C GLY A 22 12.05 -4.40 -6.03
N TYR A 23 10.85 -3.89 -5.98
CA TYR A 23 9.71 -4.62 -5.48
C TYR A 23 8.67 -4.79 -6.57
N PRO A 24 7.93 -5.89 -6.55
CA PRO A 24 6.78 -6.08 -7.41
C PRO A 24 5.60 -5.31 -6.82
N HIS A 25 4.50 -5.22 -7.55
CA HIS A 25 3.29 -4.59 -7.02
C HIS A 25 2.88 -5.34 -5.74
N TRP A 26 3.01 -4.67 -4.64
CA TRP A 26 2.88 -5.24 -3.33
C TRP A 26 1.63 -4.69 -2.67
N PRO A 27 0.88 -5.51 -1.90
CA PRO A 27 -0.31 -5.06 -1.19
C PRO A 27 0.05 -3.99 -0.17
N ALA A 28 -0.49 -2.82 -0.33
CA ALA A 28 -0.18 -1.73 0.50
C ALA A 28 -1.40 -0.87 0.78
N ARG A 29 -1.26 -0.03 1.73
CA ARG A 29 -2.29 0.85 2.19
C ARG A 29 -1.95 2.29 1.90
N VAL A 30 -2.94 3.06 1.48
CA VAL A 30 -2.76 4.48 1.39
C VAL A 30 -2.99 4.98 2.79
N ASP A 31 -1.99 5.42 3.42
CA ASP A 31 -2.06 5.70 4.83
C ASP A 31 -2.46 7.14 5.09
N GLU A 32 -2.79 7.44 6.31
CA GLU A 32 -3.13 8.79 6.68
C GLU A 32 -1.97 9.44 7.39
N VAL A 33 -1.72 10.69 7.05
CA VAL A 33 -0.58 11.43 7.58
C VAL A 33 -0.78 11.77 9.04
N PRO A 34 0.16 11.38 9.87
CA PRO A 34 0.12 11.70 11.27
C PRO A 34 0.65 13.09 11.55
N ASP A 35 0.32 13.62 12.71
CA ASP A 35 0.84 14.89 13.12
C ASP A 35 2.32 14.74 13.41
N GLY A 36 3.06 15.77 13.12
CA GLY A 36 4.48 15.74 13.24
C GLY A 36 5.07 15.56 11.87
N ALA A 37 4.35 14.82 11.05
CA ALA A 37 4.72 14.57 9.68
C ALA A 37 4.00 15.58 8.80
N VAL A 38 4.02 16.80 9.27
CA VAL A 38 3.29 17.98 8.74
C VAL A 38 3.73 18.45 7.32
N LYS A 39 4.42 17.61 6.62
CA LYS A 39 4.85 17.92 5.28
C LYS A 39 3.66 18.09 4.31
N PRO A 40 3.69 19.13 3.45
CA PRO A 40 2.62 19.37 2.48
C PRO A 40 2.56 18.28 1.40
N PRO A 41 1.44 18.19 0.64
CA PRO A 41 1.26 17.20 -0.40
C PRO A 41 2.40 17.25 -1.41
N THR A 42 2.97 16.10 -1.64
CA THR A 42 4.14 15.97 -2.49
C THR A 42 3.71 15.44 -3.87
N ASN A 43 2.37 15.38 -4.08
CA ASN A 43 1.78 14.77 -5.30
C ASN A 43 1.90 13.23 -5.20
N LYS A 44 2.30 12.81 -4.03
CA LYS A 44 2.44 11.45 -3.68
C LYS A 44 1.64 11.18 -2.46
N LEU A 45 1.39 9.94 -2.23
CA LEU A 45 0.61 9.48 -1.12
C LEU A 45 1.49 8.60 -0.24
N PRO A 46 1.26 8.62 1.09
CA PRO A 46 1.99 7.74 1.99
C PRO A 46 1.48 6.32 1.83
N ILE A 47 2.37 5.44 1.53
CA ILE A 47 2.00 4.08 1.27
C ILE A 47 2.60 3.16 2.31
N PHE A 48 1.77 2.55 3.06
CA PHE A 48 2.17 1.62 4.08
C PHE A 48 2.11 0.22 3.51
N PHE A 49 3.22 -0.42 3.42
CA PHE A 49 3.30 -1.78 2.88
C PHE A 49 2.95 -2.83 3.91
N PHE A 50 2.12 -3.77 3.52
CA PHE A 50 1.72 -4.83 4.40
C PHE A 50 2.73 -5.96 4.37
N GLY A 51 2.82 -6.66 5.46
CA GLY A 51 3.71 -7.80 5.62
C GLY A 51 5.15 -7.41 5.87
N THR A 52 5.52 -6.21 5.53
CA THR A 52 6.85 -5.74 5.83
C THR A 52 6.76 -4.52 6.73
N HIS A 53 5.59 -3.84 6.69
CA HIS A 53 5.32 -2.65 7.50
C HIS A 53 6.19 -1.46 7.10
N GLU A 54 6.69 -1.51 5.86
CA GLU A 54 7.47 -0.45 5.29
C GLU A 54 6.54 0.70 4.94
N THR A 55 7.08 1.84 4.75
CA THR A 55 6.28 2.95 4.36
C THR A 55 7.02 3.69 3.28
N ALA A 56 6.31 4.05 2.28
CA ALA A 56 6.85 4.72 1.13
C ALA A 56 5.98 5.86 0.70
N PHE A 57 6.42 6.54 -0.33
CA PHE A 57 5.68 7.61 -0.95
C PHE A 57 5.70 7.41 -2.44
N LEU A 58 4.58 7.06 -2.97
CA LEU A 58 4.45 6.81 -4.39
C LEU A 58 3.34 7.67 -4.92
N GLY A 59 3.30 7.85 -6.20
CA GLY A 59 2.29 8.67 -6.77
C GLY A 59 1.09 7.83 -7.11
N PRO A 60 -0.04 8.46 -7.46
CA PRO A 60 -1.29 7.75 -7.80
C PRO A 60 -1.15 6.92 -9.09
N LYS A 61 -0.03 7.08 -9.74
CA LYS A 61 0.28 6.37 -10.96
C LYS A 61 1.15 5.14 -10.69
N ASP A 62 1.51 4.95 -9.45
CA ASP A 62 2.36 3.82 -9.08
C ASP A 62 1.67 2.87 -8.16
N ILE A 63 0.40 3.13 -7.97
CA ILE A 63 -0.46 2.33 -7.14
C ILE A 63 -1.73 2.00 -7.90
N PHE A 64 -2.33 0.90 -7.54
CA PHE A 64 -3.54 0.44 -8.19
C PHE A 64 -4.48 -0.12 -7.13
N PRO A 65 -5.82 0.01 -7.31
CA PRO A 65 -6.81 -0.43 -6.32
C PRO A 65 -6.74 -1.92 -6.02
N TYR A 66 -6.69 -2.24 -4.74
CA TYR A 66 -6.56 -3.60 -4.25
C TYR A 66 -7.68 -4.52 -4.69
N SER A 67 -8.86 -3.99 -4.82
CA SER A 67 -10.03 -4.78 -5.18
C SER A 67 -9.84 -5.43 -6.58
N GLU A 68 -9.61 -4.60 -7.57
CA GLU A 68 -9.51 -5.05 -8.96
C GLU A 68 -8.18 -5.72 -9.21
N ASN A 69 -7.21 -5.33 -8.45
CA ASN A 69 -5.88 -5.83 -8.64
C ASN A 69 -5.54 -7.00 -7.75
N LYS A 70 -6.51 -7.50 -7.00
CA LYS A 70 -6.30 -8.67 -6.15
C LYS A 70 -5.95 -9.91 -6.97
N GLU A 71 -6.59 -10.07 -8.09
CA GLU A 71 -6.29 -11.19 -8.96
C GLU A 71 -5.07 -10.95 -9.80
N LYS A 72 -4.73 -9.73 -9.87
CA LYS A 72 -3.60 -9.33 -10.65
C LYS A 72 -2.31 -9.46 -9.88
N TYR A 73 -2.25 -8.81 -8.75
CA TYR A 73 -1.02 -8.76 -7.99
C TYR A 73 -1.24 -9.23 -6.57
N GLY A 74 -2.42 -9.70 -6.29
CA GLY A 74 -2.74 -10.15 -4.95
C GLY A 74 -2.66 -11.64 -4.85
N LYS A 75 -1.86 -12.24 -5.70
CA LYS A 75 -1.72 -13.66 -5.70
C LYS A 75 -0.48 -14.01 -4.89
N PRO A 76 -0.42 -15.21 -4.29
CA PRO A 76 0.72 -15.63 -3.49
C PRO A 76 2.04 -15.61 -4.27
N ASN A 77 3.00 -14.96 -3.71
CA ASN A 77 4.29 -14.84 -4.32
C ASN A 77 5.34 -15.51 -3.52
N LYS A 78 6.52 -15.47 -4.07
CA LYS A 78 7.68 -16.08 -3.50
C LYS A 78 8.45 -15.03 -2.71
N ARG A 79 7.83 -13.87 -2.59
CA ARG A 79 8.37 -12.81 -1.79
C ARG A 79 7.87 -12.99 -0.37
N LYS A 80 8.76 -13.10 0.57
CA LYS A 80 8.33 -13.20 1.93
C LYS A 80 7.94 -11.82 2.39
N GLY A 81 6.92 -11.75 3.21
CA GLY A 81 6.36 -10.48 3.61
C GLY A 81 5.18 -10.15 2.73
N PHE A 82 5.21 -10.69 1.52
CA PHE A 82 4.14 -10.50 0.56
C PHE A 82 2.99 -11.39 0.97
N ASN A 83 3.35 -12.61 1.38
CA ASN A 83 2.38 -13.62 1.85
C ASN A 83 1.70 -13.06 3.08
N GLU A 84 2.53 -12.59 3.97
CA GLU A 84 2.13 -11.98 5.22
C GLU A 84 1.26 -10.76 4.96
N GLY A 85 1.64 -9.98 3.96
CA GLY A 85 0.90 -8.79 3.60
C GLY A 85 -0.45 -9.10 3.03
N LEU A 86 -0.55 -10.19 2.27
CA LEU A 86 -1.83 -10.63 1.75
C LEU A 86 -2.75 -10.98 2.90
N TRP A 87 -2.18 -11.55 3.95
CA TRP A 87 -2.92 -11.88 5.13
C TRP A 87 -3.36 -10.59 5.82
N GLU A 88 -2.43 -9.67 6.00
CA GLU A 88 -2.73 -8.40 6.65
C GLU A 88 -3.80 -7.61 5.92
N ILE A 89 -3.70 -7.49 4.62
CA ILE A 89 -4.63 -6.64 3.88
C ILE A 89 -6.04 -7.26 3.81
N ASP A 90 -6.12 -8.58 3.86
CA ASP A 90 -7.40 -9.31 3.80
C ASP A 90 -8.01 -9.52 5.19
N ASN A 91 -7.25 -9.25 6.24
CA ASN A 91 -7.72 -9.50 7.62
C ASN A 91 -7.72 -8.24 8.45
N ASN A 92 -6.58 -7.61 8.57
CA ASN A 92 -6.47 -6.40 9.35
C ASN A 92 -5.80 -5.29 8.54
N PRO A 93 -6.52 -4.70 7.55
CA PRO A 93 -5.97 -3.64 6.65
C PRO A 93 -5.72 -2.32 7.37
N LYS A 94 -6.15 -2.29 8.59
CA LYS A 94 -6.04 -1.15 9.46
C LYS A 94 -4.97 -1.41 10.52
N VAL A 95 -4.04 -2.34 10.22
CA VAL A 95 -2.95 -2.72 11.15
C VAL A 95 -1.99 -1.54 11.50
N LYS A 96 -2.48 -0.79 12.42
CA LYS A 96 -1.91 0.38 13.03
C LYS A 96 -2.61 0.43 14.36
N PHE A 97 -3.87 0.09 14.27
CA PHE A 97 -4.70 -0.17 15.41
C PHE A 97 -4.34 -1.56 15.89
N SER A 98 -4.30 -1.75 17.17
CA SER A 98 -3.90 -3.00 17.78
C SER A 98 -5.01 -4.09 17.66
N MET A 6 -7.91 1.34 -13.28
CA MET A 6 -8.79 2.49 -13.26
C MET A 6 -7.94 3.72 -13.20
N ALA A 7 -8.59 4.86 -13.20
CA ALA A 7 -7.96 6.14 -13.02
C ALA A 7 -8.76 6.82 -11.95
N ARG A 8 -8.48 6.45 -10.74
CA ARG A 8 -9.23 6.89 -9.61
C ARG A 8 -8.37 7.58 -8.57
N ASP A 9 -9.01 7.89 -7.50
CA ASP A 9 -8.49 8.67 -6.39
C ASP A 9 -7.99 7.75 -5.32
N PHE A 10 -7.05 8.21 -4.55
CA PHE A 10 -6.48 7.42 -3.51
C PHE A 10 -6.36 8.25 -2.26
N LYS A 11 -6.96 7.80 -1.20
CA LYS A 11 -6.92 8.49 0.06
C LYS A 11 -6.61 7.53 1.18
N PRO A 12 -6.05 8.04 2.31
CA PRO A 12 -5.75 7.24 3.50
C PRO A 12 -6.87 6.29 3.91
N GLY A 13 -6.55 5.02 4.02
CA GLY A 13 -7.51 4.03 4.37
C GLY A 13 -7.73 3.04 3.26
N ASP A 14 -7.47 3.47 2.04
CA ASP A 14 -7.68 2.64 0.85
C ASP A 14 -6.61 1.57 0.72
N LEU A 15 -7.00 0.48 0.12
CA LEU A 15 -6.17 -0.68 -0.03
C LEU A 15 -5.65 -0.75 -1.43
N ILE A 16 -4.37 -0.83 -1.54
CA ILE A 16 -3.72 -0.76 -2.80
C ILE A 16 -2.62 -1.78 -2.93
N PHE A 17 -1.94 -1.65 -4.03
CA PHE A 17 -0.75 -2.33 -4.33
C PHE A 17 0.23 -1.27 -4.67
N ALA A 18 1.35 -1.37 -4.09
CA ALA A 18 2.34 -0.39 -4.21
C ALA A 18 3.43 -0.90 -5.06
N LYS A 19 3.77 -0.13 -6.03
CA LYS A 19 4.76 -0.47 -6.94
C LYS A 19 5.86 0.58 -6.86
N MET A 20 7.01 0.14 -6.49
CA MET A 20 8.17 1.00 -6.31
C MET A 20 9.01 0.94 -7.55
N LYS A 21 9.83 1.93 -7.77
CA LYS A 21 10.72 1.91 -8.90
C LYS A 21 11.74 0.79 -8.67
N GLY A 22 11.70 -0.21 -9.52
CA GLY A 22 12.63 -1.32 -9.40
C GLY A 22 11.99 -2.54 -8.74
N TYR A 23 10.87 -2.33 -8.05
CA TYR A 23 10.23 -3.43 -7.34
C TYR A 23 8.80 -3.63 -7.86
N PRO A 24 8.35 -4.90 -7.92
CA PRO A 24 6.99 -5.25 -8.37
C PRO A 24 5.90 -4.79 -7.39
N HIS A 25 4.65 -4.91 -7.83
CA HIS A 25 3.48 -4.53 -7.03
C HIS A 25 3.41 -5.36 -5.75
N TRP A 26 3.41 -4.69 -4.63
CA TRP A 26 3.34 -5.32 -3.33
C TRP A 26 2.09 -4.78 -2.62
N PRO A 27 1.30 -5.62 -1.93
CA PRO A 27 0.08 -5.16 -1.22
C PRO A 27 0.42 -4.13 -0.13
N ALA A 28 -0.19 -2.96 -0.22
CA ALA A 28 0.10 -1.91 0.70
C ALA A 28 -1.14 -1.11 1.06
N ARG A 29 -1.02 -0.32 2.07
CA ARG A 29 -2.08 0.55 2.54
C ARG A 29 -1.67 2.00 2.35
N VAL A 30 -2.60 2.83 1.94
CA VAL A 30 -2.37 4.26 1.94
C VAL A 30 -2.73 4.70 3.33
N ASP A 31 -1.78 5.19 4.08
CA ASP A 31 -2.07 5.50 5.48
C ASP A 31 -2.32 7.00 5.65
N GLU A 32 -2.55 7.43 6.87
CA GLU A 32 -2.91 8.80 7.13
C GLU A 32 -1.70 9.66 7.42
N VAL A 33 -1.60 10.74 6.69
CA VAL A 33 -0.60 11.72 6.92
C VAL A 33 -1.22 12.89 7.69
N PRO A 34 -0.76 13.14 8.90
CA PRO A 34 -1.30 14.19 9.75
C PRO A 34 -0.69 15.56 9.47
N ASP A 35 -1.47 16.58 9.73
CA ASP A 35 -1.01 17.95 9.67
C ASP A 35 0.12 18.11 10.65
N GLY A 36 1.25 18.52 10.16
CA GLY A 36 2.38 18.67 11.02
C GLY A 36 3.46 17.65 10.73
N ALA A 37 3.15 16.66 9.89
CA ALA A 37 4.15 15.64 9.46
C ALA A 37 5.16 16.21 8.44
N VAL A 38 5.57 17.44 8.72
CA VAL A 38 6.47 18.33 8.00
C VAL A 38 6.32 18.48 6.48
N LYS A 39 6.11 17.40 5.79
CA LYS A 39 6.02 17.44 4.37
C LYS A 39 4.62 17.77 3.86
N PRO A 40 4.54 18.61 2.83
CA PRO A 40 3.33 18.83 2.10
C PRO A 40 3.17 17.70 1.08
N PRO A 41 2.01 17.60 0.39
CA PRO A 41 1.81 16.57 -0.62
C PRO A 41 2.90 16.68 -1.68
N THR A 42 3.57 15.60 -1.92
CA THR A 42 4.73 15.56 -2.78
C THR A 42 4.39 14.95 -4.14
N ASN A 43 3.08 14.73 -4.34
CA ASN A 43 2.45 13.97 -5.48
C ASN A 43 2.50 12.49 -5.11
N LYS A 44 2.91 12.27 -3.89
CA LYS A 44 3.01 10.99 -3.31
C LYS A 44 2.21 10.90 -2.06
N LEU A 45 1.94 9.69 -1.71
CA LEU A 45 1.13 9.34 -0.57
C LEU A 45 1.95 8.47 0.36
N PRO A 46 1.60 8.41 1.66
CA PRO A 46 2.26 7.50 2.58
C PRO A 46 1.77 6.08 2.35
N ILE A 47 2.69 5.19 2.08
CA ILE A 47 2.36 3.83 1.76
C ILE A 47 2.93 2.89 2.80
N PHE A 48 2.09 2.14 3.40
CA PHE A 48 2.48 1.18 4.40
C PHE A 48 2.45 -0.21 3.77
N PHE A 49 3.60 -0.83 3.69
CA PHE A 49 3.68 -2.18 3.12
C PHE A 49 3.18 -3.25 4.09
N PHE A 50 2.30 -4.10 3.62
CA PHE A 50 1.79 -5.19 4.41
C PHE A 50 2.79 -6.34 4.44
N GLY A 51 2.77 -7.10 5.53
CA GLY A 51 3.61 -8.28 5.69
C GLY A 51 5.06 -7.96 6.05
N THR A 52 5.49 -6.75 5.80
CA THR A 52 6.81 -6.34 6.22
C THR A 52 6.71 -5.15 7.19
N HIS A 53 5.57 -4.42 7.11
CA HIS A 53 5.29 -3.25 7.97
C HIS A 53 6.19 -2.07 7.67
N GLU A 54 6.74 -2.06 6.48
CA GLU A 54 7.61 -1.01 6.03
C GLU A 54 6.77 0.16 5.56
N THR A 55 7.38 1.30 5.40
CA THR A 55 6.66 2.45 4.93
C THR A 55 7.44 3.08 3.77
N ALA A 56 6.71 3.51 2.78
CA ALA A 56 7.27 4.11 1.59
C ALA A 56 6.39 5.27 1.14
N PHE A 57 6.78 5.91 0.05
CA PHE A 57 6.03 7.02 -0.51
C PHE A 57 5.86 6.85 -2.00
N LEU A 58 4.65 6.62 -2.40
CA LEU A 58 4.31 6.44 -3.79
C LEU A 58 3.08 7.23 -4.05
N GLY A 59 2.94 7.74 -5.23
CA GLY A 59 1.79 8.56 -5.52
C GLY A 59 0.71 7.78 -6.15
N PRO A 60 -0.45 8.40 -6.42
CA PRO A 60 -1.62 7.72 -6.98
C PRO A 60 -1.34 7.13 -8.36
N LYS A 61 -0.29 7.61 -8.96
CA LYS A 61 0.14 7.13 -10.24
C LYS A 61 1.26 6.09 -10.15
N ASP A 62 1.62 5.77 -8.95
CA ASP A 62 2.62 4.74 -8.69
C ASP A 62 1.94 3.51 -8.13
N ILE A 63 0.73 3.70 -7.68
CA ILE A 63 -0.02 2.68 -7.00
C ILE A 63 -1.26 2.33 -7.76
N PHE A 64 -1.75 1.16 -7.50
CA PHE A 64 -2.93 0.66 -8.14
C PHE A 64 -3.77 -0.04 -7.06
N PRO A 65 -5.11 0.06 -7.12
CA PRO A 65 -6.00 -0.44 -6.04
C PRO A 65 -6.06 -1.96 -5.91
N TYR A 66 -6.26 -2.42 -4.67
CA TYR A 66 -6.42 -3.83 -4.34
C TYR A 66 -7.53 -4.43 -5.16
N SER A 67 -8.55 -3.63 -5.40
CA SER A 67 -9.73 -4.02 -6.13
C SER A 67 -9.38 -4.62 -7.51
N GLU A 68 -8.44 -4.00 -8.23
CA GLU A 68 -8.08 -4.44 -9.58
C GLU A 68 -6.89 -5.39 -9.56
N ASN A 69 -6.07 -5.26 -8.55
CA ASN A 69 -4.84 -6.05 -8.49
C ASN A 69 -5.02 -7.35 -7.78
N LYS A 70 -6.19 -7.61 -7.33
CA LYS A 70 -6.53 -8.83 -6.62
C LYS A 70 -6.40 -10.04 -7.58
N GLU A 71 -6.98 -9.89 -8.75
CA GLU A 71 -6.95 -10.91 -9.79
C GLU A 71 -5.54 -11.02 -10.34
N LYS A 72 -4.90 -9.90 -10.40
CA LYS A 72 -3.60 -9.79 -11.01
C LYS A 72 -2.49 -10.28 -10.08
N TYR A 73 -2.36 -9.65 -8.96
CA TYR A 73 -1.23 -9.90 -8.07
C TYR A 73 -1.68 -10.36 -6.68
N GLY A 74 -2.97 -10.57 -6.49
CA GLY A 74 -3.51 -10.97 -5.18
C GLY A 74 -3.38 -12.46 -4.92
N LYS A 75 -2.33 -13.06 -5.41
CA LYS A 75 -2.11 -14.48 -5.24
C LYS A 75 -0.76 -14.71 -4.58
N PRO A 76 -0.67 -15.75 -3.70
CA PRO A 76 0.52 -16.05 -2.92
C PRO A 76 1.82 -16.03 -3.69
N ASN A 77 2.72 -15.33 -3.17
CA ASN A 77 3.97 -15.18 -3.81
C ASN A 77 4.97 -16.05 -3.13
N LYS A 78 6.20 -15.84 -3.43
CA LYS A 78 7.27 -16.57 -2.84
C LYS A 78 8.18 -15.57 -2.14
N ARG A 79 7.62 -14.39 -1.92
CA ARG A 79 8.30 -13.35 -1.20
C ARG A 79 7.77 -13.27 0.22
N LYS A 80 8.67 -13.21 1.18
CA LYS A 80 8.28 -13.05 2.56
C LYS A 80 7.71 -11.67 2.74
N GLY A 81 6.56 -11.61 3.30
CA GLY A 81 5.89 -10.38 3.51
C GLY A 81 4.74 -10.23 2.57
N PHE A 82 4.85 -10.89 1.44
CA PHE A 82 3.84 -10.80 0.45
C PHE A 82 2.64 -11.64 0.87
N ASN A 83 2.91 -12.85 1.33
CA ASN A 83 1.83 -13.77 1.73
C ASN A 83 1.20 -13.30 3.01
N GLU A 84 2.04 -12.87 3.92
CA GLU A 84 1.59 -12.38 5.20
C GLU A 84 0.83 -11.09 4.99
N GLY A 85 1.27 -10.31 4.00
CA GLY A 85 0.61 -9.09 3.69
C GLY A 85 -0.74 -9.30 3.06
N LEU A 86 -0.86 -10.36 2.26
CA LEU A 86 -2.14 -10.75 1.69
C LEU A 86 -3.10 -11.08 2.81
N TRP A 87 -2.58 -11.67 3.86
CA TRP A 87 -3.35 -11.98 5.02
C TRP A 87 -3.72 -10.70 5.77
N GLU A 88 -2.72 -9.84 6.02
CA GLU A 88 -2.95 -8.59 6.73
C GLU A 88 -3.95 -7.70 6.04
N ILE A 89 -3.88 -7.62 4.73
CA ILE A 89 -4.75 -6.71 4.00
C ILE A 89 -6.21 -7.20 4.02
N ASP A 90 -6.37 -8.48 4.26
CA ASP A 90 -7.66 -9.11 4.26
C ASP A 90 -8.25 -9.11 5.68
N ASN A 91 -7.42 -9.42 6.67
CA ASN A 91 -7.90 -9.58 8.05
C ASN A 91 -7.80 -8.31 8.84
N ASN A 92 -6.70 -7.64 8.71
CA ASN A 92 -6.51 -6.40 9.47
C ASN A 92 -5.96 -5.29 8.56
N PRO A 93 -6.78 -4.80 7.58
CA PRO A 93 -6.35 -3.75 6.62
C PRO A 93 -6.15 -2.40 7.31
N LYS A 94 -6.50 -2.38 8.55
CA LYS A 94 -6.42 -1.25 9.44
C LYS A 94 -5.22 -1.39 10.38
N VAL A 95 -4.26 -2.22 10.00
CA VAL A 95 -3.04 -2.35 10.77
C VAL A 95 -2.11 -1.17 10.45
N LYS A 96 -1.25 -0.82 11.39
CA LYS A 96 -0.37 0.30 11.22
C LYS A 96 1.03 -0.02 11.73
N PHE A 97 1.80 1.03 11.83
CA PHE A 97 3.15 1.05 12.34
C PHE A 97 3.15 0.95 13.88
N SER A 98 4.29 1.21 14.50
CA SER A 98 4.50 1.07 15.96
C SER A 98 3.50 1.87 16.80
N MET A 6 -3.87 4.43 -10.68
CA MET A 6 -4.89 5.11 -11.53
C MET A 6 -5.03 6.54 -11.12
N ALA A 7 -5.70 7.32 -11.93
CA ALA A 7 -5.91 8.71 -11.65
C ALA A 7 -7.25 8.91 -10.98
N ARG A 8 -7.30 8.47 -9.78
CA ARG A 8 -8.42 8.67 -8.90
C ARG A 8 -7.86 9.20 -7.61
N ASP A 9 -8.69 9.50 -6.65
CA ASP A 9 -8.20 9.90 -5.38
C ASP A 9 -8.00 8.67 -4.54
N PHE A 10 -7.00 8.72 -3.73
CA PHE A 10 -6.66 7.63 -2.88
C PHE A 10 -6.83 8.09 -1.47
N LYS A 11 -7.66 7.40 -0.75
CA LYS A 11 -8.09 7.81 0.55
C LYS A 11 -7.25 7.14 1.61
N PRO A 12 -6.95 7.82 2.72
CA PRO A 12 -6.23 7.20 3.84
C PRO A 12 -7.01 5.99 4.35
N GLY A 13 -6.42 4.83 4.23
CA GLY A 13 -7.09 3.62 4.61
C GLY A 13 -7.47 2.77 3.42
N ASP A 14 -7.28 3.31 2.21
CA ASP A 14 -7.66 2.62 0.96
C ASP A 14 -6.72 1.44 0.73
N LEU A 15 -7.21 0.45 0.05
CA LEU A 15 -6.47 -0.77 -0.19
C LEU A 15 -5.96 -0.80 -1.58
N ILE A 16 -4.69 -0.90 -1.71
CA ILE A 16 -4.08 -0.83 -2.98
C ILE A 16 -2.92 -1.82 -3.12
N PHE A 17 -2.29 -1.73 -4.24
CA PHE A 17 -1.09 -2.39 -4.54
C PHE A 17 -0.12 -1.33 -4.93
N ALA A 18 1.00 -1.35 -4.34
CA ALA A 18 1.99 -0.36 -4.56
C ALA A 18 3.21 -0.98 -5.16
N LYS A 19 3.80 -0.29 -6.07
CA LYS A 19 4.93 -0.76 -6.76
C LYS A 19 6.10 0.21 -6.59
N MET A 20 7.20 -0.29 -6.10
CA MET A 20 8.43 0.48 -5.97
C MET A 20 9.47 -0.09 -6.86
N LYS A 21 10.46 0.69 -7.21
CA LYS A 21 11.55 0.21 -8.05
C LYS A 21 12.33 -0.87 -7.27
N GLY A 22 12.31 -2.08 -7.78
CA GLY A 22 12.98 -3.18 -7.10
C GLY A 22 11.99 -4.05 -6.35
N TYR A 23 10.78 -3.53 -6.23
CA TYR A 23 9.70 -4.22 -5.58
C TYR A 23 8.66 -4.62 -6.60
N PRO A 24 7.96 -5.72 -6.36
CA PRO A 24 6.82 -6.09 -7.16
C PRO A 24 5.62 -5.30 -6.68
N HIS A 25 4.51 -5.37 -7.39
CA HIS A 25 3.30 -4.73 -6.92
C HIS A 25 2.89 -5.44 -5.64
N TRP A 26 2.99 -4.74 -4.54
CA TRP A 26 2.86 -5.30 -3.23
C TRP A 26 1.57 -4.77 -2.60
N PRO A 27 0.83 -5.61 -1.85
CA PRO A 27 -0.38 -5.18 -1.17
C PRO A 27 -0.05 -4.13 -0.11
N ALA A 28 -0.58 -2.96 -0.26
CA ALA A 28 -0.28 -1.90 0.61
C ALA A 28 -1.52 -1.09 0.90
N ARG A 29 -1.44 -0.26 1.87
CA ARG A 29 -2.52 0.58 2.24
C ARG A 29 -2.10 2.01 2.00
N VAL A 30 -3.02 2.84 1.59
CA VAL A 30 -2.75 4.25 1.54
C VAL A 30 -2.78 4.70 2.99
N ASP A 31 -1.70 5.23 3.47
CA ASP A 31 -1.58 5.53 4.88
C ASP A 31 -2.18 6.90 5.17
N GLU A 32 -2.19 7.34 6.41
CA GLU A 32 -2.85 8.58 6.71
C GLU A 32 -1.85 9.70 6.95
N VAL A 33 -2.27 10.91 6.63
CA VAL A 33 -1.46 12.08 6.84
C VAL A 33 -1.33 12.34 8.32
N PRO A 34 -0.12 12.31 8.82
CA PRO A 34 0.13 12.49 10.21
C PRO A 34 -0.01 13.92 10.66
N ASP A 35 -0.54 14.11 11.85
CA ASP A 35 -0.56 15.41 12.46
C ASP A 35 0.89 15.85 12.64
N GLY A 36 1.14 17.08 12.32
CA GLY A 36 2.48 17.58 12.34
C GLY A 36 3.05 17.68 10.94
N ALA A 37 2.36 17.08 9.98
CA ALA A 37 2.75 17.20 8.59
C ALA A 37 2.21 18.48 8.00
N VAL A 38 2.96 19.53 8.22
CA VAL A 38 2.65 20.85 7.67
C VAL A 38 3.51 21.08 6.44
N LYS A 39 4.18 20.04 6.05
CA LYS A 39 5.04 20.06 4.91
C LYS A 39 4.21 19.88 3.65
N PRO A 40 4.52 20.62 2.58
CA PRO A 40 3.79 20.52 1.32
C PRO A 40 3.87 19.13 0.70
N PRO A 41 2.81 18.69 0.00
CA PRO A 41 2.77 17.37 -0.60
C PRO A 41 3.84 17.20 -1.68
N THR A 42 4.59 16.16 -1.57
CA THR A 42 5.70 15.85 -2.45
C THR A 42 5.23 15.27 -3.80
N ASN A 43 3.91 15.29 -4.04
CA ASN A 43 3.24 14.75 -5.26
C ASN A 43 3.05 13.27 -5.15
N LYS A 44 3.31 12.81 -3.97
CA LYS A 44 3.20 11.43 -3.63
C LYS A 44 2.32 11.23 -2.45
N LEU A 45 1.93 10.01 -2.27
CA LEU A 45 1.04 9.61 -1.22
C LEU A 45 1.76 8.65 -0.30
N PRO A 46 1.44 8.66 1.01
CA PRO A 46 2.04 7.75 1.98
C PRO A 46 1.48 6.33 1.79
N ILE A 47 2.34 5.39 1.58
CA ILE A 47 1.94 4.03 1.33
C ILE A 47 2.54 3.12 2.38
N PHE A 48 1.72 2.34 3.01
CA PHE A 48 2.19 1.42 4.01
C PHE A 48 2.14 0.00 3.47
N PHE A 49 3.28 -0.64 3.43
CA PHE A 49 3.36 -2.03 2.94
C PHE A 49 3.08 -3.05 4.04
N PHE A 50 2.23 -3.99 3.74
CA PHE A 50 1.88 -5.04 4.67
C PHE A 50 2.88 -6.19 4.60
N GLY A 51 2.95 -6.98 5.66
CA GLY A 51 3.84 -8.13 5.75
C GLY A 51 5.31 -7.79 5.98
N THR A 52 5.69 -6.58 5.68
CA THR A 52 7.01 -6.11 5.99
C THR A 52 6.91 -4.91 6.92
N HIS A 53 5.74 -4.24 6.87
CA HIS A 53 5.45 -3.06 7.69
C HIS A 53 6.30 -1.87 7.29
N GLU A 54 6.72 -1.86 6.04
CA GLU A 54 7.50 -0.78 5.46
C GLU A 54 6.55 0.36 5.10
N THR A 55 7.08 1.52 4.91
CA THR A 55 6.28 2.63 4.51
C THR A 55 7.02 3.37 3.42
N ALA A 56 6.31 3.81 2.45
CA ALA A 56 6.89 4.47 1.29
C ALA A 56 6.02 5.60 0.81
N PHE A 57 6.47 6.26 -0.23
CA PHE A 57 5.74 7.36 -0.85
C PHE A 57 5.76 7.18 -2.35
N LEU A 58 4.62 6.96 -2.92
CA LEU A 58 4.51 6.72 -4.34
C LEU A 58 3.47 7.62 -4.95
N GLY A 59 3.45 7.70 -6.25
CA GLY A 59 2.50 8.52 -6.92
C GLY A 59 1.28 7.71 -7.29
N PRO A 60 0.19 8.37 -7.70
CA PRO A 60 -1.09 7.68 -8.03
C PRO A 60 -0.99 6.80 -9.27
N LYS A 61 0.13 6.88 -9.93
CA LYS A 61 0.35 6.09 -11.12
C LYS A 61 1.06 4.79 -10.75
N ASP A 62 1.66 4.78 -9.59
CA ASP A 62 2.46 3.66 -9.15
C ASP A 62 1.68 2.77 -8.22
N ILE A 63 0.46 3.15 -7.98
CA ILE A 63 -0.43 2.44 -7.13
C ILE A 63 -1.73 2.11 -7.86
N PHE A 64 -2.26 0.99 -7.53
CA PHE A 64 -3.45 0.49 -8.15
C PHE A 64 -4.38 -0.06 -7.06
N PRO A 65 -5.71 0.08 -7.22
CA PRO A 65 -6.69 -0.40 -6.21
C PRO A 65 -6.75 -1.91 -6.09
N TYR A 66 -6.62 -2.40 -4.85
CA TYR A 66 -6.65 -3.84 -4.53
C TYR A 66 -7.89 -4.50 -5.11
N SER A 67 -8.99 -3.80 -5.05
CA SER A 67 -10.26 -4.27 -5.52
C SER A 67 -10.23 -4.68 -7.00
N GLU A 68 -9.53 -3.90 -7.82
CA GLU A 68 -9.56 -4.11 -9.26
C GLU A 68 -8.38 -4.95 -9.74
N ASN A 69 -7.35 -5.04 -8.95
CA ASN A 69 -6.18 -5.79 -9.36
C ASN A 69 -5.76 -6.87 -8.42
N LYS A 70 -6.71 -7.37 -7.68
CA LYS A 70 -6.46 -8.51 -6.79
C LYS A 70 -6.24 -9.78 -7.64
N GLU A 71 -6.88 -9.82 -8.79
CA GLU A 71 -6.70 -10.88 -9.77
C GLU A 71 -5.29 -10.82 -10.28
N LYS A 72 -4.83 -9.61 -10.47
CA LYS A 72 -3.56 -9.36 -11.05
C LYS A 72 -2.44 -9.61 -10.08
N TYR A 73 -2.46 -8.89 -9.01
CA TYR A 73 -1.33 -8.84 -8.11
C TYR A 73 -1.58 -9.59 -6.82
N GLY A 74 -2.81 -10.00 -6.60
CA GLY A 74 -3.18 -10.66 -5.37
C GLY A 74 -2.84 -12.14 -5.37
N LYS A 75 -1.69 -12.48 -5.89
CA LYS A 75 -1.24 -13.85 -5.91
C LYS A 75 0.09 -13.91 -5.20
N PRO A 76 0.22 -14.77 -4.18
CA PRO A 76 1.39 -14.80 -3.34
C PRO A 76 2.71 -15.02 -4.08
N ASN A 77 3.62 -14.13 -3.81
CA ASN A 77 4.97 -14.19 -4.35
C ASN A 77 5.79 -15.06 -3.48
N LYS A 78 7.05 -15.06 -3.71
CA LYS A 78 7.96 -15.76 -2.85
C LYS A 78 8.80 -14.73 -2.13
N ARG A 79 8.23 -13.53 -2.08
CA ARG A 79 8.79 -12.45 -1.31
C ARG A 79 8.25 -12.55 0.10
N LYS A 80 9.14 -12.54 1.09
CA LYS A 80 8.69 -12.56 2.46
C LYS A 80 7.96 -11.29 2.72
N GLY A 81 6.84 -11.38 3.36
CA GLY A 81 6.04 -10.24 3.62
C GLY A 81 4.90 -10.12 2.66
N PHE A 82 5.05 -10.66 1.48
CA PHE A 82 4.02 -10.54 0.49
C PHE A 82 2.85 -11.43 0.86
N ASN A 83 3.16 -12.64 1.30
CA ASN A 83 2.12 -13.62 1.64
C ASN A 83 1.45 -13.21 2.93
N GLU A 84 2.27 -12.76 3.85
CA GLU A 84 1.86 -12.28 5.15
C GLU A 84 1.01 -11.01 4.99
N GLY A 85 1.42 -10.16 4.06
CA GLY A 85 0.72 -8.93 3.80
C GLY A 85 -0.63 -9.15 3.17
N LEU A 86 -0.74 -10.21 2.38
CA LEU A 86 -2.04 -10.58 1.80
C LEU A 86 -2.98 -10.95 2.92
N TRP A 87 -2.45 -11.51 3.98
CA TRP A 87 -3.23 -11.85 5.14
C TRP A 87 -3.60 -10.58 5.92
N GLU A 88 -2.60 -9.72 6.17
CA GLU A 88 -2.83 -8.48 6.90
C GLU A 88 -3.85 -7.59 6.23
N ILE A 89 -3.80 -7.48 4.92
CA ILE A 89 -4.70 -6.58 4.20
C ILE A 89 -6.14 -7.11 4.23
N ASP A 90 -6.27 -8.40 4.45
CA ASP A 90 -7.54 -9.07 4.45
C ASP A 90 -8.14 -9.07 5.85
N ASN A 91 -7.30 -9.31 6.85
CA ASN A 91 -7.79 -9.45 8.24
C ASN A 91 -7.76 -8.16 8.99
N ASN A 92 -6.65 -7.49 8.95
CA ASN A 92 -6.54 -6.24 9.66
C ASN A 92 -5.91 -5.17 8.77
N PRO A 93 -6.68 -4.63 7.81
CA PRO A 93 -6.17 -3.68 6.80
C PRO A 93 -5.75 -2.32 7.37
N LYS A 94 -6.02 -2.11 8.63
CA LYS A 94 -5.70 -0.85 9.29
C LYS A 94 -4.45 -1.02 10.17
N VAL A 95 -3.72 -2.08 9.93
CA VAL A 95 -2.56 -2.38 10.73
C VAL A 95 -1.33 -1.61 10.25
N LYS A 96 -0.47 -1.29 11.18
CA LYS A 96 0.80 -0.69 10.94
C LYS A 96 1.72 -1.11 12.05
N PHE A 97 2.95 -0.60 12.08
CA PHE A 97 3.88 -1.03 13.12
C PHE A 97 3.53 -0.40 14.45
N SER A 98 3.25 0.86 14.44
CA SER A 98 2.89 1.56 15.63
C SER A 98 1.39 1.42 15.85
N MET A 6 -14.12 -1.24 -9.74
CA MET A 6 -14.65 0.11 -9.54
C MET A 6 -13.73 1.07 -10.23
N ALA A 7 -14.01 2.33 -10.07
CA ALA A 7 -13.17 3.38 -10.52
C ALA A 7 -13.02 4.26 -9.32
N ARG A 8 -12.13 3.87 -8.47
CA ARG A 8 -11.96 4.53 -7.21
C ARG A 8 -10.71 5.38 -7.20
N ASP A 9 -10.70 6.25 -6.26
CA ASP A 9 -9.61 7.13 -5.95
C ASP A 9 -8.78 6.50 -4.84
N PHE A 10 -7.81 7.23 -4.33
CA PHE A 10 -6.93 6.72 -3.32
C PHE A 10 -7.05 7.56 -2.06
N LYS A 11 -7.59 6.97 -1.03
CA LYS A 11 -7.82 7.64 0.23
C LYS A 11 -6.87 7.08 1.24
N PRO A 12 -6.51 7.83 2.27
CA PRO A 12 -5.77 7.26 3.38
C PRO A 12 -6.67 6.20 4.01
N GLY A 13 -6.26 4.97 3.95
CA GLY A 13 -7.08 3.91 4.42
C GLY A 13 -7.50 2.97 3.29
N ASP A 14 -7.41 3.44 2.03
CA ASP A 14 -7.86 2.62 0.88
C ASP A 14 -6.79 1.58 0.55
N LEU A 15 -7.21 0.48 -0.01
CA LEU A 15 -6.36 -0.66 -0.24
C LEU A 15 -5.84 -0.70 -1.65
N ILE A 16 -4.53 -0.81 -1.78
CA ILE A 16 -3.92 -0.73 -3.08
C ILE A 16 -2.76 -1.74 -3.25
N PHE A 17 -2.16 -1.70 -4.39
CA PHE A 17 -0.98 -2.42 -4.73
C PHE A 17 0.03 -1.40 -5.08
N ALA A 18 1.14 -1.45 -4.45
CA ALA A 18 2.13 -0.45 -4.63
C ALA A 18 3.33 -1.01 -5.32
N LYS A 19 3.95 -0.20 -6.11
CA LYS A 19 5.08 -0.59 -6.88
C LYS A 19 6.33 0.20 -6.47
N MET A 20 7.33 -0.48 -5.97
CA MET A 20 8.61 0.14 -5.68
C MET A 20 9.70 -0.38 -6.60
N LYS A 21 10.77 0.39 -6.73
CA LYS A 21 11.92 -0.04 -7.51
C LYS A 21 12.58 -1.22 -6.80
N GLY A 22 12.60 -2.37 -7.46
CA GLY A 22 13.13 -3.58 -6.84
C GLY A 22 12.02 -4.43 -6.23
N TYR A 23 10.82 -3.88 -6.27
CA TYR A 23 9.66 -4.53 -5.75
C TYR A 23 8.61 -4.80 -6.82
N PRO A 24 7.91 -5.92 -6.68
CA PRO A 24 6.75 -6.23 -7.49
C PRO A 24 5.55 -5.47 -6.91
N HIS A 25 4.44 -5.49 -7.59
CA HIS A 25 3.23 -4.84 -7.07
C HIS A 25 2.81 -5.55 -5.80
N TRP A 26 2.95 -4.86 -4.71
CA TRP A 26 2.82 -5.40 -3.39
C TRP A 26 1.54 -4.86 -2.75
N PRO A 27 0.80 -5.69 -2.00
CA PRO A 27 -0.40 -5.24 -1.32
C PRO A 27 -0.03 -4.24 -0.22
N ALA A 28 -0.52 -3.05 -0.35
CA ALA A 28 -0.18 -2.01 0.53
C ALA A 28 -1.38 -1.10 0.70
N ARG A 29 -1.33 -0.25 1.65
CA ARG A 29 -2.42 0.64 1.88
C ARG A 29 -1.93 2.05 1.81
N VAL A 30 -2.78 2.95 1.38
CA VAL A 30 -2.47 4.34 1.50
C VAL A 30 -2.61 4.64 2.99
N ASP A 31 -1.55 5.10 3.58
CA ASP A 31 -1.48 5.24 5.04
C ASP A 31 -2.13 6.56 5.46
N GLU A 32 -2.28 6.78 6.73
CA GLU A 32 -2.93 7.97 7.20
C GLU A 32 -1.95 8.96 7.77
N VAL A 33 -2.02 10.17 7.25
CA VAL A 33 -1.13 11.25 7.61
C VAL A 33 -1.52 11.83 8.95
N PRO A 34 -0.57 11.93 9.86
CA PRO A 34 -0.82 12.50 11.16
C PRO A 34 -0.99 14.00 11.11
N ASP A 35 -1.75 14.52 12.04
CA ASP A 35 -1.86 15.95 12.20
C ASP A 35 -0.55 16.46 12.75
N GLY A 36 -0.23 17.67 12.44
CA GLY A 36 1.02 18.22 12.83
C GLY A 36 2.10 17.92 11.81
N ALA A 37 1.76 17.11 10.82
CA ALA A 37 2.66 16.86 9.72
C ALA A 37 2.68 18.03 8.75
N VAL A 38 3.44 19.03 9.14
CA VAL A 38 3.66 20.23 8.33
C VAL A 38 4.98 20.11 7.60
N LYS A 39 5.53 18.94 7.68
CA LYS A 39 6.77 18.62 7.05
C LYS A 39 6.49 18.35 5.58
N PRO A 40 7.37 18.79 4.67
CA PRO A 40 7.14 18.62 3.24
C PRO A 40 7.11 17.14 2.82
N PRO A 41 6.12 16.75 2.01
CA PRO A 41 5.99 15.41 1.54
C PRO A 41 6.71 15.20 0.21
N THR A 42 6.79 13.96 -0.21
CA THR A 42 7.42 13.60 -1.46
C THR A 42 6.48 13.91 -2.66
N ASN A 43 5.36 14.60 -2.36
CA ASN A 43 4.34 15.01 -3.34
C ASN A 43 3.57 13.80 -3.85
N LYS A 44 3.64 12.74 -3.09
CA LYS A 44 2.98 11.52 -3.44
C LYS A 44 2.17 11.02 -2.25
N LEU A 45 1.46 9.93 -2.45
CA LEU A 45 0.59 9.36 -1.44
C LEU A 45 1.41 8.47 -0.50
N PRO A 46 1.13 8.50 0.81
CA PRO A 46 1.83 7.67 1.79
C PRO A 46 1.39 6.21 1.65
N ILE A 47 2.32 5.33 1.45
CA ILE A 47 1.99 3.94 1.22
C ILE A 47 2.65 3.08 2.28
N PHE A 48 1.87 2.31 2.98
CA PHE A 48 2.38 1.40 3.97
C PHE A 48 2.28 0.00 3.44
N PHE A 49 3.41 -0.65 3.33
CA PHE A 49 3.48 -2.02 2.83
C PHE A 49 3.19 -3.03 3.92
N PHE A 50 2.33 -3.97 3.62
CA PHE A 50 1.97 -4.99 4.56
C PHE A 50 2.98 -6.14 4.50
N GLY A 51 3.09 -6.85 5.59
CA GLY A 51 3.99 -7.99 5.73
C GLY A 51 5.46 -7.64 5.85
N THR A 52 5.85 -6.47 5.41
CA THR A 52 7.20 -6.03 5.62
C THR A 52 7.21 -4.80 6.49
N HIS A 53 6.06 -4.11 6.50
CA HIS A 53 5.81 -2.94 7.33
C HIS A 53 6.63 -1.74 6.88
N GLU A 54 7.03 -1.77 5.62
CA GLU A 54 7.77 -0.70 5.00
C GLU A 54 6.81 0.42 4.69
N THR A 55 7.32 1.58 4.49
CA THR A 55 6.49 2.69 4.15
C THR A 55 7.16 3.46 3.03
N ALA A 56 6.38 3.87 2.10
CA ALA A 56 6.86 4.58 0.94
C ALA A 56 5.93 5.69 0.56
N PHE A 57 6.27 6.39 -0.50
CA PHE A 57 5.47 7.44 -1.07
C PHE A 57 5.41 7.22 -2.54
N LEU A 58 4.26 6.87 -3.00
CA LEU A 58 4.05 6.55 -4.39
C LEU A 58 2.88 7.34 -4.91
N GLY A 59 2.91 7.64 -6.19
CA GLY A 59 1.88 8.45 -6.76
C GLY A 59 0.71 7.60 -7.14
N PRO A 60 -0.40 8.20 -7.56
CA PRO A 60 -1.62 7.46 -7.90
C PRO A 60 -1.42 6.56 -9.13
N LYS A 61 -0.37 6.83 -9.87
CA LYS A 61 -0.05 6.02 -11.01
C LYS A 61 1.02 4.97 -10.69
N ASP A 62 1.47 5.00 -9.47
CA ASP A 62 2.50 4.05 -9.00
C ASP A 62 1.83 3.00 -8.14
N ILE A 63 0.55 3.20 -7.93
CA ILE A 63 -0.26 2.33 -7.14
C ILE A 63 -1.48 1.96 -7.93
N PHE A 64 -2.05 0.85 -7.58
CA PHE A 64 -3.21 0.36 -8.25
C PHE A 64 -4.16 -0.13 -7.19
N PRO A 65 -5.45 0.16 -7.30
CA PRO A 65 -6.42 -0.23 -6.28
C PRO A 65 -6.57 -1.74 -6.16
N TYR A 66 -6.55 -2.22 -4.93
CA TYR A 66 -6.64 -3.64 -4.61
C TYR A 66 -7.91 -4.24 -5.15
N SER A 67 -8.97 -3.49 -5.05
CA SER A 67 -10.29 -3.93 -5.44
C SER A 67 -10.34 -4.26 -6.95
N GLU A 68 -9.63 -3.49 -7.70
CA GLU A 68 -9.65 -3.57 -9.14
C GLU A 68 -8.53 -4.42 -9.69
N ASN A 69 -7.54 -4.66 -8.90
CA ASN A 69 -6.37 -5.40 -9.38
C ASN A 69 -6.07 -6.62 -8.55
N LYS A 70 -7.03 -7.05 -7.75
CA LYS A 70 -6.83 -8.21 -6.86
C LYS A 70 -6.66 -9.50 -7.68
N GLU A 71 -7.33 -9.55 -8.81
CA GLU A 71 -7.28 -10.71 -9.70
C GLU A 71 -5.91 -10.78 -10.33
N LYS A 72 -5.29 -9.63 -10.40
CA LYS A 72 -4.08 -9.44 -11.11
C LYS A 72 -2.88 -9.67 -10.22
N TYR A 73 -2.79 -8.89 -9.18
CA TYR A 73 -1.61 -8.89 -8.33
C TYR A 73 -1.86 -9.58 -7.02
N GLY A 74 -3.07 -10.06 -6.83
CA GLY A 74 -3.43 -10.76 -5.63
C GLY A 74 -2.98 -12.21 -5.67
N LYS A 75 -1.69 -12.41 -5.87
CA LYS A 75 -1.12 -13.75 -5.92
C LYS A 75 0.06 -13.84 -4.98
N PRO A 76 0.09 -14.85 -4.10
CA PRO A 76 1.20 -15.07 -3.17
C PRO A 76 2.54 -15.16 -3.88
N ASN A 77 3.52 -14.54 -3.31
CA ASN A 77 4.81 -14.53 -3.91
C ASN A 77 5.84 -15.21 -3.10
N LYS A 78 7.03 -15.17 -3.66
CA LYS A 78 8.19 -15.78 -3.11
C LYS A 78 8.93 -14.73 -2.28
N ARG A 79 8.34 -13.55 -2.23
CA ARG A 79 8.85 -12.48 -1.44
C ARG A 79 8.36 -12.62 -0.01
N LYS A 80 9.30 -12.81 0.90
CA LYS A 80 9.00 -12.87 2.32
C LYS A 80 8.30 -11.56 2.69
N GLY A 81 7.14 -11.69 3.30
CA GLY A 81 6.37 -10.53 3.68
C GLY A 81 5.16 -10.34 2.81
N PHE A 82 5.21 -10.84 1.60
CA PHE A 82 4.11 -10.66 0.65
C PHE A 82 2.92 -11.48 1.12
N ASN A 83 3.23 -12.65 1.59
CA ASN A 83 2.25 -13.64 2.03
C ASN A 83 1.59 -13.13 3.30
N GLU A 84 2.40 -12.61 4.16
CA GLU A 84 1.98 -12.06 5.43
C GLU A 84 1.18 -10.79 5.21
N GLY A 85 1.56 -10.03 4.20
CA GLY A 85 0.84 -8.82 3.86
C GLY A 85 -0.52 -9.11 3.31
N LEU A 86 -0.64 -10.23 2.58
CA LEU A 86 -1.94 -10.67 2.10
C LEU A 86 -2.85 -10.98 3.28
N TRP A 87 -2.25 -11.48 4.34
CA TRP A 87 -2.98 -11.74 5.56
C TRP A 87 -3.36 -10.42 6.27
N GLU A 88 -2.39 -9.53 6.44
CA GLU A 88 -2.63 -8.24 7.09
C GLU A 88 -3.69 -7.42 6.40
N ILE A 89 -3.69 -7.42 5.07
CA ILE A 89 -4.65 -6.59 4.33
C ILE A 89 -6.07 -7.16 4.47
N ASP A 90 -6.15 -8.43 4.79
CA ASP A 90 -7.39 -9.14 4.90
C ASP A 90 -7.93 -9.01 6.33
N ASN A 91 -7.05 -9.15 7.31
CA ASN A 91 -7.46 -9.17 8.72
C ASN A 91 -7.48 -7.80 9.33
N ASN A 92 -6.42 -7.07 9.14
CA ASN A 92 -6.36 -5.72 9.67
C ASN A 92 -5.89 -4.76 8.60
N PRO A 93 -6.77 -4.40 7.67
CA PRO A 93 -6.41 -3.63 6.48
C PRO A 93 -5.87 -2.24 6.73
N LYS A 94 -6.07 -1.69 7.91
CA LYS A 94 -5.57 -0.36 8.17
C LYS A 94 -4.35 -0.39 9.08
N VAL A 95 -3.70 -1.54 9.15
CA VAL A 95 -2.59 -1.74 10.06
C VAL A 95 -1.34 -0.96 9.68
N LYS A 96 -0.65 -0.57 10.70
CA LYS A 96 0.65 0.00 10.67
C LYS A 96 1.31 -0.50 11.92
N PHE A 97 2.59 -0.75 11.89
CA PHE A 97 3.24 -1.32 13.03
C PHE A 97 3.41 -0.28 14.11
N SER A 98 2.61 -0.41 15.11
CA SER A 98 2.59 0.52 16.21
C SER A 98 3.26 -0.12 17.45
N MET A 6 -12.47 1.21 -11.12
CA MET A 6 -13.21 2.45 -10.95
C MET A 6 -12.28 3.59 -11.16
N ALA A 7 -12.79 4.78 -11.14
CA ALA A 7 -11.98 5.95 -11.26
C ALA A 7 -12.19 6.77 -10.03
N ARG A 8 -11.55 6.36 -8.99
CA ARG A 8 -11.62 7.04 -7.72
C ARG A 8 -10.24 7.53 -7.35
N ASP A 9 -10.18 8.31 -6.32
CA ASP A 9 -8.96 8.82 -5.79
C ASP A 9 -8.45 7.85 -4.72
N PHE A 10 -7.33 8.18 -4.13
CA PHE A 10 -6.74 7.31 -3.16
C PHE A 10 -6.82 7.93 -1.79
N LYS A 11 -7.77 7.47 -1.02
CA LYS A 11 -8.03 7.99 0.30
C LYS A 11 -7.28 7.17 1.32
N PRO A 12 -6.80 7.79 2.40
CA PRO A 12 -6.22 7.05 3.54
C PRO A 12 -7.21 5.99 4.02
N GLY A 13 -6.78 4.76 4.01
CA GLY A 13 -7.63 3.68 4.38
C GLY A 13 -7.99 2.83 3.19
N ASP A 14 -7.68 3.29 2.00
CA ASP A 14 -8.01 2.55 0.78
C ASP A 14 -6.98 1.45 0.58
N LEU A 15 -7.38 0.41 -0.07
CA LEU A 15 -6.55 -0.74 -0.26
C LEU A 15 -6.04 -0.78 -1.66
N ILE A 16 -4.75 -0.88 -1.78
CA ILE A 16 -4.12 -0.83 -3.06
C ILE A 16 -2.97 -1.83 -3.16
N PHE A 17 -2.27 -1.70 -4.24
CA PHE A 17 -1.07 -2.38 -4.53
C PHE A 17 -0.07 -1.32 -4.86
N ALA A 18 1.07 -1.45 -4.31
CA ALA A 18 2.09 -0.47 -4.48
C ALA A 18 3.23 -1.06 -5.26
N LYS A 19 3.81 -0.27 -6.11
CA LYS A 19 4.88 -0.71 -6.94
C LYS A 19 6.19 -0.02 -6.57
N MET A 20 7.16 -0.79 -6.14
CA MET A 20 8.50 -0.26 -5.91
C MET A 20 9.48 -0.77 -6.95
N LYS A 21 10.57 -0.05 -7.10
CA LYS A 21 11.62 -0.39 -8.05
C LYS A 21 12.33 -1.67 -7.57
N GLY A 22 12.24 -2.73 -8.36
CA GLY A 22 12.86 -4.00 -8.00
C GLY A 22 11.90 -4.89 -7.23
N TYR A 23 10.70 -4.38 -7.01
CA TYR A 23 9.69 -5.10 -6.29
C TYR A 23 8.44 -5.29 -7.15
N PRO A 24 7.70 -6.38 -6.90
CA PRO A 24 6.40 -6.63 -7.53
C PRO A 24 5.35 -5.73 -6.90
N HIS A 25 4.16 -5.72 -7.46
CA HIS A 25 3.07 -4.94 -6.88
C HIS A 25 2.69 -5.57 -5.55
N TRP A 26 2.98 -4.86 -4.51
CA TRP A 26 2.85 -5.33 -3.15
C TRP A 26 1.56 -4.81 -2.58
N PRO A 27 0.79 -5.63 -1.84
CA PRO A 27 -0.44 -5.18 -1.22
C PRO A 27 -0.15 -4.11 -0.18
N ALA A 28 -0.67 -2.93 -0.39
CA ALA A 28 -0.39 -1.83 0.45
C ALA A 28 -1.65 -1.07 0.78
N ARG A 29 -1.55 -0.22 1.73
CA ARG A 29 -2.63 0.60 2.16
C ARG A 29 -2.28 2.04 1.89
N VAL A 30 -3.23 2.83 1.47
CA VAL A 30 -3.00 4.26 1.40
C VAL A 30 -3.12 4.71 2.83
N ASP A 31 -2.10 5.28 3.36
CA ASP A 31 -2.11 5.54 4.77
C ASP A 31 -2.40 7.01 5.04
N GLU A 32 -2.42 7.40 6.29
CA GLU A 32 -2.70 8.74 6.69
C GLU A 32 -1.41 9.54 6.80
N VAL A 33 -1.57 10.82 6.93
CA VAL A 33 -0.47 11.71 7.15
C VAL A 33 -0.31 11.88 8.62
N PRO A 34 0.86 11.58 9.15
CA PRO A 34 1.11 11.72 10.56
C PRO A 34 1.18 13.18 10.99
N ASP A 35 0.77 13.44 12.20
CA ASP A 35 0.84 14.74 12.76
C ASP A 35 2.30 15.13 12.95
N GLY A 36 2.59 16.36 12.68
CA GLY A 36 3.93 16.82 12.75
C GLY A 36 4.44 17.03 11.34
N ALA A 37 3.96 16.20 10.43
CA ALA A 37 4.29 16.35 9.04
C ALA A 37 3.42 17.42 8.44
N VAL A 38 3.86 18.65 8.56
CA VAL A 38 3.13 19.82 8.09
C VAL A 38 3.50 20.18 6.65
N LYS A 39 4.29 19.35 6.06
CA LYS A 39 4.72 19.53 4.71
C LYS A 39 3.58 19.31 3.71
N PRO A 40 3.65 19.95 2.55
CA PRO A 40 2.70 19.69 1.47
C PRO A 40 2.93 18.28 0.88
N PRO A 41 2.00 17.77 0.05
CA PRO A 41 2.15 16.49 -0.60
C PRO A 41 3.44 16.41 -1.42
N THR A 42 4.06 15.26 -1.41
CA THR A 42 5.33 15.05 -2.09
C THR A 42 5.08 14.70 -3.58
N ASN A 43 3.80 14.84 -4.00
CA ASN A 43 3.28 14.41 -5.33
C ASN A 43 3.18 12.90 -5.34
N LYS A 44 3.31 12.36 -4.14
CA LYS A 44 3.25 10.97 -3.89
C LYS A 44 2.48 10.83 -2.60
N LEU A 45 1.85 9.72 -2.43
CA LEU A 45 0.99 9.46 -1.29
C LEU A 45 1.70 8.55 -0.31
N PRO A 46 1.34 8.60 0.99
CA PRO A 46 1.89 7.68 1.97
C PRO A 46 1.33 6.28 1.75
N ILE A 47 2.21 5.35 1.53
CA ILE A 47 1.84 4.01 1.22
C ILE A 47 2.37 3.11 2.30
N PHE A 48 1.50 2.49 2.98
CA PHE A 48 1.84 1.58 4.03
C PHE A 48 1.92 0.18 3.47
N PHE A 49 3.05 -0.45 3.63
CA PHE A 49 3.20 -1.83 3.16
C PHE A 49 2.80 -2.84 4.20
N PHE A 50 1.89 -3.71 3.81
CA PHE A 50 1.47 -4.79 4.67
C PHE A 50 2.55 -5.85 4.71
N GLY A 51 2.60 -6.58 5.80
CA GLY A 51 3.56 -7.65 5.98
C GLY A 51 4.93 -7.18 6.37
N THR A 52 5.23 -5.93 6.13
CA THR A 52 6.48 -5.38 6.56
C THR A 52 6.23 -4.26 7.56
N HIS A 53 5.02 -3.69 7.49
CA HIS A 53 4.55 -2.63 8.42
C HIS A 53 5.27 -1.31 8.18
N GLU A 54 5.94 -1.22 7.06
CA GLU A 54 6.67 -0.04 6.70
C GLU A 54 5.85 0.91 5.88
N THR A 55 6.34 2.11 5.72
CA THR A 55 5.63 3.10 4.95
C THR A 55 6.58 3.72 3.91
N ALA A 56 6.04 3.98 2.75
CA ALA A 56 6.76 4.51 1.62
C ALA A 56 5.93 5.57 0.93
N PHE A 57 6.47 6.13 -0.14
CA PHE A 57 5.77 7.16 -0.91
C PHE A 57 5.76 6.80 -2.36
N LEU A 58 4.58 6.58 -2.88
CA LEU A 58 4.37 6.27 -4.28
C LEU A 58 3.27 7.16 -4.80
N GLY A 59 3.31 7.47 -6.07
CA GLY A 59 2.34 8.36 -6.64
C GLY A 59 1.10 7.62 -7.04
N PRO A 60 0.06 8.32 -7.48
CA PRO A 60 -1.22 7.69 -7.84
C PRO A 60 -1.14 6.86 -9.13
N LYS A 61 -0.01 6.92 -9.78
CA LYS A 61 0.21 6.12 -10.99
C LYS A 61 0.99 4.89 -10.61
N ASP A 62 1.56 4.95 -9.43
CA ASP A 62 2.55 3.97 -9.00
C ASP A 62 1.86 2.96 -8.10
N ILE A 63 0.58 3.15 -7.95
CA ILE A 63 -0.27 2.32 -7.15
C ILE A 63 -1.52 1.96 -7.93
N PHE A 64 -2.09 0.83 -7.61
CA PHE A 64 -3.29 0.33 -8.25
C PHE A 64 -4.22 -0.18 -7.17
N PRO A 65 -5.53 0.04 -7.28
CA PRO A 65 -6.50 -0.38 -6.25
C PRO A 65 -6.61 -1.89 -6.11
N TYR A 66 -6.57 -2.36 -4.87
CA TYR A 66 -6.65 -3.77 -4.52
C TYR A 66 -7.94 -4.36 -5.02
N SER A 67 -8.97 -3.60 -4.86
CA SER A 67 -10.29 -4.01 -5.20
C SER A 67 -10.46 -4.38 -6.68
N GLU A 68 -9.87 -3.59 -7.55
CA GLU A 68 -9.97 -3.81 -8.98
C GLU A 68 -8.78 -4.56 -9.54
N ASN A 69 -7.82 -4.84 -8.71
CA ASN A 69 -6.60 -5.50 -9.21
C ASN A 69 -6.18 -6.69 -8.36
N LYS A 70 -7.06 -7.17 -7.53
CA LYS A 70 -6.79 -8.33 -6.63
C LYS A 70 -6.56 -9.61 -7.45
N GLU A 71 -7.20 -9.67 -8.59
CA GLU A 71 -7.09 -10.82 -9.48
C GLU A 71 -5.69 -10.84 -10.03
N LYS A 72 -5.20 -9.65 -10.25
CA LYS A 72 -3.98 -9.41 -10.95
C LYS A 72 -2.79 -9.51 -10.03
N TYR A 73 -2.77 -8.68 -9.02
CA TYR A 73 -1.60 -8.55 -8.19
C TYR A 73 -1.79 -9.21 -6.87
N GLY A 74 -2.99 -9.70 -6.63
CA GLY A 74 -3.28 -10.41 -5.40
C GLY A 74 -2.81 -11.84 -5.50
N LYS A 75 -1.56 -12.01 -5.80
CA LYS A 75 -0.94 -13.30 -5.99
C LYS A 75 0.16 -13.47 -4.94
N PRO A 76 0.56 -14.70 -4.65
CA PRO A 76 1.69 -14.94 -3.74
C PRO A 76 3.02 -14.61 -4.40
N ASN A 77 4.05 -14.55 -3.59
CA ASN A 77 5.37 -14.27 -4.10
C ASN A 77 6.40 -14.88 -3.19
N LYS A 78 7.65 -14.68 -3.49
CA LYS A 78 8.73 -15.19 -2.69
C LYS A 78 9.24 -14.13 -1.73
N ARG A 79 8.78 -12.90 -1.92
CA ARG A 79 9.16 -11.82 -1.04
C ARG A 79 8.55 -12.06 0.35
N LYS A 80 9.37 -12.09 1.36
CA LYS A 80 8.85 -12.22 2.69
C LYS A 80 8.26 -10.89 3.08
N GLY A 81 7.12 -10.92 3.69
CA GLY A 81 6.40 -9.73 4.01
C GLY A 81 5.30 -9.55 3.00
N PHE A 82 5.50 -10.09 1.82
CA PHE A 82 4.54 -10.03 0.76
C PHE A 82 3.45 -11.05 1.06
N ASN A 83 3.88 -12.24 1.42
CA ASN A 83 2.97 -13.35 1.78
C ASN A 83 2.15 -12.91 2.98
N GLU A 84 2.87 -12.44 3.96
CA GLU A 84 2.32 -11.95 5.20
C GLU A 84 1.38 -10.78 4.95
N GLY A 85 1.79 -9.89 4.06
CA GLY A 85 1.01 -8.73 3.75
C GLY A 85 -0.25 -9.02 2.99
N LEU A 86 -0.18 -10.01 2.12
CA LEU A 86 -1.33 -10.45 1.37
C LEU A 86 -2.37 -10.99 2.35
N TRP A 87 -1.90 -11.54 3.45
CA TRP A 87 -2.78 -11.99 4.49
C TRP A 87 -3.30 -10.80 5.31
N GLU A 88 -2.39 -9.89 5.68
CA GLU A 88 -2.75 -8.73 6.49
C GLU A 88 -3.77 -7.85 5.82
N ILE A 89 -3.64 -7.61 4.54
CA ILE A 89 -4.55 -6.69 3.86
C ILE A 89 -6.01 -7.18 3.88
N ASP A 90 -6.17 -8.48 3.83
CA ASP A 90 -7.49 -9.12 3.83
C ASP A 90 -8.06 -9.24 5.24
N ASN A 91 -7.19 -9.46 6.20
CA ASN A 91 -7.62 -9.74 7.58
C ASN A 91 -7.55 -8.54 8.49
N ASN A 92 -6.45 -7.84 8.43
CA ASN A 92 -6.25 -6.68 9.29
C ASN A 92 -5.71 -5.48 8.48
N PRO A 93 -6.57 -4.84 7.65
CA PRO A 93 -6.16 -3.73 6.78
C PRO A 93 -5.92 -2.42 7.55
N LYS A 94 -6.20 -2.45 8.83
CA LYS A 94 -6.06 -1.29 9.69
C LYS A 94 -4.77 -1.36 10.50
N VAL A 95 -3.88 -2.28 10.14
CA VAL A 95 -2.63 -2.43 10.85
C VAL A 95 -1.69 -1.24 10.53
N LYS A 96 -0.78 -0.96 11.45
CA LYS A 96 0.12 0.17 11.33
C LYS A 96 1.58 -0.24 11.48
N PHE A 97 2.45 0.77 11.54
CA PHE A 97 3.93 0.67 11.58
C PHE A 97 4.50 -0.39 12.56
N SER A 98 5.75 -0.79 12.26
CA SER A 98 6.54 -1.82 12.95
C SER A 98 6.84 -1.55 14.46
#